data_3IHP
#
_entry.id   3IHP
#
_cell.length_a   68.295
_cell.length_b   188.845
_cell.length_c   207.860
_cell.angle_alpha   90.00
_cell.angle_beta   90.00
_cell.angle_gamma   90.00
#
_symmetry.space_group_name_H-M   'P 21 21 21'
#
loop_
_entity.id
_entity.type
_entity.pdbx_description
1 polymer 'Ubiquitin carboxyl-terminal hydrolase 5'
2 polymer Ubiquitin
3 non-polymer 'ZINC ION'
4 non-polymer ETHANAMINE
5 non-polymer 'CHLORIDE ION'
6 water water
#
loop_
_entity_poly.entity_id
_entity_poly.type
_entity_poly.pdbx_seq_one_letter_code
_entity_poly.pdbx_strand_id
1 'polypeptide(L)'
;MGSSHHHHHHSSGLVPRGSMAELSEEALLSVLPTIRVPKAGDRVHKDECAFSFDTPESEGGLYICMNTFLGFGKQYVERH
FNKTGQRVYLHLRRTRRPKEEDPATGTGDPPRKKPTRLAIGVEGGFDLSEEKFELDEDVKIVILPDYLEIARDGLGGLPD
IVRDRVTSAVEALLSADSASRKQEVQAWDGEVRQVSKHAFSLKQLDNPARIPPCGWKCSKCDMRENLWLNLTDGSILCGR
RYFDGSGGNNHAVEHYRETGYPLAVKLGTITPDGADVYSYDEDDMVLDPSLAEHLSHFGIDMLKMQKTDKTMTELEIDMN
QRIGEWELIQESGVPLKPLFGPGYTGIRNLGNSCYLNSVVQVLFSIPDFQRKYVDKLEKIFQNAPTDPTQDFSTQVAKLG
HGLLSGEYSKPVPESGDGERVPEQKEVQDGIAPRMFKALIGKGHPEFSTNRQQDAQEFFLHLINMVERNCRSSENPNEVF
RFLVEEKIKCLATEKVKYTQRVDYIMQLPVPMDAALNKEELLEYEEKKRQAEEEKMALPELVRAQVPFSSCLEAYGAPEQ
VDDFWSTALQAKSVAVKTTRFASFPDYLVIQIKKFTFGLDWVPKKLDVSIEMPEELDISQLRGTGLQPGEEELPDIAPPL
VTPDEPKAPMLDESVIIQLVEMGFPMDACRKAVYYTGNSGAEAAMNWVMSHMDDPDFANPLILPGSSGPGSTSAAADPPP
EDCVTTIVSMGFSRDQALKALRATNNSLERAVDWIFSHIDDLDAEAAMDISEGRSAADSISESVPVGPKVRDGPGKYQLF
AFISHMGTSTMCGHYVCHIKKEGRWVIYNDQKVCASEKPPKDLGYIYFYQRVAS
;
A,B
2 'polypeptide(L)' MQIFVKTLTGKTITLEVEPSDTIENVKAKIQDKEGIPPDQQRLIFAGKQLEDGRTLSDYNIQKESTLHLVLRLRG C,D
#
# COMPACT_ATOMS: atom_id res chain seq x y z
N MET A 20 55.74 56.20 -1.63
CA MET A 20 56.72 55.14 -1.29
C MET A 20 56.15 53.73 -1.60
N ALA A 21 56.40 53.26 -2.83
CA ALA A 21 55.74 52.06 -3.38
C ALA A 21 56.17 50.71 -2.80
N GLU A 22 55.27 49.73 -2.93
CA GLU A 22 55.46 48.38 -2.41
C GLU A 22 56.62 47.68 -3.13
N LEU A 23 57.60 47.22 -2.36
CA LEU A 23 58.75 46.51 -2.90
C LEU A 23 58.38 45.09 -3.32
N SER A 24 59.16 44.52 -4.25
CA SER A 24 58.98 43.13 -4.66
C SER A 24 59.13 42.17 -3.50
N GLU A 25 60.15 42.36 -2.69
CA GLU A 25 60.39 41.49 -1.56
C GLU A 25 59.17 41.50 -0.63
N GLU A 26 58.73 42.69 -0.22
CA GLU A 26 57.55 42.82 0.64
C GLU A 26 56.36 42.00 0.13
N ALA A 27 56.01 42.17 -1.13
CA ALA A 27 54.89 41.49 -1.73
C ALA A 27 55.12 39.98 -1.76
N LEU A 28 56.36 39.59 -2.04
CA LEU A 28 56.71 38.17 -2.15
C LEU A 28 56.57 37.46 -0.83
N LEU A 29 57.25 37.99 0.20
CA LEU A 29 57.12 37.50 1.56
C LEU A 29 55.66 37.41 2.01
N SER A 30 54.84 38.37 1.61
CA SER A 30 53.47 38.44 2.08
C SER A 30 52.53 37.37 1.49
N VAL A 31 52.86 36.81 0.32
CA VAL A 31 52.01 35.76 -0.23
C VAL A 31 52.75 34.46 -0.47
N LEU A 32 53.88 34.34 0.21
CA LEU A 32 54.68 33.13 0.24
C LEU A 32 53.85 31.87 0.50
N PRO A 33 52.96 31.87 1.52
CA PRO A 33 52.20 30.65 1.81
C PRO A 33 51.38 30.15 0.64
N THR A 34 51.04 31.04 -0.28
CA THR A 34 50.25 30.64 -1.44
C THR A 34 51.12 30.04 -2.53
N ILE A 35 52.42 29.90 -2.26
CA ILE A 35 53.31 29.20 -3.19
C ILE A 35 53.45 27.71 -2.80
N ARG A 36 52.76 26.88 -3.56
CA ARG A 36 52.72 25.45 -3.39
C ARG A 36 53.75 24.90 -4.35
N VAL A 37 54.43 23.82 -3.99
CA VAL A 37 55.35 23.16 -4.90
C VAL A 37 54.73 21.85 -5.41
N PRO A 38 54.60 21.73 -6.75
CA PRO A 38 53.97 20.57 -7.42
C PRO A 38 54.61 19.24 -7.09
N LYS A 39 53.85 18.16 -7.31
CA LYS A 39 54.30 16.80 -7.06
C LYS A 39 54.04 15.93 -8.30
N ALA A 40 54.50 14.67 -8.25
CA ALA A 40 54.36 13.76 -9.38
C ALA A 40 52.91 13.63 -9.84
N GLY A 41 52.00 13.42 -8.89
CA GLY A 41 50.58 13.31 -9.21
C GLY A 41 49.83 14.63 -9.36
N ASP A 42 50.48 15.62 -9.99
CA ASP A 42 49.86 16.95 -10.14
C ASP A 42 49.80 17.48 -11.58
N ARG A 43 48.60 17.85 -12.00
CA ARG A 43 48.40 18.52 -13.28
C ARG A 43 48.86 19.97 -13.14
N VAL A 44 49.86 20.36 -13.93
CA VAL A 44 50.24 21.76 -14.03
C VAL A 44 49.93 22.28 -15.43
N HIS A 45 48.89 23.11 -15.52
CA HIS A 45 48.39 23.61 -16.79
C HIS A 45 49.30 24.68 -17.35
N LYS A 46 50.27 24.22 -18.13
CA LYS A 46 51.44 25.00 -18.49
C LYS A 46 51.40 25.33 -19.99
N ASP A 47 50.54 24.63 -20.72
CA ASP A 47 50.55 24.64 -22.18
C ASP A 47 49.44 25.46 -22.82
N GLU A 48 48.31 25.60 -22.12
CA GLU A 48 47.15 26.33 -22.62
C GLU A 48 46.33 27.00 -21.50
N CYS A 49 45.78 28.17 -21.81
CA CYS A 49 44.94 28.95 -20.90
C CYS A 49 43.60 28.24 -20.59
N ALA A 50 43.07 28.46 -19.39
CA ALA A 50 41.78 27.86 -19.04
C ALA A 50 40.63 28.47 -19.81
N PHE A 51 40.62 29.79 -19.96
CA PHE A 51 39.49 30.51 -20.56
C PHE A 51 39.59 30.71 -22.09
N SER A 52 40.82 30.69 -22.60
CA SER A 52 41.05 30.91 -24.00
C SER A 52 41.99 29.86 -24.57
N PHE A 53 42.40 30.06 -25.81
CA PHE A 53 43.37 29.20 -26.47
C PHE A 53 44.78 29.77 -26.38
N ASP A 54 44.97 30.72 -25.47
CA ASP A 54 46.28 31.30 -25.25
C ASP A 54 47.27 30.25 -24.77
N THR A 55 48.53 30.50 -25.11
CA THR A 55 49.60 29.54 -24.97
C THR A 55 50.82 30.38 -24.64
N PRO A 56 51.84 29.77 -24.01
CA PRO A 56 53.12 30.48 -23.84
C PRO A 56 53.58 31.20 -25.11
N GLU A 57 53.24 30.63 -26.27
CA GLU A 57 53.60 31.22 -27.56
C GLU A 57 52.77 32.43 -27.96
N SER A 58 51.67 32.68 -27.27
CA SER A 58 50.87 33.87 -27.55
C SER A 58 51.67 35.07 -27.07
N GLU A 59 51.59 36.18 -27.80
CA GLU A 59 52.07 37.46 -27.27
C GLU A 59 51.35 37.66 -25.93
N GLY A 60 52.07 38.12 -24.91
CA GLY A 60 51.46 38.20 -23.58
C GLY A 60 51.68 36.97 -22.70
N GLY A 61 52.00 35.84 -23.33
CA GLY A 61 52.47 34.65 -22.61
C GLY A 61 51.38 33.87 -21.90
N LEU A 62 51.79 33.16 -20.85
CA LEU A 62 50.84 32.45 -20.00
C LEU A 62 51.21 32.61 -18.54
N TYR A 63 50.21 32.91 -17.71
CA TYR A 63 50.42 33.08 -16.26
C TYR A 63 49.98 31.82 -15.55
N ILE A 64 50.91 31.17 -14.85
CA ILE A 64 50.61 29.98 -14.07
C ILE A 64 50.46 30.34 -12.61
N CYS A 65 49.24 30.22 -12.11
CA CYS A 65 49.00 30.41 -10.68
C CYS A 65 49.85 29.42 -9.91
N MET A 66 50.62 29.93 -8.97
CA MET A 66 51.58 29.13 -8.24
C MET A 66 50.96 28.50 -7.00
N ASN A 67 49.64 28.61 -6.89
CA ASN A 67 48.90 27.89 -5.88
C ASN A 67 48.17 26.64 -6.39
N THR A 68 47.49 26.77 -7.54
CA THR A 68 46.67 25.67 -8.08
C THR A 68 47.29 25.02 -9.31
N PHE A 69 48.32 25.67 -9.83
CA PHE A 69 49.00 25.28 -11.08
C PHE A 69 48.16 25.45 -12.36
N LEU A 70 47.12 26.30 -12.30
CA LEU A 70 46.29 26.61 -13.47
C LEU A 70 46.93 27.69 -14.33
N GLY A 71 46.70 27.62 -15.64
CA GLY A 71 47.26 28.61 -16.57
C GLY A 71 46.21 29.63 -17.04
N PHE A 72 46.67 30.88 -17.27
CA PHE A 72 45.81 31.98 -17.73
C PHE A 72 46.54 32.95 -18.68
N GLY A 73 45.98 33.22 -19.86
CA GLY A 73 46.55 34.23 -20.76
C GLY A 73 46.46 35.65 -20.18
N LYS A 74 47.13 36.62 -20.82
CA LYS A 74 47.23 37.98 -20.27
C LYS A 74 45.87 38.65 -20.02
N GLN A 75 44.88 38.36 -20.86
CA GLN A 75 43.59 39.00 -20.68
C GLN A 75 42.75 38.36 -19.59
N TYR A 76 43.23 37.25 -19.03
CA TYR A 76 42.39 36.42 -18.17
C TYR A 76 42.89 36.23 -16.73
N VAL A 77 44.19 36.43 -16.51
CA VAL A 77 44.79 36.28 -15.17
C VAL A 77 44.06 37.10 -14.14
N GLU A 78 43.60 38.27 -14.57
CA GLU A 78 42.98 39.22 -13.67
C GLU A 78 41.72 38.61 -13.06
N ARG A 79 41.09 37.72 -13.82
CA ARG A 79 39.90 36.96 -13.39
C ARG A 79 40.22 36.02 -12.21
N HIS A 80 41.36 35.34 -12.29
CA HIS A 80 41.79 34.45 -11.22
C HIS A 80 42.15 35.27 -9.99
N PHE A 81 42.89 36.36 -10.21
CA PHE A 81 43.24 37.27 -9.13
C PHE A 81 42.00 37.67 -8.33
N ASN A 82 41.04 38.30 -9.00
CA ASN A 82 39.81 38.82 -8.38
C ASN A 82 38.96 37.74 -7.72
N LYS A 83 38.85 36.59 -8.38
CA LYS A 83 38.04 35.49 -7.87
C LYS A 83 38.67 34.77 -6.69
N THR A 84 39.98 34.74 -6.65
CA THR A 84 40.70 33.79 -5.79
C THR A 84 41.61 34.41 -4.73
N GLY A 85 42.08 35.62 -5.00
CA GLY A 85 43.04 36.29 -4.12
C GLY A 85 44.49 36.04 -4.52
N GLN A 86 44.73 35.07 -5.38
CA GLN A 86 46.08 34.69 -5.74
C GLN A 86 46.81 35.83 -6.41
N ARG A 87 47.92 36.25 -5.81
CA ARG A 87 48.72 37.34 -6.34
C ARG A 87 49.93 36.91 -7.13
N VAL A 88 50.51 35.75 -6.82
CA VAL A 88 51.80 35.33 -7.38
C VAL A 88 51.71 34.31 -8.51
N TYR A 89 52.22 34.68 -9.68
CA TYR A 89 52.13 33.83 -10.87
C TYR A 89 53.49 33.64 -11.48
N LEU A 90 53.74 32.44 -12.01
CA LEU A 90 54.91 32.18 -12.85
C LEU A 90 54.51 32.44 -14.30
N HIS A 91 55.15 33.41 -14.92
CA HIS A 91 54.80 33.82 -16.26
C HIS A 91 55.75 33.24 -17.27
N LEU A 92 55.18 32.51 -18.23
CA LEU A 92 55.92 31.87 -19.29
C LEU A 92 55.69 32.54 -20.64
N ARG A 93 56.75 32.66 -21.44
CA ARG A 93 56.62 33.16 -22.79
C ARG A 93 57.62 32.40 -23.65
N ARG A 94 57.11 31.68 -24.65
CA ARG A 94 57.94 30.94 -25.60
C ARG A 94 57.98 31.66 -26.94
N THR A 95 59.16 31.69 -27.55
CA THR A 95 59.34 32.26 -28.88
C THR A 95 60.65 31.80 -29.53
N ASP A 136 62.39 28.32 -27.23
CA ASP A 136 63.20 29.35 -26.57
C ASP A 136 62.35 30.17 -25.56
N GLU A 137 62.38 29.75 -24.30
CA GLU A 137 61.40 30.23 -23.32
C GLU A 137 61.94 31.14 -22.23
N ASP A 138 61.19 32.20 -21.94
CA ASP A 138 61.58 33.28 -21.04
C ASP A 138 60.62 33.35 -19.84
N VAL A 139 61.13 33.04 -18.64
CA VAL A 139 60.26 32.86 -17.46
C VAL A 139 60.52 33.88 -16.35
N LYS A 140 59.44 34.30 -15.68
CA LYS A 140 59.54 35.31 -14.63
C LYS A 140 58.36 35.23 -13.69
N ILE A 141 58.59 35.66 -12.45
CA ILE A 141 57.55 35.67 -11.44
C ILE A 141 56.88 37.03 -11.50
N VAL A 142 55.54 37.05 -11.44
CA VAL A 142 54.81 38.30 -11.51
C VAL A 142 53.80 38.36 -10.37
N ILE A 143 53.78 39.45 -9.61
CA ILE A 143 52.79 39.60 -8.55
C ILE A 143 51.73 40.61 -8.94
N LEU A 144 50.47 40.23 -8.74
CA LEU A 144 49.35 41.14 -8.97
C LEU A 144 48.94 41.88 -7.68
N PRO A 145 48.30 43.06 -7.84
CA PRO A 145 47.78 43.65 -9.08
C PRO A 145 48.73 44.57 -9.85
N ASP A 146 49.89 44.90 -9.28
CA ASP A 146 50.73 45.93 -9.91
C ASP A 146 51.76 45.39 -10.91
N TYR A 147 51.73 44.08 -11.14
CA TYR A 147 52.62 43.37 -12.08
C TYR A 147 54.13 43.58 -11.84
N LEU A 148 54.55 43.40 -10.59
CA LEU A 148 55.95 43.45 -10.23
C LEU A 148 56.60 42.20 -10.75
N GLU A 149 57.77 42.33 -11.38
CA GLU A 149 58.48 41.17 -11.88
C GLU A 149 59.73 40.84 -11.07
N ILE A 150 59.88 39.57 -10.73
CA ILE A 150 61.07 39.05 -10.08
C ILE A 150 61.62 37.90 -10.91
N ALA A 151 62.87 38.02 -11.37
CA ALA A 151 63.48 36.94 -12.15
C ALA A 151 63.86 35.76 -11.27
N ARG A 152 64.12 34.62 -11.89
CA ARG A 152 64.56 33.42 -11.18
C ARG A 152 65.80 33.65 -10.32
N ASP A 153 66.68 34.54 -10.80
CA ASP A 153 67.84 34.92 -10.02
C ASP A 153 67.74 36.32 -9.38
N GLY A 154 66.53 36.74 -9.06
CA GLY A 154 66.32 37.99 -8.35
C GLY A 154 66.06 37.80 -6.87
N LEU A 155 66.40 36.62 -6.34
CA LEU A 155 66.01 36.27 -4.98
C LEU A 155 67.06 36.64 -3.92
N GLY A 156 68.10 37.33 -4.34
CA GLY A 156 69.19 37.72 -3.45
C GLY A 156 68.74 38.47 -2.20
N GLY A 157 69.42 38.23 -1.08
CA GLY A 157 69.16 38.97 0.14
C GLY A 157 67.93 38.51 0.91
N LEU A 158 67.03 37.79 0.25
CA LEU A 158 65.89 37.21 0.95
C LEU A 158 66.39 36.04 1.80
N PRO A 159 65.67 35.70 2.88
CA PRO A 159 66.12 34.56 3.69
C PRO A 159 66.28 33.31 2.84
N ASP A 160 67.14 32.38 3.27
CA ASP A 160 67.40 31.17 2.48
C ASP A 160 66.16 30.33 2.28
N ILE A 161 65.35 30.21 3.34
CA ILE A 161 64.22 29.30 3.28
C ILE A 161 63.19 29.75 2.24
N VAL A 162 63.12 31.06 2.00
CA VAL A 162 62.25 31.57 0.93
C VAL A 162 62.86 31.41 -0.47
N ARG A 163 64.16 31.68 -0.59
CA ARG A 163 64.87 31.39 -1.84
C ARG A 163 64.69 29.93 -2.22
N ASP A 164 64.80 29.05 -1.23
CA ASP A 164 64.68 27.61 -1.47
C ASP A 164 63.27 27.17 -1.83
N ARG A 165 62.26 27.77 -1.20
CA ARG A 165 60.86 27.53 -1.55
C ARG A 165 60.53 28.03 -2.94
N VAL A 166 60.97 29.24 -3.27
CA VAL A 166 60.63 29.84 -4.54
C VAL A 166 61.26 29.11 -5.71
N THR A 167 62.52 28.74 -5.62
CA THR A 167 63.13 28.09 -6.79
C THR A 167 62.69 26.63 -6.91
N SER A 168 62.56 25.97 -5.76
CA SER A 168 62.01 24.62 -5.72
C SER A 168 60.67 24.56 -6.47
N ALA A 169 59.79 25.50 -6.15
CA ALA A 169 58.50 25.63 -6.82
C ALA A 169 58.62 25.87 -8.32
N VAL A 170 59.46 26.83 -8.72
CA VAL A 170 59.63 27.15 -10.14
C VAL A 170 60.15 25.94 -10.95
N GLU A 171 61.19 25.29 -10.44
CA GLU A 171 61.79 24.14 -11.13
C GLU A 171 60.75 23.04 -11.27
N ALA A 172 60.03 22.78 -10.18
CA ALA A 172 58.97 21.79 -10.20
C ALA A 172 57.89 22.12 -11.21
N LEU A 173 57.63 23.40 -11.47
CA LEU A 173 56.59 23.76 -12.42
C LEU A 173 57.06 23.51 -13.84
N LEU A 174 58.35 23.75 -14.12
CA LEU A 174 58.89 23.52 -15.47
C LEU A 174 59.21 22.04 -15.78
N SER A 175 58.45 21.11 -15.21
CA SER A 175 58.55 19.66 -15.58
C SER A 175 57.18 19.00 -15.88
N VAL A 192 68.13 10.52 -37.68
CA VAL A 192 68.67 10.28 -39.02
C VAL A 192 68.70 8.78 -39.38
N ARG A 193 67.74 8.39 -40.23
CA ARG A 193 67.53 6.99 -40.60
C ARG A 193 68.14 6.64 -41.96
N GLN A 194 68.81 5.49 -42.01
CA GLN A 194 69.34 4.93 -43.25
C GLN A 194 68.36 3.89 -43.82
N VAL A 195 68.57 3.50 -45.08
CA VAL A 195 67.73 2.46 -45.71
C VAL A 195 68.01 1.05 -45.15
N SER A 196 66.95 0.29 -44.90
CA SER A 196 67.10 -1.08 -44.41
C SER A 196 67.88 -1.97 -45.37
N LYS A 197 68.74 -2.82 -44.80
CA LYS A 197 69.45 -3.86 -45.56
C LYS A 197 68.45 -4.81 -46.23
N HIS A 198 67.19 -4.78 -45.78
CA HIS A 198 66.15 -5.71 -46.22
C HIS A 198 65.07 -5.13 -47.12
N ALA A 199 65.15 -3.84 -47.42
CA ALA A 199 64.12 -3.17 -48.23
C ALA A 199 63.98 -3.74 -49.66
N PHE A 200 65.08 -4.26 -50.20
CA PHE A 200 65.09 -4.74 -51.58
C PHE A 200 65.07 -6.27 -51.68
N SER A 201 65.43 -6.92 -50.58
CA SER A 201 65.55 -8.36 -50.48
C SER A 201 64.26 -8.98 -49.96
N LEU A 202 63.28 -8.14 -49.62
CA LEU A 202 62.17 -8.55 -48.76
C LEU A 202 61.16 -9.48 -49.44
N LYS A 203 61.09 -10.70 -48.95
CA LYS A 203 60.08 -11.65 -49.45
C LYS A 203 58.74 -11.33 -48.79
N GLN A 204 57.74 -10.95 -49.58
CA GLN A 204 56.37 -10.76 -49.06
C GLN A 204 55.50 -11.97 -49.41
N LEU A 205 54.90 -12.59 -48.40
CA LEU A 205 54.09 -13.80 -48.61
C LEU A 205 52.85 -13.63 -49.50
N ASP A 206 52.49 -14.70 -50.20
CA ASP A 206 51.31 -14.74 -51.06
C ASP A 206 49.99 -14.69 -50.29
N ASN A 207 48.92 -14.35 -51.02
CA ASN A 207 47.56 -14.36 -50.48
C ASN A 207 47.48 -13.60 -49.15
N PRO A 208 47.86 -12.32 -49.16
CA PRO A 208 47.81 -11.51 -47.94
C PRO A 208 46.40 -11.02 -47.61
N ALA A 209 46.21 -10.60 -46.36
CA ALA A 209 44.94 -10.07 -45.89
C ALA A 209 44.74 -8.63 -46.36
N ARG A 210 43.48 -8.18 -46.34
CA ARG A 210 43.13 -6.84 -46.75
C ARG A 210 43.03 -5.91 -45.52
N ILE A 211 44.15 -5.26 -45.21
CA ILE A 211 44.27 -4.46 -43.99
C ILE A 211 43.49 -3.13 -44.09
N PRO A 212 42.58 -2.89 -43.13
CA PRO A 212 41.72 -1.70 -43.12
C PRO A 212 42.48 -0.42 -42.73
N PRO A 213 41.84 0.76 -42.95
CA PRO A 213 42.46 2.06 -42.66
C PRO A 213 42.42 2.51 -41.19
N CYS A 214 41.73 1.76 -40.33
CA CYS A 214 41.64 2.10 -38.89
C CYS A 214 41.20 0.92 -38.03
N GLY A 215 41.39 1.08 -36.72
CA GLY A 215 40.71 0.24 -35.72
C GLY A 215 41.33 -1.13 -35.49
N TRP A 216 42.65 -1.17 -35.68
CA TRP A 216 43.39 -2.41 -35.57
C TRP A 216 43.52 -2.84 -34.09
N LYS A 217 43.74 -4.15 -33.89
CA LYS A 217 44.03 -4.72 -32.59
C LYS A 217 45.15 -5.73 -32.77
N CYS A 218 46.00 -5.88 -31.76
CA CYS A 218 46.98 -6.95 -31.73
C CYS A 218 46.28 -8.30 -31.91
N SER A 219 46.70 -9.03 -32.94
CA SER A 219 46.16 -10.35 -33.25
C SER A 219 46.19 -11.30 -32.06
N LYS A 220 47.04 -11.01 -31.07
CA LYS A 220 47.23 -11.89 -29.92
C LYS A 220 46.56 -11.40 -28.63
N CYS A 221 46.89 -10.21 -28.17
CA CYS A 221 46.16 -9.67 -27.01
C CYS A 221 45.00 -8.73 -27.41
N ASP A 222 44.86 -7.60 -26.71
CA ASP A 222 43.70 -6.73 -26.91
C ASP A 222 44.10 -5.32 -27.35
N MET A 223 45.32 -4.93 -27.02
CA MET A 223 45.89 -3.61 -27.34
C MET A 223 45.41 -2.96 -28.65
N ARG A 224 45.11 -1.67 -28.60
CA ARG A 224 44.53 -0.98 -29.76
C ARG A 224 45.40 0.15 -30.29
N GLU A 225 46.38 0.55 -29.48
CA GLU A 225 47.45 1.44 -29.92
C GLU A 225 48.78 0.67 -29.94
N ASN A 226 49.79 1.25 -30.57
CA ASN A 226 51.15 0.69 -30.58
C ASN A 226 51.27 -0.64 -31.34
N LEU A 227 50.69 -0.71 -32.53
CA LEU A 227 50.65 -1.97 -33.26
C LEU A 227 51.48 -1.94 -34.53
N TRP A 228 52.28 -2.99 -34.71
CA TRP A 228 53.13 -3.08 -35.88
C TRP A 228 52.57 -4.05 -36.91
N LEU A 229 52.59 -3.59 -38.17
CA LEU A 229 52.25 -4.41 -39.31
C LEU A 229 53.54 -4.94 -39.87
N ASN A 230 53.70 -6.26 -39.84
CA ASN A 230 54.91 -6.90 -40.38
C ASN A 230 54.77 -7.01 -41.89
N LEU A 231 55.73 -6.42 -42.61
CA LEU A 231 55.65 -6.34 -44.06
C LEU A 231 55.81 -7.67 -44.79
N THR A 232 56.10 -8.74 -44.07
CA THR A 232 56.25 -10.02 -44.73
C THR A 232 54.92 -10.76 -44.80
N ASP A 233 54.15 -10.69 -43.73
CA ASP A 233 52.97 -11.57 -43.61
C ASP A 233 51.66 -10.88 -43.17
N GLY A 234 51.69 -9.56 -43.05
CA GLY A 234 50.48 -8.80 -42.71
C GLY A 234 50.02 -8.90 -41.27
N SER A 235 50.82 -9.52 -40.41
CA SER A 235 50.46 -9.69 -39.02
C SER A 235 50.43 -8.34 -38.33
N ILE A 236 49.45 -8.15 -37.46
CA ILE A 236 49.33 -6.93 -36.68
C ILE A 236 49.51 -7.27 -35.20
N LEU A 237 50.61 -6.81 -34.61
CA LEU A 237 50.93 -7.18 -33.23
C LEU A 237 51.53 -6.02 -32.44
N CYS A 238 51.33 -6.04 -31.12
CA CYS A 238 51.67 -4.91 -30.26
C CYS A 238 53.18 -4.74 -30.06
N GLY A 239 53.60 -3.54 -29.69
CA GLY A 239 55.01 -3.22 -29.46
C GLY A 239 55.62 -3.82 -28.20
N ARG A 240 56.80 -3.32 -27.85
CA ARG A 240 57.58 -3.89 -26.74
C ARG A 240 57.28 -3.16 -25.43
N ARG A 241 57.33 -3.91 -24.32
CA ARG A 241 57.29 -3.33 -22.98
C ARG A 241 58.71 -3.16 -22.43
N TYR A 242 58.85 -2.39 -21.35
CA TYR A 242 60.13 -2.26 -20.64
C TYR A 242 59.94 -2.54 -19.14
N ASP A 244 60.20 -0.02 -17.51
CA ASP A 244 59.44 1.23 -17.47
C ASP A 244 57.94 1.00 -17.23
N GLY A 245 57.35 0.03 -17.91
CA GLY A 245 55.94 -0.30 -17.73
C GLY A 245 55.02 0.03 -18.88
N SER A 246 55.39 1.03 -19.69
CA SER A 246 54.60 1.41 -20.87
C SER A 246 55.02 0.61 -22.10
N GLY A 247 54.11 0.48 -23.07
CA GLY A 247 54.36 -0.26 -24.30
C GLY A 247 53.34 -1.35 -24.57
N GLY A 248 53.75 -2.37 -25.32
CA GLY A 248 52.87 -3.48 -25.66
C GLY A 248 53.14 -4.74 -24.86
N ASN A 249 52.54 -5.84 -25.26
CA ASN A 249 52.78 -7.13 -24.63
C ASN A 249 53.83 -7.96 -25.41
N ASN A 250 54.73 -7.27 -26.12
CA ASN A 250 55.84 -7.91 -26.85
C ASN A 250 55.45 -8.92 -27.92
N HIS A 251 54.23 -8.83 -28.43
CA HIS A 251 53.78 -9.83 -29.38
C HIS A 251 54.51 -9.73 -30.73
N ALA A 252 54.78 -8.50 -31.16
CA ALA A 252 55.39 -8.25 -32.46
C ALA A 252 56.81 -8.79 -32.55
N VAL A 253 57.64 -8.45 -31.57
CA VAL A 253 59.03 -8.91 -31.54
C VAL A 253 59.15 -10.44 -31.37
N GLU A 254 58.31 -11.03 -30.53
CA GLU A 254 58.29 -12.48 -30.44
C GLU A 254 57.87 -13.14 -31.76
N HIS A 255 57.06 -12.45 -32.53
CA HIS A 255 56.71 -12.93 -33.86
C HIS A 255 57.92 -12.84 -34.80
N TYR A 256 58.69 -11.76 -34.70
CA TYR A 256 59.91 -11.66 -35.47
C TYR A 256 60.90 -12.76 -35.06
N ARG A 257 61.01 -12.96 -33.76
CA ARG A 257 61.87 -13.95 -33.17
C ARG A 257 61.57 -15.34 -33.77
N GLU A 258 60.28 -15.71 -33.81
CA GLU A 258 59.85 -16.99 -34.37
C GLU A 258 59.99 -17.13 -35.90
N THR A 259 60.00 -16.03 -36.65
CA THR A 259 59.90 -16.10 -38.11
C THR A 259 61.14 -15.58 -38.83
N GLY A 260 61.72 -14.51 -38.30
CA GLY A 260 62.84 -13.87 -38.97
C GLY A 260 62.39 -12.76 -39.91
N TYR A 261 61.09 -12.46 -39.94
CA TYR A 261 60.55 -11.44 -40.83
C TYR A 261 60.92 -10.04 -40.31
N PRO A 262 61.89 -9.38 -40.96
CA PRO A 262 62.59 -8.22 -40.42
C PRO A 262 61.83 -6.90 -40.30
N LEU A 263 60.91 -6.61 -41.22
CA LEU A 263 60.36 -5.25 -41.23
C LEU A 263 58.90 -5.11 -40.76
N ALA A 264 58.64 -4.06 -40.00
CA ALA A 264 57.28 -3.75 -39.62
C ALA A 264 57.03 -2.26 -39.67
N VAL A 265 55.79 -1.89 -39.94
CA VAL A 265 55.40 -0.49 -40.00
C VAL A 265 54.43 -0.18 -38.84
N LYS A 266 54.54 1.02 -38.25
CA LYS A 266 53.71 1.38 -37.09
C LYS A 266 52.34 1.90 -37.53
N LEU A 267 51.34 1.04 -37.39
CA LEU A 267 50.02 1.39 -37.90
C LEU A 267 49.55 2.71 -37.31
N GLY A 268 49.06 3.60 -38.18
CA GLY A 268 48.66 4.94 -37.78
C GLY A 268 49.70 6.01 -38.06
N THR A 269 50.90 5.62 -38.49
CA THR A 269 51.92 6.57 -38.90
C THR A 269 51.92 6.68 -40.42
N ILE A 270 51.08 5.88 -41.05
CA ILE A 270 51.00 5.79 -42.51
C ILE A 270 50.31 7.02 -43.13
N THR A 271 51.13 8.01 -43.49
CA THR A 271 50.68 9.17 -44.27
C THR A 271 51.13 9.02 -45.72
N PRO A 272 50.60 9.85 -46.63
CA PRO A 272 51.11 9.92 -47.99
C PRO A 272 52.63 10.04 -48.10
N ASP A 273 53.29 10.57 -47.08
CA ASP A 273 54.70 10.99 -47.15
C ASP A 273 55.72 9.96 -46.62
N GLY A 274 55.21 8.91 -45.98
CA GLY A 274 56.05 7.87 -45.38
C GLY A 274 55.35 7.24 -44.20
N ALA A 275 56.11 6.46 -43.43
CA ALA A 275 55.62 5.93 -42.17
C ALA A 275 56.80 5.68 -41.25
N ASP A 276 56.51 5.22 -40.04
CA ASP A 276 57.56 4.74 -39.17
C ASP A 276 57.79 3.27 -39.51
N VAL A 277 58.93 2.98 -40.15
CA VAL A 277 59.33 1.60 -40.45
C VAL A 277 60.42 1.14 -39.47
N TYR A 278 60.16 0.01 -38.82
CA TYR A 278 61.13 -0.53 -37.87
C TYR A 278 61.75 -1.79 -38.43
N SER A 279 63.07 -1.92 -38.22
CA SER A 279 63.82 -3.15 -38.54
C SER A 279 64.18 -3.88 -37.27
N TYR A 280 63.57 -5.05 -37.06
CA TYR A 280 63.99 -5.92 -35.96
C TYR A 280 65.44 -6.36 -36.15
N ASP A 281 65.85 -6.51 -37.40
CA ASP A 281 67.14 -7.10 -37.69
C ASP A 281 68.28 -6.14 -37.40
N GLU A 282 68.09 -4.89 -37.82
CA GLU A 282 69.07 -3.84 -37.59
C GLU A 282 68.87 -3.11 -36.24
N ASP A 283 67.89 -3.56 -35.44
CA ASP A 283 67.40 -2.85 -34.24
C ASP A 283 67.38 -1.33 -34.40
N ASP A 284 66.59 -0.87 -35.36
CA ASP A 284 66.57 0.54 -35.77
C ASP A 284 65.34 0.92 -36.57
N MET A 285 64.98 2.20 -36.49
CA MET A 285 64.07 2.78 -37.49
C MET A 285 64.85 2.89 -38.79
N VAL A 286 64.22 2.47 -39.88
CA VAL A 286 64.89 2.37 -41.15
C VAL A 286 64.04 2.98 -42.27
N LEU A 287 64.68 3.28 -43.39
CA LEU A 287 63.91 3.69 -44.56
C LEU A 287 63.60 2.48 -45.44
N ASP A 288 62.46 2.55 -46.15
CA ASP A 288 62.10 1.56 -47.15
C ASP A 288 61.58 2.26 -48.40
N PRO A 289 62.48 2.47 -49.39
CA PRO A 289 62.15 3.10 -50.65
C PRO A 289 60.96 2.45 -51.36
N SER A 290 60.67 1.20 -51.04
CA SER A 290 59.63 0.41 -51.71
C SER A 290 58.39 0.25 -50.86
N LEU A 291 58.26 1.12 -49.86
CA LEU A 291 57.15 1.10 -48.93
C LEU A 291 55.79 1.07 -49.63
N ALA A 292 55.58 2.04 -50.51
CA ALA A 292 54.33 2.13 -51.29
C ALA A 292 53.93 0.75 -51.80
N GLU A 293 54.87 0.06 -52.44
CA GLU A 293 54.63 -1.26 -53.02
C GLU A 293 54.49 -2.37 -52.00
N HIS A 294 55.21 -2.27 -50.89
CA HIS A 294 55.06 -3.21 -49.79
C HIS A 294 53.73 -3.01 -49.08
N LEU A 295 53.30 -1.77 -48.95
CA LEU A 295 52.01 -1.51 -48.31
C LEU A 295 50.88 -1.86 -49.26
N SER A 296 51.11 -1.61 -50.54
CA SER A 296 50.16 -1.89 -51.60
C SER A 296 49.89 -3.38 -51.67
N HIS A 297 50.88 -4.18 -51.30
CA HIS A 297 50.71 -5.63 -51.17
C HIS A 297 49.46 -5.96 -50.32
N PHE A 298 49.27 -5.19 -49.26
CA PHE A 298 48.18 -5.42 -48.31
C PHE A 298 46.93 -4.60 -48.63
N GLY A 299 46.92 -4.01 -49.82
CA GLY A 299 45.84 -3.10 -50.21
C GLY A 299 45.88 -1.80 -49.43
N ILE A 300 47.07 -1.20 -49.33
CA ILE A 300 47.24 0.11 -48.71
C ILE A 300 47.99 1.08 -49.63
N ASP A 301 47.28 2.07 -50.18
CA ASP A 301 47.95 3.17 -50.89
C ASP A 301 48.06 4.43 -50.02
N MET A 302 49.10 5.22 -50.27
CA MET A 302 49.40 6.42 -49.49
C MET A 302 48.88 7.69 -50.18
N PRO A 338 38.18 29.17 -50.24
CA PRO A 338 38.99 29.33 -49.02
C PRO A 338 38.52 30.53 -48.21
N LEU A 339 38.03 30.30 -47.00
CA LEU A 339 37.30 31.32 -46.23
C LEU A 339 37.92 31.77 -44.91
N PHE A 340 37.62 33.03 -44.55
CA PHE A 340 38.22 33.65 -43.36
C PHE A 340 37.23 34.54 -42.61
N GLY A 341 37.52 34.72 -41.33
CA GLY A 341 36.83 35.68 -40.49
C GLY A 341 35.89 35.02 -39.51
N PRO A 342 35.11 35.83 -38.78
CA PRO A 342 34.16 35.31 -37.80
C PRO A 342 33.26 34.24 -38.40
N GLY A 343 33.16 33.11 -37.73
CA GLY A 343 32.28 32.01 -38.14
C GLY A 343 32.88 31.14 -39.23
N TYR A 344 34.18 31.34 -39.48
CA TYR A 344 34.90 30.56 -40.48
C TYR A 344 36.23 30.04 -39.94
N THR A 345 36.22 29.52 -38.71
CA THR A 345 37.41 28.93 -38.11
C THR A 345 37.55 27.43 -38.42
N GLY A 346 38.78 26.98 -38.67
CA GLY A 346 39.09 25.56 -38.78
C GLY A 346 39.35 24.89 -37.44
N ILE A 347 39.19 23.58 -37.38
CA ILE A 347 39.53 22.85 -36.16
C ILE A 347 40.61 21.81 -36.42
N ARG A 348 41.74 21.99 -35.75
CA ARG A 348 42.85 21.05 -35.84
C ARG A 348 42.38 19.64 -35.53
N ASN A 349 42.84 18.66 -36.30
CA ASN A 349 42.59 17.26 -35.99
C ASN A 349 43.40 16.90 -34.76
N LEU A 350 42.79 16.21 -33.81
CA LEU A 350 43.52 15.79 -32.61
C LEU A 350 43.83 14.32 -32.70
N GLY A 351 43.61 13.76 -33.88
CA GLY A 351 43.69 12.32 -34.07
C GLY A 351 42.27 11.84 -34.03
N ASN A 352 41.72 11.58 -35.20
CA ASN A 352 40.37 11.05 -35.33
C ASN A 352 39.25 11.93 -34.72
N SER A 353 39.48 13.22 -34.53
CA SER A 353 38.44 14.09 -33.95
C SER A 353 37.47 14.73 -34.97
N CYS A 354 37.40 14.22 -36.18
CA CYS A 354 36.60 14.86 -37.25
C CYS A 354 35.13 14.89 -36.92
N TYR A 355 34.68 13.83 -36.23
CA TYR A 355 33.29 13.69 -35.79
C TYR A 355 32.93 14.81 -34.84
N LEU A 356 33.79 15.07 -33.86
CA LEU A 356 33.57 16.17 -32.94
C LEU A 356 33.60 17.49 -33.69
N ASN A 357 34.61 17.67 -34.54
CA ASN A 357 34.73 18.89 -35.31
C ASN A 357 33.42 19.17 -36.04
N SER A 358 32.94 18.16 -36.76
CA SER A 358 31.74 18.33 -37.57
C SER A 358 30.49 18.70 -36.79
N VAL A 359 30.29 18.10 -35.62
CA VAL A 359 29.11 18.38 -34.80
C VAL A 359 29.19 19.80 -34.29
N VAL A 360 30.28 20.05 -33.58
CA VAL A 360 30.56 21.30 -32.92
C VAL A 360 30.43 22.48 -33.87
N GLN A 361 30.82 22.30 -35.12
CA GLN A 361 30.70 23.35 -36.13
C GLN A 361 29.25 23.69 -36.45
N VAL A 362 28.36 22.71 -36.34
CA VAL A 362 26.97 22.93 -36.69
C VAL A 362 26.30 23.58 -35.51
N LEU A 363 26.57 23.05 -34.31
CA LEU A 363 26.00 23.61 -33.10
C LEU A 363 26.21 25.13 -33.07
N PHE A 364 27.45 25.56 -33.19
CA PHE A 364 27.76 26.96 -33.13
C PHE A 364 27.38 27.77 -34.35
N SER A 365 26.69 27.16 -35.31
CA SER A 365 26.06 27.96 -36.37
C SER A 365 24.62 28.35 -36.03
N ILE A 366 24.10 27.73 -34.97
CA ILE A 366 22.70 27.85 -34.55
C ILE A 366 22.55 28.92 -33.48
N PRO A 367 21.80 29.98 -33.79
CA PRO A 367 21.72 31.13 -32.92
C PRO A 367 21.49 30.80 -31.43
N ASP A 368 20.57 29.89 -31.11
CA ASP A 368 20.29 29.54 -29.68
C ASP A 368 21.54 29.08 -28.93
N PHE A 369 22.40 28.34 -29.61
CA PHE A 369 23.64 27.91 -29.00
C PHE A 369 24.64 29.07 -28.92
N GLN A 370 24.59 29.95 -29.91
CA GLN A 370 25.39 31.18 -29.85
C GLN A 370 25.00 32.05 -28.65
N ARG A 371 23.71 32.25 -28.44
CA ARG A 371 23.27 33.08 -27.31
C ARG A 371 23.61 32.51 -25.94
N LYS A 372 23.44 31.20 -25.78
CA LYS A 372 23.67 30.54 -24.49
C LYS A 372 25.14 30.56 -24.08
N TYR A 373 26.01 30.28 -25.03
CA TYR A 373 27.42 30.00 -24.74
C TYR A 373 28.41 31.04 -25.26
N VAL A 374 28.00 31.88 -26.19
CA VAL A 374 28.96 32.83 -26.75
C VAL A 374 28.63 34.26 -26.40
N ASP A 375 27.38 34.65 -26.60
CA ASP A 375 26.92 35.96 -26.19
C ASP A 375 27.01 36.10 -24.69
N LYS A 376 26.85 34.99 -23.97
CA LYS A 376 26.82 35.01 -22.52
C LYS A 376 28.10 34.50 -21.85
N LEU A 377 29.22 34.55 -22.55
CA LEU A 377 30.47 34.01 -22.02
C LEU A 377 31.05 34.77 -20.82
N GLU A 378 30.80 36.07 -20.74
CA GLU A 378 31.27 36.86 -19.61
C GLU A 378 30.59 36.40 -18.33
N LYS A 379 29.26 36.33 -18.37
CA LYS A 379 28.50 35.81 -17.24
C LYS A 379 29.04 34.43 -16.87
N ILE A 380 29.33 33.61 -17.89
CA ILE A 380 29.78 32.24 -17.67
C ILE A 380 31.14 32.21 -17.00
N PHE A 381 32.08 32.97 -17.57
CA PHE A 381 33.42 33.02 -17.04
C PHE A 381 33.37 33.48 -15.59
N GLN A 382 32.53 34.48 -15.31
CA GLN A 382 32.29 34.94 -13.95
C GLN A 382 31.81 33.85 -13.00
N ASN A 383 30.88 33.01 -13.45
CA ASN A 383 30.29 32.00 -12.57
C ASN A 383 31.07 30.69 -12.49
N ALA A 384 32.20 30.63 -13.19
CA ALA A 384 33.07 29.44 -13.22
C ALA A 384 33.76 29.15 -11.87
N PRO A 385 33.92 27.85 -11.52
CA PRO A 385 34.63 27.50 -10.28
C PRO A 385 36.16 27.65 -10.42
N THR A 386 36.90 27.49 -9.32
CA THR A 386 38.35 27.73 -9.27
C THR A 386 39.12 27.16 -10.46
N ASP A 387 38.85 25.89 -10.77
CA ASP A 387 39.41 25.20 -11.94
C ASP A 387 38.41 25.22 -13.08
N PRO A 388 38.57 26.18 -14.00
CA PRO A 388 37.62 26.33 -15.08
C PRO A 388 37.86 25.36 -16.23
N THR A 389 38.98 24.63 -16.21
CA THR A 389 39.30 23.70 -17.29
C THR A 389 38.35 22.54 -17.23
N GLN A 390 37.74 22.39 -16.05
CA GLN A 390 36.87 21.29 -15.73
C GLN A 390 35.40 21.67 -15.76
N ASP A 391 35.10 22.83 -16.28
CA ASP A 391 33.77 23.37 -16.21
C ASP A 391 33.08 23.35 -17.57
N PHE A 392 31.96 22.65 -17.64
CA PHE A 392 31.26 22.47 -18.91
C PHE A 392 31.00 23.78 -19.64
N SER A 393 30.27 24.67 -19.00
CA SER A 393 29.84 25.90 -19.65
C SER A 393 31.04 26.70 -20.14
N THR A 394 32.07 26.81 -19.31
CA THR A 394 33.27 27.54 -19.69
C THR A 394 33.87 26.96 -20.97
N GLN A 395 34.12 25.65 -20.96
CA GLN A 395 34.77 25.02 -22.09
C GLN A 395 33.97 25.17 -23.38
N VAL A 396 32.68 24.89 -23.32
CA VAL A 396 31.78 25.09 -24.47
C VAL A 396 31.83 26.56 -24.95
N ALA A 397 31.77 27.51 -24.01
CA ALA A 397 31.85 28.92 -24.36
C ALA A 397 33.17 29.24 -25.07
N LYS A 398 34.27 28.77 -24.49
CA LYS A 398 35.60 28.96 -25.06
C LYS A 398 35.68 28.46 -26.52
N LEU A 399 35.16 27.26 -26.76
CA LEU A 399 35.10 26.69 -28.10
C LEU A 399 34.33 27.61 -29.08
N GLY A 400 33.11 27.98 -28.70
CA GLY A 400 32.27 28.84 -29.52
C GLY A 400 32.87 30.20 -29.84
N HIS A 401 33.50 30.81 -28.85
CA HIS A 401 34.17 32.09 -29.03
C HIS A 401 35.28 31.93 -30.06
N GLY A 402 36.09 30.90 -29.89
CA GLY A 402 37.18 30.63 -30.82
C GLY A 402 36.73 30.31 -32.24
N LEU A 403 35.44 30.15 -32.45
CA LEU A 403 34.95 29.83 -33.78
C LEU A 403 34.26 31.04 -34.43
N LEU A 404 33.76 31.96 -33.61
CA LEU A 404 32.94 33.05 -34.14
C LEU A 404 33.63 34.41 -34.08
N SER A 405 34.89 34.44 -33.67
CA SER A 405 35.74 35.65 -33.65
C SER A 405 36.85 35.58 -34.74
N GLY A 406 38.10 35.88 -34.37
CA GLY A 406 39.25 35.82 -35.30
C GLY A 406 40.39 35.00 -34.71
N GLU A 407 40.74 33.89 -35.37
CA GLU A 407 41.67 32.84 -34.86
C GLU A 407 41.68 31.60 -35.78
N ASP A 429 45.06 29.37 -39.14
CA ASP A 429 45.70 28.21 -38.51
C ASP A 429 44.77 27.38 -37.60
N GLY A 430 43.59 27.94 -37.26
CA GLY A 430 42.56 27.19 -36.54
C GLY A 430 42.73 27.06 -35.04
N ILE A 431 41.88 26.24 -34.42
CA ILE A 431 41.95 25.95 -32.98
C ILE A 431 42.10 24.45 -32.70
N ALA A 432 42.74 24.11 -31.59
CA ALA A 432 42.88 22.72 -31.15
C ALA A 432 42.18 22.53 -29.83
N PRO A 433 40.93 22.03 -29.87
CA PRO A 433 40.05 21.89 -28.72
C PRO A 433 40.35 20.65 -27.85
N ARG A 434 41.61 20.47 -27.46
CA ARG A 434 42.03 19.44 -26.51
C ARG A 434 41.26 19.51 -25.19
N MET A 435 41.11 20.74 -24.69
CA MET A 435 40.54 20.99 -23.39
C MET A 435 39.07 20.57 -23.36
N PHE A 436 38.33 20.95 -24.39
CA PHE A 436 36.92 20.59 -24.55
C PHE A 436 36.78 19.08 -24.77
N LYS A 437 37.50 18.54 -25.74
CA LYS A 437 37.50 17.10 -26.01
C LYS A 437 37.81 16.30 -24.77
N ALA A 438 38.69 16.83 -23.91
CA ALA A 438 39.08 16.07 -22.74
C ALA A 438 37.95 16.06 -21.73
N LEU A 439 37.25 17.19 -21.62
CA LEU A 439 36.20 17.31 -20.63
C LEU A 439 34.90 16.59 -21.02
N ILE A 440 34.46 16.75 -22.27
CA ILE A 440 33.18 16.16 -22.62
C ILE A 440 33.32 14.65 -22.89
N GLY A 441 34.56 14.17 -22.90
CA GLY A 441 34.82 12.75 -23.04
C GLY A 441 35.11 12.06 -21.73
N LYS A 442 35.21 12.83 -20.65
CA LYS A 442 35.63 12.27 -19.36
C LYS A 442 34.71 11.15 -18.91
N GLY A 443 35.28 9.98 -18.64
CA GLY A 443 34.54 8.85 -18.11
C GLY A 443 33.74 8.09 -19.15
N HIS A 444 33.71 8.61 -20.39
CA HIS A 444 32.98 7.94 -21.47
C HIS A 444 33.81 6.84 -22.12
N PRO A 445 33.19 5.65 -22.34
CA PRO A 445 33.91 4.51 -22.95
C PRO A 445 34.46 4.79 -24.35
N GLU A 446 33.75 5.58 -25.15
CA GLU A 446 34.21 5.91 -26.51
C GLU A 446 34.91 7.25 -26.61
N PHE A 447 34.29 8.30 -26.08
CA PHE A 447 34.79 9.65 -26.34
C PHE A 447 35.96 10.07 -25.47
N SER A 448 36.43 9.17 -24.60
CA SER A 448 37.66 9.40 -23.84
C SER A 448 38.87 8.86 -24.59
N THR A 449 38.63 7.92 -25.51
CA THR A 449 39.70 7.37 -26.36
C THR A 449 39.97 8.28 -27.56
N ASN A 450 40.89 7.86 -28.43
CA ASN A 450 41.26 8.64 -29.61
C ASN A 450 40.90 7.90 -30.90
N ARG A 451 39.99 6.95 -30.81
CA ARG A 451 39.58 6.26 -32.01
C ARG A 451 38.34 6.85 -32.73
N GLN A 452 38.05 6.35 -33.92
CA GLN A 452 37.00 6.91 -34.78
C GLN A 452 35.60 6.65 -34.21
N GLN A 453 34.71 7.62 -34.34
CA GLN A 453 33.40 7.57 -33.68
C GLN A 453 32.23 8.02 -34.56
N ASP A 454 31.03 7.61 -34.18
CA ASP A 454 29.85 7.97 -34.95
C ASP A 454 29.35 9.40 -34.60
N ALA A 455 29.00 10.17 -35.62
CA ALA A 455 28.48 11.54 -35.46
C ALA A 455 27.18 11.62 -34.66
N GLN A 456 26.20 10.76 -34.93
CA GLN A 456 24.95 10.80 -34.18
C GLN A 456 25.19 10.49 -32.71
N GLU A 457 26.05 9.51 -32.43
CA GLU A 457 26.31 9.17 -31.05
C GLU A 457 26.96 10.36 -30.36
N PHE A 458 27.90 11.03 -31.00
CA PHE A 458 28.51 12.18 -30.34
C PHE A 458 27.49 13.29 -30.08
N PHE A 459 26.67 13.55 -31.10
CA PHE A 459 25.66 14.58 -31.06
C PHE A 459 24.75 14.38 -29.85
N LEU A 460 24.19 13.18 -29.73
CA LEU A 460 23.27 12.88 -28.62
C LEU A 460 23.98 12.94 -27.29
N HIS A 461 25.26 12.63 -27.31
CA HIS A 461 26.02 12.66 -26.09
C HIS A 461 26.15 14.10 -25.57
N LEU A 462 26.54 15.01 -26.47
CA LEU A 462 26.67 16.44 -26.16
C LEU A 462 25.32 17.07 -25.84
N ILE A 463 24.28 16.71 -26.60
CA ILE A 463 22.91 17.14 -26.30
C ILE A 463 22.47 16.77 -24.89
N ASN A 464 22.74 15.54 -24.47
N ASN A 464 22.74 15.52 -24.50
CA ASN A 464 22.35 15.12 -23.14
CA ASN A 464 22.42 15.03 -23.16
C ASN A 464 23.23 15.76 -22.08
C ASN A 464 23.20 15.80 -22.11
N MET A 465 24.45 16.12 -22.45
CA MET A 465 25.33 16.82 -21.54
C MET A 465 24.85 18.28 -21.32
N VAL A 466 24.47 18.95 -22.41
CA VAL A 466 23.82 20.27 -22.31
C VAL A 466 22.58 20.20 -21.42
N GLU A 467 21.77 19.17 -21.60
CA GLU A 467 20.54 18.96 -20.85
C GLU A 467 20.84 18.88 -19.34
N ARG A 468 21.88 18.14 -18.97
CA ARG A 468 22.28 18.03 -17.57
C ARG A 468 22.69 19.35 -16.96
N ASN A 469 23.22 20.26 -17.77
CA ASN A 469 23.72 21.54 -17.24
C ASN A 469 22.81 22.73 -17.49
N CYS A 470 21.61 22.48 -17.99
CA CYS A 470 20.71 23.58 -18.31
C CYS A 470 19.33 23.45 -17.71
N ARG A 471 19.19 22.56 -16.74
CA ARG A 471 17.96 22.43 -15.99
C ARG A 471 17.75 23.80 -15.29
N SER A 472 16.50 24.28 -15.27
CA SER A 472 16.18 25.64 -14.76
C SER A 472 17.27 26.71 -15.07
N SER A 473 17.57 26.79 -16.37
CA SER A 473 18.20 27.94 -17.00
C SER A 473 17.95 27.82 -18.49
N GLU A 474 18.40 28.82 -19.23
CA GLU A 474 18.31 28.89 -20.67
C GLU A 474 18.75 27.53 -21.25
N ASN A 475 17.85 26.85 -21.97
CA ASN A 475 18.22 25.56 -22.57
C ASN A 475 18.16 25.56 -24.09
N PRO A 476 19.34 25.53 -24.73
CA PRO A 476 19.37 25.65 -26.18
C PRO A 476 18.86 24.40 -26.92
N ASN A 477 18.87 23.26 -26.21
CA ASN A 477 18.26 22.00 -26.72
C ASN A 477 16.81 22.16 -27.16
N GLU A 478 16.11 23.14 -26.60
CA GLU A 478 14.74 23.45 -26.97
C GLU A 478 14.59 23.69 -28.45
N VAL A 479 15.68 24.01 -29.13
CA VAL A 479 15.64 24.33 -30.55
C VAL A 479 15.47 23.05 -31.39
N PHE A 480 15.84 21.93 -30.77
CA PHE A 480 15.79 20.62 -31.41
C PHE A 480 14.59 19.83 -30.92
N ARG A 481 14.29 19.95 -29.63
CA ARG A 481 13.35 19.03 -28.98
C ARG A 481 11.98 19.02 -29.64
N PHE A 482 11.40 17.83 -29.80
CA PHE A 482 10.03 17.70 -30.29
C PHE A 482 9.29 16.51 -29.70
N LEU A 483 7.98 16.49 -29.94
CA LEU A 483 7.09 15.45 -29.46
C LEU A 483 6.69 14.45 -30.56
N VAL A 484 6.96 13.18 -30.32
CA VAL A 484 6.51 12.12 -31.21
C VAL A 484 5.18 11.58 -30.70
N GLU A 485 4.21 11.46 -31.60
CA GLU A 485 2.98 10.71 -31.32
C GLU A 485 3.10 9.31 -31.88
N GLU A 486 3.05 8.34 -30.99
CA GLU A 486 3.04 6.96 -31.39
C GLU A 486 1.62 6.45 -31.28
N LYS A 487 1.13 5.80 -32.33
CA LYS A 487 -0.23 5.26 -32.30
C LYS A 487 -0.21 3.77 -32.50
N ILE A 488 -0.83 3.03 -31.59
CA ILE A 488 -1.11 1.61 -31.80
C ILE A 488 -2.56 1.45 -32.24
N LYS A 489 -2.84 0.47 -33.09
CA LYS A 489 -4.21 0.08 -33.38
C LYS A 489 -4.27 -1.43 -33.37
N CYS A 490 -5.09 -1.98 -32.48
CA CYS A 490 -5.39 -3.41 -32.50
C CYS A 490 -6.24 -3.62 -33.75
N LEU A 491 -5.65 -4.30 -34.72
CA LEU A 491 -6.21 -4.41 -36.05
C LEU A 491 -7.54 -5.16 -36.08
N ALA A 492 -7.65 -6.16 -35.22
CA ALA A 492 -8.85 -6.98 -35.10
C ALA A 492 -10.05 -6.20 -34.57
N THR A 493 -9.86 -5.35 -33.56
CA THR A 493 -10.99 -4.64 -32.95
C THR A 493 -11.10 -3.19 -33.40
N GLU A 494 -10.08 -2.72 -34.10
CA GLU A 494 -9.99 -1.31 -34.49
C GLU A 494 -9.83 -0.34 -33.31
N LYS A 495 -9.48 -0.85 -32.14
CA LYS A 495 -9.24 -0.01 -30.97
C LYS A 495 -7.82 0.55 -30.93
N VAL A 496 -7.65 1.71 -30.31
CA VAL A 496 -6.42 2.50 -30.43
C VAL A 496 -5.79 2.88 -29.10
N LYS A 497 -4.49 3.16 -29.11
CA LYS A 497 -3.87 3.86 -28.00
C LYS A 497 -2.83 4.83 -28.53
N TYR A 498 -2.89 6.07 -28.04
CA TYR A 498 -1.89 7.06 -28.39
C TYR A 498 -0.93 7.25 -27.22
N THR A 499 0.36 7.11 -27.49
CA THR A 499 1.44 7.34 -26.53
C THR A 499 2.16 8.59 -27.03
N GLN A 500 2.98 9.21 -26.17
CA GLN A 500 3.73 10.40 -26.56
C GLN A 500 5.12 10.41 -25.94
N ARG A 501 6.11 10.90 -26.68
CA ARG A 501 7.49 10.97 -26.16
C ARG A 501 8.29 12.13 -26.76
N VAL A 502 9.30 12.58 -26.02
CA VAL A 502 10.27 13.58 -26.49
C VAL A 502 11.29 12.94 -27.45
N ASP A 503 11.85 13.73 -28.35
CA ASP A 503 12.99 13.29 -29.15
C ASP A 503 13.74 14.48 -29.74
N TYR A 504 14.95 14.22 -30.24
CA TYR A 504 15.81 15.24 -30.81
C TYR A 504 16.12 14.99 -32.29
N ILE A 505 16.11 13.73 -32.71
CA ILE A 505 16.52 13.35 -34.06
C ILE A 505 15.42 12.51 -34.66
N MET A 506 14.98 12.84 -35.88
CA MET A 506 14.11 11.93 -36.59
C MET A 506 14.96 10.95 -37.40
N GLN A 507 14.67 9.66 -37.28
CA GLN A 507 15.43 8.62 -37.99
C GLN A 507 14.74 8.23 -39.28
N LEU A 508 15.39 8.56 -40.40
CA LEU A 508 14.81 8.40 -41.73
C LEU A 508 15.16 7.05 -42.32
N PRO A 509 14.16 6.24 -42.66
CA PRO A 509 14.49 4.92 -43.17
C PRO A 509 14.96 5.01 -44.62
N VAL A 510 15.82 4.09 -45.02
CA VAL A 510 16.22 3.99 -46.42
C VAL A 510 15.79 2.63 -46.97
N PRO A 511 14.67 2.64 -47.71
CA PRO A 511 14.08 1.45 -48.29
C PRO A 511 14.77 1.06 -49.60
N MET A 512 15.76 0.18 -49.51
CA MET A 512 16.56 -0.22 -50.69
C MET A 512 15.74 -0.60 -51.94
N ASP A 513 14.58 -1.23 -51.74
CA ASP A 513 13.71 -1.68 -52.85
C ASP A 513 13.22 -0.55 -53.74
N ALA A 514 13.47 0.68 -53.29
CA ALA A 514 12.99 1.86 -53.97
C ALA A 514 14.04 2.38 -54.92
N ALA A 515 15.27 1.89 -54.75
CA ALA A 515 16.41 2.20 -55.63
C ALA A 515 16.00 2.30 -57.12
N LEU A 516 16.41 3.38 -57.76
CA LEU A 516 16.00 3.66 -59.13
C LEU A 516 16.96 3.07 -60.18
N ASN A 517 18.02 2.42 -59.74
CA ASN A 517 19.03 1.92 -60.65
C ASN A 517 19.55 0.54 -60.26
N LYS A 518 18.65 -0.35 -59.88
CA LYS A 518 19.03 -1.68 -59.41
C LYS A 518 20.01 -2.39 -60.35
N GLU A 519 19.75 -2.34 -61.64
CA GLU A 519 20.56 -3.03 -62.66
C GLU A 519 21.88 -2.30 -62.94
N GLU A 520 21.83 -0.98 -62.93
CA GLU A 520 23.02 -0.13 -63.14
C GLU A 520 24.01 -0.34 -62.00
N LEU A 521 23.48 -0.73 -60.85
CA LEU A 521 24.25 -1.03 -59.66
C LEU A 521 24.82 -2.46 -59.71
N LEU A 522 24.06 -3.39 -60.29
CA LEU A 522 24.49 -4.80 -60.38
C LEU A 522 25.64 -5.03 -61.37
N GLU A 523 25.64 -4.24 -62.44
CA GLU A 523 26.77 -4.21 -63.39
C GLU A 523 27.99 -3.57 -62.73
N TYR A 524 27.77 -2.57 -61.89
CA TYR A 524 28.86 -1.98 -61.12
C TYR A 524 29.50 -2.99 -60.16
N GLU A 525 28.66 -3.66 -59.38
CA GLU A 525 29.15 -4.60 -58.37
C GLU A 525 29.88 -5.76 -59.01
N GLU A 526 29.48 -6.12 -60.24
CA GLU A 526 30.13 -7.19 -60.99
C GLU A 526 31.52 -6.74 -61.42
N LYS A 527 31.59 -5.54 -62.01
CA LYS A 527 32.84 -4.94 -62.48
C LYS A 527 33.86 -4.73 -61.34
N LYS A 528 33.39 -4.30 -60.16
CA LYS A 528 34.23 -4.15 -58.97
C LYS A 528 34.78 -5.49 -58.44
N ARG A 529 33.90 -6.49 -58.31
CA ARG A 529 34.29 -7.87 -57.98
C ARG A 529 35.38 -8.42 -58.92
N GLN A 530 35.22 -8.12 -60.21
CA GLN A 530 36.15 -8.52 -61.25
C GLN A 530 37.48 -7.79 -61.10
N ALA A 531 37.41 -6.48 -60.84
CA ALA A 531 38.61 -5.65 -60.68
C ALA A 531 39.42 -5.96 -59.42
N GLU A 532 38.75 -6.44 -58.37
CA GLU A 532 39.43 -6.87 -57.15
C GLU A 532 40.21 -8.16 -57.38
N GLU A 533 39.53 -9.17 -57.93
CA GLU A 533 40.10 -10.50 -58.17
C GLU A 533 41.35 -10.43 -59.08
N GLU A 534 41.31 -9.48 -60.00
CA GLU A 534 42.39 -9.25 -60.97
C GLU A 534 43.42 -8.25 -60.39
N LYS A 535 43.07 -7.65 -59.25
CA LYS A 535 43.87 -6.61 -58.57
C LYS A 535 44.08 -5.33 -59.40
N MET A 536 43.15 -5.05 -60.32
CA MET A 536 43.21 -3.88 -61.19
C MET A 536 42.50 -2.68 -60.57
N ALA A 537 42.57 -1.54 -61.27
CA ALA A 537 41.88 -0.32 -60.84
C ALA A 537 40.37 -0.56 -60.84
N LEU A 538 39.75 -0.25 -59.69
CA LEU A 538 38.30 -0.34 -59.51
C LEU A 538 37.55 0.58 -60.47
N PRO A 539 36.32 0.18 -60.86
CA PRO A 539 35.50 1.02 -61.75
C PRO A 539 35.00 2.27 -61.04
N GLU A 540 34.62 3.28 -61.83
CA GLU A 540 34.07 4.50 -61.24
C GLU A 540 32.79 4.14 -60.48
N LEU A 541 32.63 4.75 -59.30
CA LEU A 541 31.64 4.34 -58.30
C LEU A 541 30.20 4.61 -58.70
N VAL A 542 29.33 3.67 -58.38
CA VAL A 542 27.89 3.79 -58.59
C VAL A 542 27.19 3.50 -57.27
N ARG A 543 26.21 4.33 -56.92
CA ARG A 543 25.40 4.13 -55.70
C ARG A 543 23.95 3.87 -56.03
N ALA A 544 23.28 3.06 -55.21
CA ALA A 544 21.84 2.88 -55.28
C ALA A 544 21.24 4.26 -55.15
N GLN A 545 20.44 4.67 -56.13
CA GLN A 545 19.82 5.98 -56.11
C GLN A 545 18.42 5.85 -55.50
N VAL A 546 18.27 6.20 -54.21
CA VAL A 546 16.97 6.09 -53.52
C VAL A 546 16.24 7.44 -53.42
N PRO A 547 14.97 7.50 -53.89
CA PRO A 547 14.22 8.76 -53.83
C PRO A 547 13.93 9.18 -52.39
N PHE A 548 13.99 10.47 -52.12
CA PHE A 548 13.64 10.92 -50.77
C PHE A 548 12.15 10.68 -50.50
N SER A 549 11.31 10.95 -51.50
CA SER A 549 9.88 10.68 -51.40
C SER A 549 9.57 9.28 -50.85
N SER A 550 10.43 8.31 -51.16
CA SER A 550 10.27 6.94 -50.68
C SER A 550 10.60 6.79 -49.19
N CYS A 551 11.72 7.39 -48.78
CA CYS A 551 12.13 7.43 -47.39
C CYS A 551 11.03 8.06 -46.51
N LEU A 552 10.51 9.19 -46.95
CA LEU A 552 9.49 9.89 -46.19
C LEU A 552 8.26 9.02 -46.07
N GLU A 553 7.86 8.41 -47.18
CA GLU A 553 6.75 7.45 -47.16
C GLU A 553 7.00 6.38 -46.14
N ALA A 554 8.14 5.70 -46.24
CA ALA A 554 8.47 4.63 -45.32
C ALA A 554 8.38 5.11 -43.87
N TYR A 555 8.83 6.32 -43.60
CA TYR A 555 8.65 6.90 -42.26
C TYR A 555 7.17 6.85 -41.86
N GLY A 556 6.33 7.38 -42.74
CA GLY A 556 4.93 7.60 -42.42
C GLY A 556 4.09 6.36 -42.47
N ALA A 557 4.48 5.39 -43.29
CA ALA A 557 3.65 4.23 -43.55
C ALA A 557 3.25 3.50 -42.26
N PRO A 558 1.98 3.10 -42.16
CA PRO A 558 1.59 2.22 -41.06
C PRO A 558 2.36 0.94 -41.17
N GLU A 559 2.67 0.34 -40.04
CA GLU A 559 3.61 -0.75 -39.96
C GLU A 559 3.01 -1.88 -39.14
N GLN A 560 3.08 -3.11 -39.65
CA GLN A 560 2.44 -4.25 -38.98
C GLN A 560 3.30 -4.76 -37.83
N VAL A 561 2.69 -5.05 -36.69
CA VAL A 561 3.44 -5.56 -35.56
C VAL A 561 2.79 -6.85 -35.05
N ASP A 562 3.58 -7.91 -35.03
CA ASP A 562 3.10 -9.22 -34.66
C ASP A 562 3.40 -9.51 -33.21
N ASP A 563 2.72 -10.51 -32.67
CA ASP A 563 2.84 -10.90 -31.27
C ASP A 563 2.51 -9.71 -30.36
N PHE A 564 1.35 -9.10 -30.61
CA PHE A 564 0.91 -7.97 -29.80
C PHE A 564 -0.27 -8.34 -28.90
N TRP A 565 -0.15 -8.11 -27.61
CA TRP A 565 -1.26 -8.39 -26.72
C TRP A 565 -2.33 -7.31 -26.80
N SER A 566 -3.50 -7.69 -27.29
CA SER A 566 -4.64 -6.80 -27.31
C SER A 566 -5.44 -6.99 -26.03
N THR A 567 -5.48 -5.94 -25.20
CA THR A 567 -6.29 -5.99 -23.98
C THR A 567 -7.79 -6.10 -24.31
N ALA A 568 -8.17 -5.62 -25.51
CA ALA A 568 -9.52 -5.76 -26.01
C ALA A 568 -9.85 -7.21 -26.33
N LEU A 569 -8.99 -7.88 -27.10
CA LEU A 569 -9.18 -9.27 -27.49
C LEU A 569 -8.89 -10.25 -26.35
N GLN A 570 -8.05 -9.80 -25.43
CA GLN A 570 -7.42 -10.65 -24.42
C GLN A 570 -6.81 -11.86 -25.10
N ALA A 571 -6.01 -11.59 -26.14
CA ALA A 571 -5.34 -12.61 -26.95
C ALA A 571 -4.18 -12.01 -27.75
N LYS A 572 -3.13 -12.78 -27.99
CA LYS A 572 -2.06 -12.31 -28.84
C LYS A 572 -2.62 -12.04 -30.25
N SER A 573 -2.39 -10.85 -30.76
CA SER A 573 -2.81 -10.57 -32.10
C SER A 573 -1.79 -9.70 -32.85
N VAL A 574 -2.28 -8.88 -33.77
CA VAL A 574 -1.43 -8.07 -34.63
C VAL A 574 -1.86 -6.61 -34.58
N ALA A 575 -0.90 -5.71 -34.39
CA ALA A 575 -1.17 -4.28 -34.26
C ALA A 575 -0.68 -3.49 -35.47
N VAL A 576 -1.24 -2.30 -35.64
CA VAL A 576 -0.76 -1.35 -36.64
C VAL A 576 -0.22 -0.10 -35.96
N LYS A 577 1.10 0.08 -36.07
CA LYS A 577 1.81 1.17 -35.42
C LYS A 577 2.06 2.28 -36.42
N THR A 578 1.91 3.52 -35.98
CA THR A 578 2.19 4.66 -36.86
C THR A 578 2.99 5.75 -36.11
N THR A 579 3.82 6.51 -36.80
CA THR A 579 4.55 7.58 -36.11
C THR A 579 4.28 8.95 -36.73
N ARG A 580 4.00 9.93 -35.89
CA ARG A 580 3.73 11.26 -36.40
C ARG A 580 4.39 12.28 -35.49
N PHE A 581 4.44 13.53 -35.95
CA PHE A 581 4.90 14.62 -35.10
C PHE A 581 3.75 15.22 -34.32
N ALA A 582 3.89 15.26 -33.00
CA ALA A 582 2.94 16.00 -32.16
C ALA A 582 3.43 17.41 -32.00
N SER A 583 4.47 17.77 -32.75
CA SER A 583 5.19 19.03 -32.62
C SER A 583 6.33 19.06 -33.60
N PHE A 584 6.53 20.21 -34.25
CA PHE A 584 7.64 20.42 -35.18
C PHE A 584 8.64 21.41 -34.58
N PRO A 585 9.94 21.07 -34.61
CA PRO A 585 10.95 21.87 -33.93
C PRO A 585 11.51 22.98 -34.80
N ASP A 586 12.18 23.95 -34.18
CA ASP A 586 12.79 25.06 -34.89
C ASP A 586 13.88 24.60 -35.84
N TYR A 587 14.69 23.62 -35.41
CA TYR A 587 15.62 22.94 -36.29
C TYR A 587 15.34 21.47 -36.19
N LEU A 588 15.08 20.83 -37.34
CA LEU A 588 14.79 19.43 -37.36
C LEU A 588 16.07 18.70 -37.66
N VAL A 589 16.38 17.68 -36.86
CA VAL A 589 17.58 16.88 -37.08
C VAL A 589 17.19 15.53 -37.70
N ILE A 590 17.83 15.17 -38.83
CA ILE A 590 17.47 13.92 -39.49
C ILE A 590 18.65 13.00 -39.61
N GLN A 591 18.51 11.78 -39.11
CA GLN A 591 19.50 10.76 -39.35
C GLN A 591 19.03 9.82 -40.46
N ILE A 592 19.87 9.67 -41.49
CA ILE A 592 19.61 8.72 -42.56
C ILE A 592 20.05 7.37 -42.01
N LYS A 593 19.13 6.43 -41.87
CA LYS A 593 19.47 5.12 -41.35
C LYS A 593 20.20 4.30 -42.44
N LYS A 594 21.29 4.86 -42.95
CA LYS A 594 22.09 4.22 -44.00
C LYS A 594 23.02 3.13 -43.44
N PHE A 595 22.44 2.17 -42.74
CA PHE A 595 23.17 0.98 -42.29
C PHE A 595 22.21 -0.19 -42.10
N THR A 596 22.77 -1.40 -42.11
CA THR A 596 22.00 -2.62 -41.91
C THR A 596 22.94 -3.75 -41.55
N PHE A 597 22.42 -4.91 -41.17
CA PHE A 597 23.29 -6.07 -40.96
C PHE A 597 23.54 -6.89 -42.22
N GLY A 598 24.82 -7.19 -42.44
CA GLY A 598 25.25 -8.14 -43.47
C GLY A 598 25.30 -9.54 -42.90
N LEU A 599 25.88 -10.46 -43.67
CA LEU A 599 26.03 -11.84 -43.21
C LEU A 599 27.02 -11.92 -42.04
N ASP A 600 26.91 -12.97 -41.23
CA ASP A 600 27.68 -13.13 -39.98
C ASP A 600 27.56 -11.90 -39.06
N TRP A 601 26.50 -11.13 -39.28
CA TRP A 601 26.15 -9.97 -38.47
C TRP A 601 27.18 -8.86 -38.50
N VAL A 602 27.83 -8.66 -39.64
CA VAL A 602 28.73 -7.52 -39.73
C VAL A 602 27.91 -6.32 -40.22
N PRO A 603 28.13 -5.15 -39.60
CA PRO A 603 27.35 -3.99 -40.00
C PRO A 603 27.78 -3.50 -41.38
N LYS A 604 26.82 -3.26 -42.24
CA LYS A 604 27.08 -2.72 -43.56
C LYS A 604 26.65 -1.26 -43.61
N LYS A 605 27.54 -0.38 -44.06
CA LYS A 605 27.09 0.93 -44.47
C LYS A 605 26.30 0.75 -45.75
N LEU A 606 25.11 1.33 -45.83
CA LEU A 606 24.43 1.45 -47.11
C LEU A 606 24.98 2.68 -47.83
N ASP A 607 25.87 2.47 -48.81
CA ASP A 607 26.45 3.61 -49.55
C ASP A 607 25.49 4.01 -50.66
N VAL A 608 24.64 4.97 -50.32
CA VAL A 608 23.41 5.19 -51.03
C VAL A 608 23.32 6.68 -51.41
N SER A 609 22.57 7.01 -52.46
CA SER A 609 22.37 8.42 -52.86
C SER A 609 20.90 8.87 -52.76
N ILE A 610 20.64 9.74 -51.78
CA ILE A 610 19.31 10.25 -51.49
C ILE A 610 19.33 11.77 -51.51
N GLU A 611 18.79 12.37 -52.57
N GLU A 611 18.78 12.38 -52.56
CA GLU A 611 18.74 13.82 -52.70
CA GLU A 611 18.79 13.83 -52.72
C GLU A 611 17.80 14.38 -51.65
C GLU A 611 17.83 14.51 -51.74
N MET A 612 18.39 14.99 -50.62
CA MET A 612 17.60 15.61 -49.57
C MET A 612 17.17 16.99 -50.06
N PRO A 613 15.88 17.34 -49.91
CA PRO A 613 15.40 18.56 -50.55
C PRO A 613 16.00 19.79 -49.90
N GLU A 614 16.09 20.89 -50.65
CA GLU A 614 16.40 22.20 -50.05
C GLU A 614 15.18 22.70 -49.30
N GLU A 615 14.01 22.20 -49.71
CA GLU A 615 12.75 22.62 -49.12
C GLU A 615 11.95 21.44 -48.66
N LEU A 616 11.56 21.47 -47.39
CA LEU A 616 10.89 20.32 -46.80
C LEU A 616 9.53 20.70 -46.26
N ASP A 617 8.49 20.06 -46.75
CA ASP A 617 7.20 20.22 -46.13
C ASP A 617 6.81 18.94 -45.41
N ILE A 618 6.80 18.99 -44.10
CA ILE A 618 6.62 17.77 -43.35
C ILE A 618 5.29 17.83 -42.58
N SER A 619 4.41 18.71 -43.02
CA SER A 619 3.17 19.00 -42.29
C SER A 619 2.13 17.89 -42.40
N GLN A 620 2.08 17.24 -43.55
CA GLN A 620 1.23 16.07 -43.72
C GLN A 620 1.53 15.03 -42.66
N LEU A 621 2.61 15.23 -41.91
CA LEU A 621 3.09 14.24 -40.95
C LEU A 621 2.74 14.61 -39.49
N ARG A 622 1.95 15.66 -39.32
CA ARG A 622 1.53 16.08 -37.98
C ARG A 622 0.50 15.13 -37.42
N GLY A 623 0.71 14.71 -36.18
CA GLY A 623 -0.24 13.88 -35.47
C GLY A 623 -1.46 14.65 -35.05
N THR A 624 -2.56 13.92 -34.87
CA THR A 624 -3.87 14.51 -34.75
C THR A 624 -4.54 14.09 -33.46
N GLY A 625 -3.88 13.20 -32.71
CA GLY A 625 -4.38 12.69 -31.42
C GLY A 625 -5.56 11.75 -31.52
N LEU A 626 -6.05 11.32 -30.34
CA LEU A 626 -7.27 10.52 -30.25
C LEU A 626 -8.44 11.30 -30.85
N GLN A 627 -9.35 10.57 -31.49
CA GLN A 627 -10.46 11.18 -32.22
C GLN A 627 -11.85 10.71 -31.75
N PRO A 628 -12.87 11.57 -31.93
CA PRO A 628 -14.24 11.08 -31.69
C PRO A 628 -14.56 9.93 -32.65
N GLY A 629 -15.19 8.88 -32.13
CA GLY A 629 -15.46 7.70 -32.95
C GLY A 629 -14.45 6.61 -32.69
N GLU A 630 -13.19 7.00 -32.47
CA GLU A 630 -12.16 6.06 -32.12
C GLU A 630 -12.32 5.58 -30.70
N GLU A 631 -12.30 4.26 -30.50
CA GLU A 631 -12.39 3.68 -29.17
C GLU A 631 -11.02 3.28 -28.66
N GLU A 632 -10.80 3.53 -27.38
CA GLU A 632 -9.50 3.30 -26.74
C GLU A 632 -9.37 1.87 -26.29
N LEU A 633 -8.16 1.33 -26.37
CA LEU A 633 -7.85 0.01 -25.85
C LEU A 633 -7.84 0.10 -24.34
N PRO A 634 -8.47 -0.87 -23.64
CA PRO A 634 -8.49 -0.91 -22.19
C PRO A 634 -7.08 -1.09 -21.62
N ASP A 635 -6.85 -0.71 -20.37
CA ASP A 635 -5.60 -1.14 -19.70
C ASP A 635 -5.78 -1.87 -18.35
N ILE A 636 -4.72 -1.81 -17.52
CA ILE A 636 -4.51 -2.68 -16.33
C ILE A 636 -4.54 -4.20 -16.68
N GLU A 653 -4.28 -20.74 0.23
CA GLU A 653 -5.71 -21.01 0.09
C GLU A 653 -6.08 -22.43 -0.27
N SER A 654 -7.31 -22.80 0.06
CA SER A 654 -7.81 -24.16 -0.15
C SER A 654 -8.29 -24.40 -1.60
N VAL A 655 -8.63 -23.34 -2.30
CA VAL A 655 -8.99 -23.43 -3.72
C VAL A 655 -7.72 -23.70 -4.56
N ILE A 656 -6.69 -22.88 -4.34
CA ILE A 656 -5.40 -23.00 -5.03
C ILE A 656 -4.78 -24.40 -4.93
N ILE A 657 -4.85 -25.02 -3.76
CA ILE A 657 -4.32 -26.38 -3.59
C ILE A 657 -5.06 -27.38 -4.48
N GLN A 658 -6.38 -27.20 -4.61
CA GLN A 658 -7.24 -28.11 -5.34
C GLN A 658 -7.01 -28.07 -6.85
N LEU A 659 -6.69 -26.86 -7.33
CA LEU A 659 -6.36 -26.58 -8.72
C LEU A 659 -4.97 -27.03 -9.13
N VAL A 660 -3.96 -26.84 -8.26
CA VAL A 660 -2.61 -27.30 -8.58
C VAL A 660 -2.57 -28.82 -8.69
N GLU A 661 -3.38 -29.47 -7.86
CA GLU A 661 -3.56 -30.92 -7.89
C GLU A 661 -4.08 -31.39 -9.26
N MET A 662 -5.08 -30.67 -9.78
CA MET A 662 -5.69 -30.93 -11.11
C MET A 662 -4.71 -30.84 -12.30
N GLY A 663 -3.67 -30.02 -12.17
CA GLY A 663 -2.63 -29.91 -13.19
C GLY A 663 -2.34 -28.52 -13.70
N PHE A 664 -3.06 -27.53 -13.17
CA PHE A 664 -2.84 -26.13 -13.54
C PHE A 664 -1.60 -25.57 -12.83
N PRO A 665 -0.84 -24.70 -13.53
CA PRO A 665 0.37 -24.10 -12.95
C PRO A 665 0.06 -23.19 -11.76
N MET A 666 0.91 -23.23 -10.73
CA MET A 666 0.68 -22.45 -9.51
C MET A 666 0.40 -20.97 -9.79
N ASP A 667 1.17 -20.38 -10.71
CA ASP A 667 1.06 -18.94 -11.01
C ASP A 667 -0.31 -18.54 -11.56
N ALA A 668 -0.81 -19.28 -12.54
CA ALA A 668 -2.16 -19.07 -13.08
C ALA A 668 -3.24 -19.33 -12.01
N CYS A 669 -3.05 -20.38 -11.22
CA CYS A 669 -3.97 -20.74 -10.14
C CYS A 669 -4.14 -19.66 -9.07
N ARG A 670 -3.04 -18.95 -8.75
CA ARG A 670 -3.09 -17.85 -7.80
C ARG A 670 -3.94 -16.72 -8.37
N LYS A 671 -3.62 -16.30 -9.59
CA LYS A 671 -4.33 -15.22 -10.27
C LYS A 671 -5.82 -15.53 -10.45
N ALA A 672 -6.18 -16.81 -10.37
CA ALA A 672 -7.55 -17.27 -10.61
C ALA A 672 -8.48 -16.97 -9.43
N VAL A 673 -7.99 -17.22 -8.22
CA VAL A 673 -8.75 -16.98 -7.00
C VAL A 673 -8.89 -15.47 -6.78
N TYR A 674 -7.82 -14.73 -7.10
CA TYR A 674 -7.80 -13.28 -6.92
C TYR A 674 -8.76 -12.55 -7.85
N TYR A 675 -8.80 -12.95 -9.12
CA TYR A 675 -9.56 -12.20 -10.10
C TYR A 675 -11.04 -12.60 -10.18
N THR A 676 -11.41 -13.67 -9.48
CA THR A 676 -12.82 -14.04 -9.34
C THR A 676 -13.36 -13.62 -7.95
N GLY A 677 -12.49 -12.99 -7.15
CA GLY A 677 -12.83 -12.49 -5.82
C GLY A 677 -13.28 -13.57 -4.86
N ASN A 678 -12.47 -14.63 -4.73
CA ASN A 678 -12.72 -15.77 -3.82
C ASN A 678 -14.16 -16.30 -3.84
N SER A 679 -14.59 -16.80 -5.00
CA SER A 679 -15.97 -17.26 -5.16
C SER A 679 -16.06 -18.77 -5.19
N GLY A 680 -15.02 -19.45 -4.74
CA GLY A 680 -15.01 -20.92 -4.71
C GLY A 680 -14.34 -21.56 -5.90
N ALA A 681 -14.13 -22.87 -5.79
CA ALA A 681 -13.33 -23.64 -6.75
C ALA A 681 -13.81 -23.57 -8.20
N GLU A 682 -15.12 -23.72 -8.40
CA GLU A 682 -15.72 -23.69 -9.74
C GLU A 682 -15.32 -22.46 -10.56
N ALA A 683 -15.57 -21.27 -10.01
CA ALA A 683 -15.28 -20.01 -10.69
C ALA A 683 -13.79 -19.84 -11.00
N ALA A 684 -12.94 -20.35 -10.12
CA ALA A 684 -11.50 -20.29 -10.28
C ALA A 684 -11.01 -21.28 -11.34
N MET A 685 -11.67 -22.44 -11.43
CA MET A 685 -11.37 -23.44 -12.46
C MET A 685 -11.66 -22.84 -13.83
N ASN A 686 -12.76 -22.11 -13.93
CA ASN A 686 -13.18 -21.50 -15.18
C ASN A 686 -12.18 -20.47 -15.65
N TRP A 687 -11.68 -19.70 -14.68
CA TRP A 687 -10.71 -18.65 -14.94
C TRP A 687 -9.37 -19.19 -15.48
N VAL A 688 -8.77 -20.16 -14.80
CA VAL A 688 -7.50 -20.73 -15.29
C VAL A 688 -7.64 -21.32 -16.68
N MET A 689 -8.80 -21.89 -16.95
CA MET A 689 -9.06 -22.43 -18.27
C MET A 689 -9.09 -21.36 -19.37
N SER A 690 -9.61 -20.17 -19.06
CA SER A 690 -9.61 -19.04 -20.02
C SER A 690 -8.26 -18.35 -20.10
N HIS A 691 -7.56 -18.29 -18.97
CA HIS A 691 -6.50 -17.31 -18.80
C HIS A 691 -5.11 -17.87 -18.48
N MET A 692 -4.95 -19.20 -18.43
CA MET A 692 -3.63 -19.77 -18.07
C MET A 692 -2.51 -19.46 -19.06
N ASP A 693 -2.86 -19.27 -20.34
CA ASP A 693 -1.90 -19.04 -21.41
C ASP A 693 -1.54 -17.56 -21.56
N ASP A 694 -2.25 -16.71 -20.81
CA ASP A 694 -2.03 -15.27 -20.84
C ASP A 694 -0.59 -14.92 -20.43
N PRO A 695 -0.06 -13.78 -20.93
CA PRO A 695 1.23 -13.29 -20.47
C PRO A 695 1.12 -12.72 -19.05
N ASP A 696 2.18 -12.82 -18.26
CA ASP A 696 2.17 -12.40 -16.85
C ASP A 696 1.55 -11.03 -16.60
N PHE A 697 1.92 -10.07 -17.44
CA PHE A 697 1.52 -8.67 -17.26
C PHE A 697 0.04 -8.38 -17.54
N ALA A 698 -0.66 -9.37 -18.10
CA ALA A 698 -2.06 -9.21 -18.44
C ALA A 698 -2.97 -9.39 -17.22
N ASN A 699 -2.47 -10.13 -16.23
CA ASN A 699 -3.19 -10.35 -14.99
C ASN A 699 -2.20 -10.35 -13.84
N PRO A 700 -1.64 -9.17 -13.50
CA PRO A 700 -0.56 -9.17 -12.52
C PRO A 700 -1.07 -9.23 -11.09
N LEU A 701 -0.32 -9.87 -10.20
CA LEU A 701 -0.57 -9.72 -8.77
C LEU A 701 0.76 -9.59 -8.02
N ILE A 702 0.90 -8.49 -7.27
CA ILE A 702 2.18 -8.09 -6.68
C ILE A 702 2.75 -9.02 -5.59
N LEU A 703 1.93 -9.94 -5.08
CA LEU A 703 2.35 -11.02 -4.16
C LEU A 703 3.40 -10.61 -3.10
N PRO A 718 19.90 3.35 3.74
CA PRO A 718 20.32 4.66 4.24
C PRO A 718 21.16 5.39 3.21
N PRO A 719 20.91 6.71 3.03
CA PRO A 719 21.51 7.53 1.96
C PRO A 719 22.61 8.51 2.43
N PRO A 720 23.54 8.89 1.51
CA PRO A 720 24.67 9.83 1.74
C PRO A 720 24.42 11.28 1.32
N GLU A 721 24.97 12.22 2.10
CA GLU A 721 24.68 13.66 1.95
C GLU A 721 25.50 14.41 0.90
N ASP A 722 26.68 13.87 0.57
CA ASP A 722 27.48 14.39 -0.54
C ASP A 722 26.78 14.12 -1.88
N CYS A 723 26.05 13.00 -1.95
CA CYS A 723 25.25 12.67 -3.13
C CYS A 723 24.07 13.61 -3.30
N VAL A 724 23.25 13.72 -2.25
CA VAL A 724 22.05 14.57 -2.25
C VAL A 724 22.36 15.96 -2.82
N THR A 725 23.34 16.64 -2.22
CA THR A 725 23.70 18.01 -2.61
C THR A 725 24.18 18.13 -4.06
N THR A 726 24.78 17.06 -4.58
CA THR A 726 25.26 17.06 -5.97
C THR A 726 24.07 17.16 -6.92
N ILE A 727 23.01 16.41 -6.60
CA ILE A 727 21.79 16.40 -7.40
C ILE A 727 21.06 17.74 -7.29
N VAL A 728 20.82 18.18 -6.07
CA VAL A 728 20.14 19.46 -5.83
C VAL A 728 20.86 20.60 -6.58
N SER A 729 22.19 20.49 -6.69
CA SER A 729 22.99 21.47 -7.45
C SER A 729 22.73 21.44 -8.96
N MET A 730 22.20 20.32 -9.45
CA MET A 730 21.83 20.22 -10.85
C MET A 730 20.48 20.89 -11.14
N GLY A 731 19.80 21.34 -10.07
CA GLY A 731 18.56 22.14 -10.20
C GLY A 731 17.29 21.47 -9.74
N PHE A 732 17.40 20.58 -8.74
CA PHE A 732 16.27 19.82 -8.18
C PHE A 732 16.08 20.09 -6.69
N SER A 733 14.99 19.58 -6.12
CA SER A 733 14.71 19.73 -4.70
C SER A 733 15.40 18.62 -3.91
N ARG A 734 15.35 18.71 -2.58
CA ARG A 734 15.91 17.67 -1.71
C ARG A 734 15.06 16.41 -1.79
N ASP A 735 13.74 16.61 -1.75
CA ASP A 735 12.77 15.52 -1.85
C ASP A 735 12.93 14.74 -3.16
N GLN A 736 13.15 15.46 -4.24
CA GLN A 736 13.41 14.86 -5.55
C GLN A 736 14.71 14.05 -5.55
N ALA A 737 15.75 14.58 -4.92
CA ALA A 737 17.04 13.90 -4.86
C ALA A 737 16.92 12.60 -4.10
N LEU A 738 16.21 12.64 -2.97
CA LEU A 738 16.05 11.47 -2.14
C LEU A 738 15.33 10.35 -2.88
N LYS A 739 14.25 10.69 -3.59
CA LYS A 739 13.46 9.73 -4.36
C LYS A 739 14.33 8.99 -5.38
N ALA A 740 15.15 9.76 -6.11
CA ALA A 740 16.03 9.24 -7.14
C ALA A 740 16.99 8.19 -6.58
N LEU A 741 17.71 8.55 -5.53
CA LEU A 741 18.66 7.64 -4.88
C LEU A 741 17.98 6.38 -4.33
N ARG A 742 16.81 6.55 -3.70
CA ARG A 742 16.03 5.43 -3.15
C ARG A 742 15.42 4.52 -4.24
N ALA A 743 15.33 5.03 -5.46
CA ALA A 743 14.89 4.23 -6.60
C ALA A 743 16.06 3.52 -7.28
N THR A 744 17.26 4.09 -7.13
CA THR A 744 18.43 3.61 -7.84
C THR A 744 19.45 2.95 -6.91
N ASN A 745 18.95 2.26 -5.89
CA ASN A 745 19.79 1.51 -4.93
C ASN A 745 21.02 2.32 -4.49
N ASN A 746 20.80 3.62 -4.30
CA ASN A 746 21.82 4.60 -3.85
C ASN A 746 23.01 4.86 -4.80
N SER A 747 22.82 4.58 -6.08
CA SER A 747 23.85 4.83 -7.11
C SER A 747 23.69 6.21 -7.73
N LEU A 748 24.74 7.03 -7.64
CA LEU A 748 24.69 8.41 -8.12
C LEU A 748 24.34 8.54 -9.61
N GLU A 749 25.15 7.94 -10.49
CA GLU A 749 24.94 8.08 -11.92
C GLU A 749 23.51 7.69 -12.33
N ARG A 750 23.03 6.55 -11.83
CA ARG A 750 21.70 6.05 -12.14
C ARG A 750 20.61 6.96 -11.59
N ALA A 751 20.84 7.50 -10.39
CA ALA A 751 19.92 8.43 -9.77
C ALA A 751 19.72 9.66 -10.65
N VAL A 752 20.82 10.20 -11.18
CA VAL A 752 20.78 11.31 -12.14
C VAL A 752 19.97 10.97 -13.42
N ASP A 753 20.20 9.79 -13.97
CA ASP A 753 19.39 9.29 -15.08
C ASP A 753 17.91 9.19 -14.70
N TRP A 754 17.68 8.83 -13.44
CA TRP A 754 16.35 8.65 -12.92
C TRP A 754 15.54 9.96 -12.90
N ILE A 755 16.07 11.00 -12.23
CA ILE A 755 15.30 12.24 -12.04
C ILE A 755 15.03 12.96 -13.34
N PHE A 756 16.01 12.94 -14.25
CA PHE A 756 15.84 13.59 -15.53
C PHE A 756 14.73 12.94 -16.32
N SER A 757 14.67 11.62 -16.25
CA SER A 757 13.66 10.88 -17.01
C SER A 757 12.32 10.87 -16.27
N HIS A 758 12.34 11.24 -15.00
CA HIS A 758 11.17 11.21 -14.15
C HIS A 758 10.55 12.57 -13.77
N ILE A 759 11.31 13.68 -13.83
CA ILE A 759 10.79 15.00 -13.38
C ILE A 759 9.44 15.41 -13.95
N ASP A 760 9.28 15.25 -15.27
CA ASP A 760 8.05 15.64 -15.96
C ASP A 760 6.82 14.97 -15.35
N ASP A 761 7.00 13.73 -14.89
CA ASP A 761 5.96 13.01 -14.15
C ASP A 761 5.80 13.54 -12.74
N LEU A 762 6.90 13.83 -12.05
CA LEU A 762 6.85 14.36 -10.69
C LEU A 762 6.18 15.74 -10.60
N ASP A 763 6.35 16.55 -11.64
CA ASP A 763 5.66 17.85 -11.75
C ASP A 763 4.15 17.70 -11.92
N ALA A 764 3.72 16.62 -12.58
CA ALA A 764 2.29 16.34 -12.77
C ALA A 764 1.62 15.81 -11.49
N GLU A 765 2.44 15.37 -10.53
CA GLU A 765 1.97 15.05 -9.19
C GLU A 765 1.93 16.30 -8.33
N ALA A 766 2.81 17.26 -8.65
CA ALA A 766 2.78 18.59 -8.05
C ALA A 766 1.54 19.35 -8.51
N ALA A 767 1.17 19.17 -9.78
CA ALA A 767 -0.03 19.75 -10.37
C ALA A 767 -1.31 19.10 -9.83
N MET A 768 -1.19 17.82 -9.46
CA MET A 768 -2.25 17.06 -8.80
C MET A 768 -2.33 17.46 -7.33
N ASP A 769 -3.41 18.18 -6.97
CA ASP A 769 -3.60 18.68 -5.60
C ASP A 769 -4.96 18.31 -5.01
N PRO A 788 7.14 18.23 -20.57
CA PRO A 788 8.37 18.84 -21.15
C PRO A 788 8.06 20.01 -22.08
N LYS A 789 8.82 21.10 -21.94
CA LYS A 789 8.65 22.29 -22.79
C LYS A 789 9.16 21.99 -24.19
N VAL A 790 8.31 22.24 -25.18
CA VAL A 790 8.71 22.14 -26.58
C VAL A 790 8.20 23.37 -27.33
N ARG A 791 8.97 23.80 -28.30
CA ARG A 791 8.60 24.89 -29.16
C ARG A 791 7.86 24.33 -30.35
N ASP A 792 6.68 24.86 -30.65
CA ASP A 792 5.97 24.37 -31.81
C ASP A 792 6.05 25.38 -32.95
N GLY A 793 5.55 25.00 -34.12
CA GLY A 793 5.57 25.83 -35.31
C GLY A 793 5.13 25.01 -36.50
N PRO A 794 5.07 25.62 -37.70
CA PRO A 794 4.74 24.84 -38.91
C PRO A 794 5.87 23.87 -39.22
N GLY A 795 5.55 22.74 -39.85
CA GLY A 795 6.56 21.78 -40.28
C GLY A 795 7.01 22.06 -41.71
N LYS A 796 7.58 23.24 -41.91
CA LYS A 796 7.93 23.76 -43.22
C LYS A 796 9.38 24.25 -43.08
N TYR A 797 10.31 23.60 -43.80
CA TYR A 797 11.76 23.76 -43.54
C TYR A 797 12.62 24.11 -44.75
N GLN A 798 13.80 24.63 -44.46
CA GLN A 798 14.87 24.81 -45.44
C GLN A 798 16.16 24.15 -44.94
N LEU A 799 16.87 23.48 -45.86
CA LEU A 799 18.11 22.81 -45.51
C LEU A 799 19.11 23.83 -45.01
N PHE A 800 19.72 23.55 -43.86
CA PHE A 800 20.60 24.50 -43.22
C PHE A 800 22.02 23.95 -43.18
N ALA A 801 22.17 22.70 -42.73
CA ALA A 801 23.48 22.05 -42.61
C ALA A 801 23.38 20.53 -42.70
N PHE A 802 24.44 19.87 -43.13
CA PHE A 802 24.48 18.42 -43.02
C PHE A 802 25.88 17.88 -42.72
N ILE A 803 25.92 16.78 -41.96
CA ILE A 803 27.18 16.14 -41.58
C ILE A 803 27.31 14.85 -42.38
N SER A 804 28.46 14.67 -43.02
CA SER A 804 28.63 13.64 -44.03
C SER A 804 29.70 12.66 -43.58
N HIS A 805 29.39 11.36 -43.62
CA HIS A 805 30.35 10.30 -43.30
C HIS A 805 30.89 9.73 -44.59
N MET A 806 32.18 9.88 -44.82
CA MET A 806 32.75 9.47 -46.10
C MET A 806 33.43 8.11 -45.98
N GLY A 807 33.20 7.24 -46.96
CA GLY A 807 33.82 5.92 -47.02
C GLY A 807 32.82 4.82 -47.27
N THR A 808 33.28 3.58 -47.39
CA THR A 808 32.36 2.45 -47.62
C THR A 808 32.19 1.59 -46.37
N SER A 809 33.02 1.88 -45.38
CA SER A 809 33.07 1.09 -44.17
C SER A 809 32.24 1.70 -43.03
N THR A 810 31.70 0.81 -42.22
CA THR A 810 31.10 1.14 -40.96
C THR A 810 32.16 1.54 -39.96
N MET A 811 33.35 1.03 -40.13
CA MET A 811 34.32 1.01 -39.03
C MET A 811 35.35 2.11 -39.09
N CYS A 812 35.53 2.67 -40.28
CA CYS A 812 36.49 3.72 -40.56
C CYS A 812 35.75 4.72 -41.41
N GLY A 813 36.30 5.92 -41.54
CA GLY A 813 35.73 6.93 -42.42
C GLY A 813 36.29 8.28 -42.05
N HIS A 814 35.87 9.29 -42.80
CA HIS A 814 36.16 10.67 -42.43
C HIS A 814 34.85 11.45 -42.37
N TYR A 815 34.74 12.37 -41.41
CA TYR A 815 33.60 13.27 -41.26
C TYR A 815 33.93 14.69 -41.67
N VAL A 816 33.01 15.30 -42.40
CA VAL A 816 33.06 16.72 -42.72
C VAL A 816 31.65 17.24 -42.52
N CYS A 817 31.48 18.56 -42.47
CA CYS A 817 30.12 19.10 -42.55
C CYS A 817 30.02 20.26 -43.52
N HIS A 818 28.83 20.40 -44.12
CA HIS A 818 28.47 21.57 -44.91
C HIS A 818 27.40 22.40 -44.19
N ILE A 819 27.63 23.71 -44.16
CA ILE A 819 26.76 24.65 -43.50
C ILE A 819 26.46 25.81 -44.43
N LYS A 820 25.18 26.16 -44.54
CA LYS A 820 24.77 27.28 -45.37
C LYS A 820 24.83 28.55 -44.52
N LYS A 821 25.70 29.47 -44.93
CA LYS A 821 25.93 30.73 -44.21
C LYS A 821 25.92 31.90 -45.19
N GLU A 822 25.37 33.05 -44.77
CA GLU A 822 25.26 34.26 -45.62
C GLU A 822 24.68 33.98 -47.03
N GLY A 823 23.76 33.03 -47.12
CA GLY A 823 23.23 32.61 -48.42
C GLY A 823 24.06 31.60 -49.19
N ARG A 824 25.27 31.29 -48.73
CA ARG A 824 26.18 30.44 -49.51
C ARG A 824 26.77 29.24 -48.73
N TRP A 825 26.89 28.10 -49.41
CA TRP A 825 27.34 26.86 -48.81
C TRP A 825 28.84 26.83 -48.54
N VAL A 826 29.18 26.22 -47.41
CA VAL A 826 30.53 26.19 -46.90
C VAL A 826 30.84 24.81 -46.37
N ILE A 827 32.00 24.27 -46.75
CA ILE A 827 32.48 22.99 -46.21
C ILE A 827 33.51 23.27 -45.11
N TYR A 828 33.38 22.54 -44.02
CA TYR A 828 34.32 22.59 -42.92
C TYR A 828 34.96 21.22 -42.77
N ASN A 829 36.17 21.09 -43.29
CA ASN A 829 36.95 19.85 -43.19
C ASN A 829 38.09 20.08 -42.23
N ASP A 830 37.88 19.73 -40.97
CA ASP A 830 38.83 19.98 -39.93
C ASP A 830 39.42 21.38 -40.06
N GLN A 831 40.71 21.46 -40.42
N GLN A 831 40.70 21.48 -40.42
CA GLN A 831 41.44 22.72 -40.53
CA GLN A 831 41.37 22.78 -40.50
C GLN A 831 40.98 23.56 -41.74
C GLN A 831 40.99 23.57 -41.76
N LYS A 832 40.45 22.88 -42.76
CA LYS A 832 40.13 23.50 -44.04
C LYS A 832 38.68 23.99 -44.13
N VAL A 833 38.52 25.28 -44.41
CA VAL A 833 37.20 25.90 -44.54
C VAL A 833 37.06 26.60 -45.89
N CYS A 834 36.19 26.07 -46.74
CA CYS A 834 36.06 26.56 -48.10
C CYS A 834 34.62 26.73 -48.52
N ALA A 835 34.40 27.71 -49.40
CA ALA A 835 33.15 27.86 -50.13
C ALA A 835 33.01 26.67 -51.05
N SER A 836 31.90 25.96 -50.97
CA SER A 836 31.60 24.92 -51.94
C SER A 836 30.40 25.39 -52.75
N GLU A 837 30.44 25.12 -54.06
CA GLU A 837 29.33 25.53 -54.90
C GLU A 837 28.32 24.41 -55.15
N LYS A 838 28.83 23.19 -55.13
CA LYS A 838 28.09 21.97 -55.51
C LYS A 838 27.93 21.01 -54.31
N PRO A 839 27.20 21.44 -53.26
CA PRO A 839 27.23 20.66 -52.02
C PRO A 839 26.65 19.27 -52.26
N PRO A 840 27.38 18.23 -51.82
CA PRO A 840 26.90 16.89 -52.09
C PRO A 840 25.74 16.50 -51.16
N LYS A 841 24.62 17.20 -51.25
CA LYS A 841 23.49 17.02 -50.32
C LYS A 841 22.80 15.65 -50.42
N ASP A 842 23.36 14.77 -51.25
CA ASP A 842 22.79 13.46 -51.45
C ASP A 842 23.61 12.37 -50.80
N LEU A 843 24.81 12.71 -50.34
CA LEU A 843 25.68 11.74 -49.66
C LEU A 843 25.74 11.95 -48.13
N GLY A 844 25.00 12.93 -47.61
CA GLY A 844 25.08 13.28 -46.20
C GLY A 844 24.57 12.19 -45.26
N TYR A 845 24.83 12.35 -43.96
CA TYR A 845 24.47 11.35 -42.94
C TYR A 845 23.48 11.93 -41.92
N ILE A 846 23.86 13.00 -41.25
CA ILE A 846 22.96 13.74 -40.38
C ILE A 846 22.65 15.13 -40.95
N TYR A 847 21.35 15.40 -41.13
CA TYR A 847 20.85 16.61 -41.76
C TYR A 847 20.15 17.54 -40.76
N PHE A 848 20.33 18.84 -40.99
CA PHE A 848 19.77 19.90 -40.13
C PHE A 848 18.90 20.84 -40.97
N TYR A 849 17.62 20.86 -40.65
CA TYR A 849 16.67 21.67 -41.34
C TYR A 849 16.17 22.80 -40.44
N GLN A 850 16.30 24.04 -40.92
CA GLN A 850 15.87 25.23 -40.19
C GLN A 850 14.45 25.61 -40.59
N ARG A 851 13.61 25.96 -39.61
CA ARG A 851 12.21 26.28 -39.88
C ARG A 851 12.06 27.62 -40.60
N VAL A 852 11.08 27.75 -41.49
CA VAL A 852 10.88 29.03 -42.17
C VAL A 852 10.00 29.97 -41.31
N ALA A 853 10.28 31.27 -41.43
CA ALA A 853 9.50 32.32 -40.74
C ALA A 853 7.96 32.24 -40.90
N MET B 20 -50.88 -60.77 4.58
CA MET B 20 -49.69 -61.26 5.34
C MET B 20 -48.95 -60.08 6.01
N ALA B 21 -48.99 -60.04 7.35
CA ALA B 21 -48.49 -58.88 8.10
C ALA B 21 -47.02 -58.98 8.54
N GLU B 22 -46.40 -57.81 8.74
CA GLU B 22 -45.02 -57.70 9.22
C GLU B 22 -44.97 -58.21 10.67
N LEU B 23 -44.43 -59.42 10.84
CA LEU B 23 -44.09 -59.95 12.16
C LEU B 23 -43.21 -58.95 12.89
N SER B 24 -43.36 -58.88 14.20
CA SER B 24 -42.58 -57.95 14.99
C SER B 24 -41.10 -58.32 14.96
N GLU B 25 -40.78 -59.60 15.10
CA GLU B 25 -39.39 -60.06 15.03
C GLU B 25 -38.71 -59.51 13.77
N GLU B 26 -39.36 -59.65 12.62
CA GLU B 26 -38.86 -59.10 11.37
C GLU B 26 -38.54 -57.61 11.48
N ALA B 27 -39.53 -56.82 11.90
CA ALA B 27 -39.40 -55.36 11.96
C ALA B 27 -38.31 -54.89 12.92
N LEU B 28 -38.05 -55.68 13.95
CA LEU B 28 -37.09 -55.32 14.95
C LEU B 28 -35.68 -55.66 14.46
N LEU B 29 -35.48 -56.92 14.07
CA LEU B 29 -34.21 -57.30 13.49
C LEU B 29 -33.79 -56.32 12.38
N SER B 30 -34.74 -55.82 11.60
CA SER B 30 -34.36 -54.90 10.53
C SER B 30 -33.97 -53.49 11.01
N VAL B 31 -34.35 -53.12 12.23
CA VAL B 31 -34.07 -51.77 12.72
C VAL B 31 -32.99 -51.71 13.79
N LEU B 32 -32.51 -52.89 14.19
CA LEU B 32 -31.52 -53.01 15.27
C LEU B 32 -30.27 -52.11 15.14
N PRO B 33 -29.75 -51.93 13.90
CA PRO B 33 -28.58 -51.06 13.79
C PRO B 33 -28.83 -49.60 14.21
N THR B 34 -30.09 -49.18 14.25
CA THR B 34 -30.41 -47.81 14.61
C THR B 34 -30.70 -47.67 16.09
N ILE B 35 -30.49 -48.72 16.86
CA ILE B 35 -30.57 -48.61 18.32
C ILE B 35 -29.16 -48.38 18.88
N ARG B 36 -28.86 -47.13 19.23
CA ARG B 36 -27.64 -46.83 20.01
C ARG B 36 -27.96 -47.03 21.50
N VAL B 37 -26.92 -47.21 22.30
CA VAL B 37 -27.05 -47.41 23.73
C VAL B 37 -26.29 -46.29 24.46
N PRO B 38 -27.03 -45.45 25.20
CA PRO B 38 -26.52 -44.25 25.87
C PRO B 38 -25.37 -44.51 26.86
N LYS B 39 -24.32 -43.71 26.73
CA LYS B 39 -23.21 -43.72 27.68
C LYS B 39 -23.34 -42.53 28.63
N ALA B 40 -22.42 -42.44 29.58
CA ALA B 40 -22.42 -41.40 30.63
C ALA B 40 -22.51 -39.98 30.06
N GLY B 41 -21.75 -39.71 28.99
CA GLY B 41 -21.74 -38.39 28.35
C GLY B 41 -23.03 -37.99 27.63
N ASP B 42 -23.88 -38.97 27.33
CA ASP B 42 -24.98 -38.78 26.38
C ASP B 42 -26.23 -38.06 26.91
N ARG B 43 -26.71 -37.09 26.15
CA ARG B 43 -27.94 -36.36 26.49
C ARG B 43 -29.17 -37.14 26.04
N VAL B 44 -30.01 -37.52 27.00
CA VAL B 44 -31.22 -38.29 26.72
C VAL B 44 -32.47 -37.52 27.12
N HIS B 45 -33.23 -37.11 26.11
CA HIS B 45 -34.38 -36.23 26.26
C HIS B 45 -35.67 -36.99 26.54
N LYS B 46 -35.77 -37.58 27.73
CA LYS B 46 -36.96 -38.30 28.16
C LYS B 46 -38.03 -37.36 28.73
N ASP B 47 -37.68 -36.11 29.00
CA ASP B 47 -38.56 -35.30 29.82
C ASP B 47 -39.49 -34.38 29.03
N GLU B 48 -39.09 -34.03 27.81
CA GLU B 48 -39.83 -33.06 27.01
C GLU B 48 -39.56 -33.22 25.52
N CYS B 49 -40.64 -33.09 24.74
CA CYS B 49 -40.62 -33.12 23.28
C CYS B 49 -39.74 -32.01 22.66
N ALA B 50 -38.93 -32.34 21.65
CA ALA B 50 -38.10 -31.33 20.99
C ALA B 50 -38.91 -30.23 20.35
N PHE B 51 -40.10 -30.57 19.85
CA PHE B 51 -40.92 -29.63 19.09
C PHE B 51 -42.03 -28.93 19.88
N SER B 52 -42.43 -29.52 21.01
CA SER B 52 -43.56 -29.01 21.78
C SER B 52 -43.33 -29.21 23.28
N PHE B 53 -44.32 -28.79 24.09
CA PHE B 53 -44.23 -28.90 25.54
C PHE B 53 -44.75 -30.24 26.10
N ASP B 54 -45.01 -31.19 25.21
CA ASP B 54 -45.43 -32.52 25.61
C ASP B 54 -44.39 -33.21 26.49
N THR B 55 -44.90 -34.11 27.35
CA THR B 55 -44.17 -34.75 28.43
C THR B 55 -44.75 -36.16 28.54
N PRO B 56 -43.97 -37.12 29.08
CA PRO B 56 -44.54 -38.46 29.32
C PRO B 56 -45.90 -38.43 30.00
N GLU B 57 -46.18 -37.39 30.78
CA GLU B 57 -47.45 -37.26 31.48
C GLU B 57 -48.58 -36.79 30.59
N SER B 58 -48.29 -36.40 29.35
CA SER B 58 -49.35 -35.97 28.42
C SER B 58 -50.07 -37.22 27.94
N GLU B 59 -51.34 -37.07 27.55
CA GLU B 59 -52.03 -38.15 26.82
C GLU B 59 -51.25 -38.25 25.52
N GLY B 60 -50.95 -39.47 25.06
CA GLY B 60 -50.06 -39.62 23.89
C GLY B 60 -48.62 -39.91 24.25
N GLY B 61 -48.19 -39.47 25.43
CA GLY B 61 -46.86 -39.80 25.93
C GLY B 61 -45.72 -39.19 25.13
N LEU B 62 -44.56 -39.84 25.21
CA LEU B 62 -43.36 -39.36 24.55
C LEU B 62 -42.61 -40.51 23.91
N TYR B 63 -42.24 -40.31 22.66
CA TYR B 63 -41.48 -41.26 21.88
C TYR B 63 -40.03 -40.86 21.88
N ILE B 64 -39.17 -41.72 22.38
CA ILE B 64 -37.75 -41.43 22.37
C ILE B 64 -37.02 -42.15 21.25
N CYS B 65 -36.26 -41.39 20.47
CA CYS B 65 -35.47 -41.98 19.40
C CYS B 65 -34.43 -42.87 20.02
N MET B 66 -34.42 -44.14 19.66
CA MET B 66 -33.43 -45.04 20.23
C MET B 66 -32.10 -44.87 19.53
N ASN B 67 -32.01 -43.90 18.64
CA ASN B 67 -30.74 -43.60 18.01
C ASN B 67 -30.10 -42.31 18.50
N THR B 68 -30.87 -41.23 18.55
CA THR B 68 -30.33 -39.93 18.95
C THR B 68 -30.68 -39.64 20.40
N PHE B 69 -31.69 -40.34 20.91
CA PHE B 69 -32.18 -40.19 22.27
C PHE B 69 -32.99 -38.91 22.45
N LEU B 70 -33.48 -38.39 21.32
CA LEU B 70 -34.34 -37.21 21.35
C LEU B 70 -35.75 -37.71 21.58
N GLY B 71 -36.56 -36.93 22.29
CA GLY B 71 -37.96 -37.27 22.53
C GLY B 71 -38.90 -36.44 21.69
N PHE B 72 -40.08 -36.99 21.39
CA PHE B 72 -41.09 -36.33 20.57
C PHE B 72 -42.47 -36.71 21.07
N GLY B 73 -43.38 -35.76 21.05
CA GLY B 73 -44.79 -36.00 21.41
C GLY B 73 -45.51 -36.79 20.33
N LYS B 74 -46.72 -37.26 20.63
CA LYS B 74 -47.51 -38.02 19.65
C LYS B 74 -47.54 -37.30 18.30
N GLN B 75 -47.82 -36.01 18.33
CA GLN B 75 -48.05 -35.28 17.09
C GLN B 75 -46.77 -34.87 16.38
N TYR B 76 -45.64 -35.42 16.79
CA TYR B 76 -44.38 -34.97 16.25
C TYR B 76 -43.40 -36.07 15.84
N VAL B 77 -43.66 -37.31 16.23
CA VAL B 77 -42.69 -38.38 15.93
C VAL B 77 -42.53 -38.51 14.44
N GLU B 78 -43.65 -38.42 13.74
CA GLU B 78 -43.72 -38.70 12.32
C GLU B 78 -42.83 -37.73 11.57
N ARG B 79 -42.68 -36.53 12.14
CA ARG B 79 -41.76 -35.53 11.65
C ARG B 79 -40.34 -36.10 11.62
N HIS B 80 -39.88 -36.64 12.76
CA HIS B 80 -38.55 -37.24 12.85
C HIS B 80 -38.44 -38.42 11.91
N PHE B 81 -39.45 -39.30 11.97
CA PHE B 81 -39.46 -40.47 11.13
C PHE B 81 -39.30 -40.07 9.66
N ASN B 82 -40.09 -39.10 9.22
CA ASN B 82 -39.99 -38.61 7.85
C ASN B 82 -38.65 -37.99 7.46
N LYS B 83 -38.10 -37.15 8.33
CA LYS B 83 -36.89 -36.43 8.01
C LYS B 83 -35.68 -37.32 8.05
N THR B 84 -35.66 -38.22 9.03
CA THR B 84 -34.44 -38.90 9.43
C THR B 84 -34.46 -40.39 9.19
N GLY B 85 -35.66 -40.94 8.99
CA GLY B 85 -35.85 -42.35 8.70
C GLY B 85 -35.83 -43.28 9.90
N GLN B 86 -35.79 -42.73 11.11
CA GLN B 86 -35.74 -43.56 12.30
C GLN B 86 -37.09 -44.20 12.54
N ARG B 87 -37.09 -45.51 12.76
CA ARG B 87 -38.33 -46.25 12.98
C ARG B 87 -38.60 -46.63 14.44
N VAL B 88 -37.56 -46.99 15.20
CA VAL B 88 -37.76 -47.46 16.59
C VAL B 88 -37.72 -46.34 17.60
N TYR B 89 -38.67 -46.39 18.53
CA TYR B 89 -38.76 -45.39 19.59
C TYR B 89 -39.08 -46.11 20.86
N LEU B 90 -38.41 -45.76 21.96
CA LEU B 90 -38.89 -46.20 23.27
C LEU B 90 -39.96 -45.23 23.70
N HIS B 91 -41.17 -45.72 23.91
CA HIS B 91 -42.32 -44.87 24.22
C HIS B 91 -42.58 -44.83 25.72
N LEU B 92 -42.58 -43.63 26.29
CA LEU B 92 -42.92 -43.44 27.70
C LEU B 92 -44.29 -42.80 27.89
N ARG B 93 -45.04 -43.33 28.84
CA ARG B 93 -46.25 -42.67 29.31
C ARG B 93 -46.20 -42.71 30.82
N ARG B 94 -46.41 -41.56 31.45
CA ARG B 94 -46.44 -41.45 32.90
C ARG B 94 -47.83 -41.10 33.41
N THR B 95 -48.16 -41.67 34.57
CA THR B 95 -49.43 -41.44 35.28
C THR B 95 -49.40 -42.03 36.70
N ASP B 136 -46.68 -43.54 37.97
CA ASP B 136 -46.70 -44.85 37.31
C ASP B 136 -46.23 -44.78 35.85
N GLU B 137 -45.01 -45.24 35.57
CA GLU B 137 -44.51 -45.20 34.19
C GLU B 137 -44.65 -46.53 33.47
N ASP B 138 -45.25 -46.44 32.30
CA ASP B 138 -45.51 -47.60 31.47
C ASP B 138 -44.71 -47.37 30.18
N VAL B 139 -43.90 -48.36 29.81
CA VAL B 139 -42.98 -48.23 28.67
C VAL B 139 -43.11 -49.36 27.64
N LYS B 140 -43.18 -48.99 26.37
CA LYS B 140 -43.18 -49.96 25.27
C LYS B 140 -42.26 -49.51 24.12
N ILE B 141 -41.90 -50.45 23.26
CA ILE B 141 -41.06 -50.17 22.11
C ILE B 141 -41.99 -50.10 20.91
N VAL B 142 -41.86 -49.04 20.09
CA VAL B 142 -42.77 -48.82 18.99
C VAL B 142 -42.01 -48.64 17.68
N ILE B 143 -42.52 -49.21 16.59
CA ILE B 143 -41.83 -49.17 15.31
C ILE B 143 -42.69 -48.54 14.20
N LEU B 144 -42.26 -47.39 13.71
CA LEU B 144 -42.98 -46.73 12.65
C LEU B 144 -42.64 -47.34 11.28
N PRO B 145 -43.53 -47.19 10.29
CA PRO B 145 -44.74 -46.38 10.28
C PRO B 145 -46.03 -47.09 10.69
N ASP B 146 -45.98 -48.38 10.95
CA ASP B 146 -47.21 -49.10 11.36
C ASP B 146 -47.51 -49.07 12.87
N TYR B 147 -46.63 -48.45 13.67
CA TYR B 147 -46.81 -48.38 15.13
C TYR B 147 -46.98 -49.78 15.74
N LEU B 148 -45.94 -50.57 15.58
CA LEU B 148 -45.91 -51.90 16.10
C LEU B 148 -45.37 -51.82 17.52
N GLU B 149 -46.11 -52.37 18.49
CA GLU B 149 -45.76 -52.28 19.91
C GLU B 149 -45.18 -53.59 20.44
N ILE B 150 -43.98 -53.52 21.00
CA ILE B 150 -43.33 -54.67 21.59
C ILE B 150 -43.04 -54.36 23.06
N ALA B 151 -43.27 -55.33 23.94
CA ALA B 151 -43.03 -55.10 25.35
C ALA B 151 -41.55 -55.16 25.62
N ARG B 152 -41.11 -54.57 26.73
CA ARG B 152 -39.74 -54.77 27.23
C ARG B 152 -39.39 -56.24 27.33
N ASP B 153 -40.33 -57.02 27.85
CA ASP B 153 -40.13 -58.43 28.17
C ASP B 153 -40.78 -59.35 27.13
N GLY B 154 -40.95 -58.83 25.93
CA GLY B 154 -41.49 -59.61 24.82
C GLY B 154 -40.47 -59.94 23.75
N LEU B 155 -39.23 -60.22 24.17
CA LEU B 155 -38.12 -60.45 23.23
C LEU B 155 -37.72 -61.94 23.14
N GLY B 156 -38.62 -62.83 23.56
CA GLY B 156 -38.29 -64.22 23.83
C GLY B 156 -37.66 -65.07 22.72
N GLY B 157 -38.14 -64.93 21.50
CA GLY B 157 -37.67 -65.87 20.48
C GLY B 157 -36.41 -65.48 19.76
N LEU B 158 -35.87 -64.33 20.12
CA LEU B 158 -34.83 -63.71 19.35
C LEU B 158 -33.44 -64.18 19.78
N PRO B 159 -32.45 -64.06 18.87
CA PRO B 159 -31.06 -64.41 19.19
C PRO B 159 -30.64 -63.65 20.43
N ASP B 160 -29.95 -64.35 21.33
CA ASP B 160 -29.56 -63.77 22.61
C ASP B 160 -28.87 -62.42 22.48
N ILE B 161 -28.03 -62.31 21.45
CA ILE B 161 -27.33 -61.07 21.19
C ILE B 161 -28.27 -59.87 20.96
N VAL B 162 -29.42 -60.08 20.32
CA VAL B 162 -30.34 -58.94 20.10
C VAL B 162 -31.23 -58.60 21.31
N ARG B 163 -31.60 -59.63 22.08
CA ARG B 163 -32.23 -59.43 23.38
C ARG B 163 -31.39 -58.52 24.26
N ASP B 164 -30.12 -58.89 24.44
CA ASP B 164 -29.22 -58.12 25.28
C ASP B 164 -29.09 -56.71 24.79
N ARG B 165 -28.98 -56.55 23.48
CA ARG B 165 -28.73 -55.26 22.89
C ARG B 165 -29.90 -54.34 23.15
N VAL B 166 -31.10 -54.85 22.87
CA VAL B 166 -32.33 -54.08 23.04
C VAL B 166 -32.54 -53.72 24.49
N THR B 167 -32.42 -54.67 25.40
CA THR B 167 -32.67 -54.36 26.81
C THR B 167 -31.60 -53.47 27.41
N SER B 168 -30.36 -53.62 26.94
CA SER B 168 -29.27 -52.74 27.34
C SER B 168 -29.61 -51.30 27.04
N ALA B 169 -30.14 -51.06 25.84
CA ALA B 169 -30.49 -49.70 25.42
C ALA B 169 -31.67 -49.16 26.22
N VAL B 170 -32.71 -49.97 26.38
CA VAL B 170 -33.86 -49.55 27.15
C VAL B 170 -33.40 -49.18 28.55
N GLU B 171 -32.60 -50.04 29.16
CA GLU B 171 -32.20 -49.84 30.56
C GLU B 171 -31.43 -48.55 30.73
N ALA B 172 -30.56 -48.28 29.75
CA ALA B 172 -29.70 -47.10 29.78
C ALA B 172 -30.54 -45.85 29.60
N LEU B 173 -31.52 -45.91 28.69
CA LEU B 173 -32.43 -44.81 28.44
C LEU B 173 -33.20 -44.42 29.68
N LEU B 174 -33.48 -45.40 30.54
CA LEU B 174 -34.24 -45.15 31.76
C LEU B 174 -33.38 -44.76 32.97
N SER B 175 -32.10 -44.47 32.73
CA SER B 175 -31.23 -43.90 33.77
C SER B 175 -30.42 -42.67 33.30
N VAL B 192 -35.95 -37.13 58.35
CA VAL B 192 -36.64 -36.16 59.21
C VAL B 192 -35.67 -35.60 60.25
N ARG B 193 -35.61 -34.27 60.34
CA ARG B 193 -34.66 -33.54 61.20
C ARG B 193 -35.18 -33.32 62.61
N GLN B 194 -34.34 -33.59 63.61
CA GLN B 194 -34.68 -33.26 64.99
C GLN B 194 -34.44 -31.74 65.23
N VAL B 195 -35.05 -31.17 66.27
CA VAL B 195 -34.74 -29.77 66.61
C VAL B 195 -33.42 -29.66 67.39
N SER B 196 -32.66 -28.63 67.05
CA SER B 196 -31.34 -28.38 67.59
C SER B 196 -31.35 -28.21 69.10
N LYS B 197 -30.29 -28.70 69.73
CA LYS B 197 -30.07 -28.56 71.17
C LYS B 197 -29.68 -27.12 71.52
N HIS B 198 -29.63 -26.26 70.50
CA HIS B 198 -29.13 -24.88 70.61
C HIS B 198 -30.14 -23.86 70.13
N ALA B 199 -31.28 -24.31 69.62
CA ALA B 199 -32.28 -23.40 69.07
C ALA B 199 -32.78 -22.40 70.12
N PHE B 200 -32.84 -22.83 71.38
CA PHE B 200 -33.41 -22.00 72.42
C PHE B 200 -32.39 -21.29 73.30
N SER B 201 -31.20 -21.88 73.38
CA SER B 201 -30.13 -21.33 74.20
C SER B 201 -29.22 -20.37 73.43
N LEU B 202 -29.38 -20.33 72.12
CA LEU B 202 -28.53 -19.54 71.22
C LEU B 202 -28.35 -18.11 71.69
N LYS B 203 -27.10 -17.66 71.72
CA LYS B 203 -26.78 -16.25 71.98
C LYS B 203 -26.72 -15.53 70.65
N GLN B 204 -27.29 -14.34 70.56
CA GLN B 204 -27.09 -13.53 69.38
C GLN B 204 -26.41 -12.24 69.77
N LEU B 205 -25.39 -11.81 69.01
CA LEU B 205 -24.62 -10.62 69.36
C LEU B 205 -25.36 -9.31 69.11
N ASP B 206 -25.08 -8.32 69.94
CA ASP B 206 -25.59 -6.95 69.76
C ASP B 206 -24.99 -6.33 68.50
N ASN B 207 -25.54 -5.17 68.11
CA ASN B 207 -25.11 -4.46 66.91
C ASN B 207 -25.07 -5.37 65.68
N PRO B 208 -26.13 -6.18 65.47
CA PRO B 208 -26.05 -7.04 64.30
C PRO B 208 -26.09 -6.20 63.02
N ALA B 209 -25.41 -6.67 61.97
CA ALA B 209 -25.39 -5.96 60.68
C ALA B 209 -26.75 -6.08 60.01
N ARG B 210 -27.08 -5.11 59.16
CA ARG B 210 -28.27 -5.25 58.33
C ARG B 210 -27.92 -6.08 57.11
N ILE B 211 -28.57 -7.24 56.98
CA ILE B 211 -28.32 -8.15 55.87
C ILE B 211 -29.23 -7.86 54.67
N PRO B 212 -28.61 -7.55 53.50
CA PRO B 212 -29.34 -7.35 52.23
C PRO B 212 -30.08 -8.64 51.84
N PRO B 213 -31.12 -8.53 50.98
CA PRO B 213 -31.79 -9.79 50.63
C PRO B 213 -31.13 -10.49 49.43
N CYS B 214 -29.91 -10.07 49.08
CA CYS B 214 -29.15 -10.66 47.94
C CYS B 214 -27.78 -10.01 47.74
N GLY B 215 -27.05 -10.50 46.75
CA GLY B 215 -25.78 -9.90 46.37
C GLY B 215 -24.65 -10.24 47.33
N TRP B 216 -24.91 -11.23 48.19
CA TRP B 216 -24.00 -11.65 49.24
C TRP B 216 -22.70 -12.26 48.68
N LYS B 217 -21.62 -12.15 49.44
CA LYS B 217 -20.36 -12.81 49.11
C LYS B 217 -19.68 -13.27 50.40
N CYS B 218 -19.06 -14.46 50.37
CA CYS B 218 -18.25 -14.93 51.49
C CYS B 218 -17.32 -13.81 51.93
N SER B 219 -17.44 -13.42 53.19
CA SER B 219 -16.60 -12.39 53.76
C SER B 219 -15.10 -12.63 53.50
N LYS B 220 -14.69 -13.91 53.49
CA LYS B 220 -13.27 -14.28 53.32
C LYS B 220 -12.85 -14.49 51.85
N CYS B 221 -13.30 -15.58 51.22
CA CYS B 221 -12.99 -15.82 49.80
C CYS B 221 -13.86 -14.93 48.89
N ASP B 222 -14.03 -15.33 47.63
CA ASP B 222 -14.76 -14.51 46.65
C ASP B 222 -16.18 -14.99 46.36
N MET B 223 -16.50 -16.22 46.75
CA MET B 223 -17.76 -16.90 46.36
C MET B 223 -19.08 -16.13 46.54
N ARG B 224 -20.04 -16.45 45.68
CA ARG B 224 -21.36 -15.82 45.67
C ARG B 224 -22.45 -16.87 45.96
N GLU B 225 -22.08 -18.14 45.82
CA GLU B 225 -23.01 -19.25 45.93
C GLU B 225 -22.58 -20.15 47.08
N ASN B 226 -23.56 -20.81 47.71
CA ASN B 226 -23.31 -21.76 48.80
C ASN B 226 -22.85 -21.03 50.08
N LEU B 227 -23.55 -19.94 50.40
CA LEU B 227 -23.15 -19.10 51.52
C LEU B 227 -23.99 -19.33 52.77
N TRP B 228 -23.30 -19.55 53.89
CA TRP B 228 -23.93 -19.83 55.16
C TRP B 228 -23.88 -18.61 56.06
N LEU B 229 -25.07 -18.22 56.53
CA LEU B 229 -25.23 -17.15 57.49
C LEU B 229 -25.34 -17.72 58.89
N ASN B 230 -24.40 -17.34 59.75
CA ASN B 230 -24.32 -17.82 61.11
C ASN B 230 -25.28 -17.05 61.99
N LEU B 231 -26.16 -17.77 62.69
CA LEU B 231 -27.24 -17.12 63.39
C LEU B 231 -26.77 -16.28 64.56
N THR B 232 -25.49 -16.39 64.92
CA THR B 232 -24.99 -15.75 66.14
C THR B 232 -24.41 -14.35 65.91
N ASP B 233 -23.60 -14.20 64.87
CA ASP B 233 -22.90 -12.94 64.64
C ASP B 233 -23.19 -12.32 63.28
N GLY B 234 -23.90 -13.04 62.43
CA GLY B 234 -24.33 -12.53 61.14
C GLY B 234 -23.24 -12.44 60.11
N SER B 235 -22.30 -13.37 60.20
CA SER B 235 -21.26 -13.58 59.21
C SER B 235 -21.86 -14.35 58.05
N ILE B 236 -21.34 -14.07 56.85
CA ILE B 236 -21.66 -14.83 55.64
C ILE B 236 -20.35 -15.46 55.14
N LEU B 237 -20.35 -16.77 54.93
CA LEU B 237 -19.13 -17.51 54.58
C LEU B 237 -19.46 -18.79 53.84
N CYS B 238 -18.53 -19.22 52.99
CA CYS B 238 -18.75 -20.36 52.08
C CYS B 238 -18.69 -21.71 52.78
N GLY B 239 -19.32 -22.71 52.18
CA GLY B 239 -19.46 -24.05 52.79
C GLY B 239 -18.27 -24.98 52.70
N ARG B 240 -18.55 -26.28 52.85
CA ARG B 240 -17.54 -27.33 52.98
C ARG B 240 -17.43 -28.18 51.71
N ARG B 241 -16.28 -28.83 51.53
CA ARG B 241 -16.00 -29.67 50.36
C ARG B 241 -15.69 -31.13 50.74
N TYR B 242 -16.00 -32.05 49.82
CA TYR B 242 -15.60 -33.47 49.95
C TYR B 242 -14.69 -33.82 48.78
N PHE B 243 -13.99 -34.96 48.87
CA PHE B 243 -13.11 -35.36 47.77
C PHE B 243 -13.85 -35.96 46.57
N ASP B 244 -15.02 -35.38 46.28
CA ASP B 244 -15.75 -35.65 45.04
C ASP B 244 -15.80 -34.39 44.17
N GLY B 245 -15.55 -33.24 44.78
CA GLY B 245 -15.58 -31.96 44.07
C GLY B 245 -16.59 -30.96 44.62
N SER B 246 -17.76 -31.44 45.02
CA SER B 246 -18.88 -30.58 45.47
C SER B 246 -18.60 -29.72 46.70
N GLY B 247 -18.94 -28.42 46.60
CA GLY B 247 -18.91 -27.50 47.75
C GLY B 247 -18.14 -26.20 47.59
N GLY B 248 -17.94 -25.51 48.73
CA GLY B 248 -17.25 -24.21 48.79
C GLY B 248 -15.85 -24.27 49.37
N ASN B 249 -15.37 -23.14 49.90
CA ASN B 249 -13.98 -23.07 50.37
C ASN B 249 -13.73 -23.10 51.88
N ASN B 250 -14.55 -23.86 52.61
CA ASN B 250 -14.31 -24.22 54.01
C ASN B 250 -14.28 -23.05 55.01
N HIS B 251 -14.77 -21.89 54.61
CA HIS B 251 -14.63 -20.70 55.46
C HIS B 251 -15.65 -20.60 56.59
N ALA B 252 -16.85 -21.12 56.36
CA ALA B 252 -17.88 -21.09 57.38
C ALA B 252 -17.51 -22.04 58.52
N VAL B 253 -17.09 -23.27 58.21
CA VAL B 253 -16.71 -24.22 59.29
C VAL B 253 -15.53 -23.69 60.10
N GLU B 254 -14.54 -23.12 59.43
CA GLU B 254 -13.36 -22.59 60.09
C GLU B 254 -13.71 -21.42 61.01
N HIS B 255 -14.85 -20.80 60.73
CA HIS B 255 -15.35 -19.73 61.58
C HIS B 255 -16.03 -20.33 62.82
N TYR B 256 -16.68 -21.48 62.64
CA TYR B 256 -17.36 -22.13 63.76
C TYR B 256 -16.29 -22.63 64.69
N ARG B 257 -15.29 -23.27 64.09
CA ARG B 257 -14.15 -23.82 64.80
C ARG B 257 -13.56 -22.72 65.72
N GLU B 258 -13.47 -21.51 65.19
CA GLU B 258 -12.87 -20.36 65.89
C GLU B 258 -13.73 -19.70 66.96
N THR B 259 -15.04 -19.68 66.77
CA THR B 259 -15.95 -18.95 67.65
C THR B 259 -16.79 -19.85 68.53
N GLY B 260 -17.07 -21.04 68.04
CA GLY B 260 -17.94 -21.95 68.74
C GLY B 260 -19.42 -21.70 68.48
N TYR B 261 -19.74 -20.76 67.60
CA TYR B 261 -21.15 -20.48 67.26
C TYR B 261 -21.73 -21.60 66.38
N PRO B 262 -22.79 -22.27 66.84
CA PRO B 262 -23.18 -23.59 66.31
C PRO B 262 -24.11 -23.63 65.09
N LEU B 263 -25.03 -22.68 64.99
CA LEU B 263 -26.06 -22.75 63.94
C LEU B 263 -25.79 -21.82 62.77
N ALA B 264 -26.13 -22.27 61.56
CA ALA B 264 -26.04 -21.42 60.39
C ALA B 264 -27.13 -21.76 59.39
N VAL B 265 -27.69 -20.73 58.75
CA VAL B 265 -28.73 -20.95 57.74
C VAL B 265 -28.15 -20.72 56.36
N LYS B 266 -28.59 -21.51 55.38
CA LYS B 266 -28.11 -21.38 53.99
C LYS B 266 -28.78 -20.20 53.27
N LEU B 267 -27.97 -19.19 52.93
CA LEU B 267 -28.46 -18.09 52.12
C LEU B 267 -28.76 -18.67 50.75
N GLY B 268 -30.01 -18.50 50.32
CA GLY B 268 -30.49 -19.05 49.06
C GLY B 268 -31.62 -20.06 49.26
N THR B 269 -31.90 -20.38 50.52
CA THR B 269 -32.95 -21.36 50.85
C THR B 269 -34.03 -20.79 51.76
N ILE B 270 -33.90 -19.51 52.12
CA ILE B 270 -34.86 -18.87 53.03
C ILE B 270 -36.16 -18.56 52.28
N THR B 271 -37.25 -19.21 52.70
CA THR B 271 -38.55 -19.01 52.09
C THR B 271 -39.60 -18.83 53.18
N PRO B 272 -40.63 -18.02 52.91
CA PRO B 272 -41.80 -17.94 53.81
C PRO B 272 -42.10 -19.24 54.56
N ASP B 273 -42.09 -20.39 53.89
CA ASP B 273 -42.41 -21.65 54.58
C ASP B 273 -41.36 -22.03 55.62
N GLY B 274 -40.10 -22.24 55.19
CA GLY B 274 -38.99 -22.53 56.11
C GLY B 274 -37.61 -22.20 55.59
N ALA B 275 -36.58 -22.87 56.13
CA ALA B 275 -35.22 -22.80 55.58
C ALA B 275 -34.36 -23.97 56.01
N ASP B 276 -33.21 -24.13 55.36
CA ASP B 276 -32.22 -25.14 55.72
C ASP B 276 -31.24 -24.64 56.79
N VAL B 277 -31.26 -25.32 57.93
CA VAL B 277 -30.40 -24.96 59.05
C VAL B 277 -29.41 -26.07 59.40
N TYR B 278 -28.13 -25.72 59.48
CA TYR B 278 -27.12 -26.69 59.81
C TYR B 278 -26.56 -26.41 61.20
N SER B 279 -26.39 -27.47 61.99
CA SER B 279 -25.70 -27.40 63.27
C SER B 279 -24.30 -27.94 63.12
N TYR B 280 -23.33 -27.07 63.33
CA TYR B 280 -21.93 -27.47 63.31
C TYR B 280 -21.63 -28.36 64.50
N ASP B 281 -22.32 -28.09 65.60
CA ASP B 281 -22.11 -28.78 66.84
C ASP B 281 -22.60 -30.22 66.82
N GLU B 282 -23.65 -30.48 66.04
CA GLU B 282 -24.26 -31.79 66.00
C GLU B 282 -24.00 -32.46 64.65
N ASP B 283 -23.38 -31.73 63.72
CA ASP B 283 -23.09 -32.20 62.36
C ASP B 283 -24.31 -32.81 61.70
N ASP B 284 -25.37 -32.00 61.62
CA ASP B 284 -26.63 -32.40 61.01
C ASP B 284 -27.40 -31.17 60.56
N MET B 285 -28.33 -31.40 59.64
CA MET B 285 -29.37 -30.43 59.37
C MET B 285 -30.37 -30.57 60.51
N VAL B 286 -30.81 -29.44 61.04
CA VAL B 286 -31.63 -29.42 62.24
C VAL B 286 -32.78 -28.46 62.06
N LEU B 287 -33.73 -28.51 62.98
CA LEU B 287 -34.85 -27.58 62.97
C LEU B 287 -34.66 -26.53 64.05
N ASP B 288 -34.97 -25.30 63.71
CA ASP B 288 -34.94 -24.19 64.67
C ASP B 288 -36.34 -23.58 64.75
N PRO B 289 -37.12 -24.00 65.76
CA PRO B 289 -38.51 -23.53 65.87
C PRO B 289 -38.60 -22.02 66.11
N SER B 290 -37.45 -21.38 66.30
CA SER B 290 -37.34 -19.94 66.50
C SER B 290 -36.72 -19.18 65.32
N LEU B 291 -36.57 -19.88 64.20
CA LEU B 291 -35.92 -19.32 63.02
C LEU B 291 -36.40 -17.91 62.64
N ALA B 292 -37.71 -17.71 62.54
CA ALA B 292 -38.22 -16.38 62.13
C ALA B 292 -37.60 -15.28 62.99
N GLU B 293 -37.68 -15.43 64.31
CA GLU B 293 -37.10 -14.44 65.20
C GLU B 293 -35.59 -14.29 65.09
N HIS B 294 -34.91 -15.38 64.77
CA HIS B 294 -33.46 -15.35 64.62
C HIS B 294 -33.03 -14.59 63.37
N LEU B 295 -33.75 -14.80 62.27
CA LEU B 295 -33.48 -14.05 61.05
C LEU B 295 -33.90 -12.61 61.20
N SER B 296 -34.94 -12.39 62.00
CA SER B 296 -35.51 -11.06 62.20
C SER B 296 -34.49 -10.14 62.84
N HIS B 297 -33.67 -10.73 63.68
CA HIS B 297 -32.57 -10.06 64.38
C HIS B 297 -31.63 -9.38 63.39
N PHE B 298 -31.43 -10.01 62.23
CA PHE B 298 -30.55 -9.47 61.20
C PHE B 298 -31.32 -8.62 60.21
N GLY B 299 -32.64 -8.61 60.34
CA GLY B 299 -33.49 -7.81 59.47
C GLY B 299 -34.11 -8.60 58.34
N ILE B 300 -34.50 -9.85 58.63
CA ILE B 300 -35.10 -10.73 57.62
C ILE B 300 -36.51 -11.21 58.06
N ASP B 301 -37.55 -10.65 57.44
CA ASP B 301 -38.93 -11.19 57.57
C ASP B 301 -39.14 -12.31 56.54
N MET B 302 -39.76 -13.41 56.95
CA MET B 302 -39.78 -14.62 56.13
C MET B 302 -40.86 -14.58 55.06
N PRO B 335 -56.25 -8.40 44.02
CA PRO B 335 -57.55 -9.03 43.76
C PRO B 335 -58.07 -8.74 42.34
N LEU B 336 -57.25 -9.10 41.35
CA LEU B 336 -57.50 -8.78 39.94
C LEU B 336 -58.06 -9.96 39.14
N LYS B 337 -58.98 -9.69 38.21
CA LYS B 337 -59.66 -10.71 37.40
C LYS B 337 -58.72 -11.50 36.48
N PRO B 338 -58.72 -12.86 36.60
CA PRO B 338 -57.87 -13.74 35.81
C PRO B 338 -58.25 -13.77 34.32
N LEU B 339 -57.23 -13.90 33.45
CA LEU B 339 -57.47 -14.00 32.00
C LEU B 339 -56.90 -15.30 31.46
N PHE B 340 -57.45 -15.79 30.36
CA PHE B 340 -57.31 -17.21 30.01
C PHE B 340 -57.04 -17.65 28.54
N GLY B 341 -57.32 -16.80 27.56
CA GLY B 341 -57.30 -17.26 26.18
C GLY B 341 -55.97 -17.60 25.51
N PRO B 342 -55.94 -17.60 24.17
CA PRO B 342 -54.74 -17.36 23.39
C PRO B 342 -54.13 -16.01 23.72
N GLY B 343 -52.81 -15.95 23.89
CA GLY B 343 -52.11 -14.69 24.16
C GLY B 343 -52.18 -14.28 25.62
N TYR B 344 -52.83 -15.11 26.44
CA TYR B 344 -52.97 -14.86 27.88
C TYR B 344 -52.41 -16.01 28.69
N THR B 345 -51.22 -16.48 28.31
CA THR B 345 -50.57 -17.63 28.93
C THR B 345 -49.51 -17.19 29.95
N GLY B 346 -49.57 -17.78 31.14
CA GLY B 346 -48.53 -17.64 32.12
C GLY B 346 -47.33 -18.54 31.84
N ILE B 347 -46.18 -18.17 32.44
CA ILE B 347 -44.92 -18.91 32.30
C ILE B 347 -44.35 -19.26 33.67
N ARG B 348 -44.15 -20.55 33.91
CA ARG B 348 -43.68 -21.09 35.19
C ARG B 348 -42.26 -20.63 35.49
N ASN B 349 -42.08 -19.81 36.51
CA ASN B 349 -40.75 -19.35 36.94
C ASN B 349 -39.81 -20.51 37.29
N LEU B 350 -38.63 -20.52 36.69
CA LEU B 350 -37.70 -21.64 36.81
C LEU B 350 -36.59 -21.41 37.84
N GLY B 351 -36.82 -20.49 38.77
CA GLY B 351 -35.77 -19.99 39.64
C GLY B 351 -35.15 -18.77 38.98
N ASN B 352 -35.52 -17.59 39.49
CA ASN B 352 -35.00 -16.31 38.98
C ASN B 352 -35.34 -15.87 37.55
N SER B 353 -36.16 -16.63 36.82
CA SER B 353 -36.35 -16.42 35.39
C SER B 353 -37.39 -15.36 34.99
N CYS B 354 -37.78 -14.51 35.93
CA CYS B 354 -38.79 -13.48 35.67
C CYS B 354 -38.34 -12.43 34.63
N TYR B 355 -37.02 -12.22 34.51
CA TYR B 355 -36.52 -11.31 33.47
C TYR B 355 -36.86 -11.86 32.08
N LEU B 356 -36.65 -13.17 31.94
CA LEU B 356 -36.86 -13.86 30.68
C LEU B 356 -38.34 -13.83 30.33
N ASN B 357 -39.19 -14.25 31.26
CA ASN B 357 -40.63 -14.26 31.02
C ASN B 357 -41.16 -12.89 30.63
N SER B 358 -40.79 -11.86 31.38
CA SER B 358 -41.19 -10.50 31.05
C SER B 358 -40.79 -10.09 29.63
N VAL B 359 -39.55 -10.32 29.24
CA VAL B 359 -39.13 -9.88 27.90
C VAL B 359 -39.90 -10.63 26.81
N VAL B 360 -39.90 -11.94 26.96
CA VAL B 360 -40.49 -12.84 26.01
C VAL B 360 -42.01 -12.58 25.85
N GLN B 361 -42.66 -12.09 26.88
CA GLN B 361 -44.10 -11.85 26.79
C GLN B 361 -44.42 -10.66 25.92
N VAL B 362 -43.58 -9.63 26.04
CA VAL B 362 -43.69 -8.43 25.22
C VAL B 362 -43.39 -8.76 23.75
N LEU B 363 -42.31 -9.48 23.52
CA LEU B 363 -41.93 -9.88 22.18
C LEU B 363 -43.07 -10.53 21.43
N PHE B 364 -43.64 -11.59 22.01
CA PHE B 364 -44.71 -12.29 21.32
C PHE B 364 -46.02 -11.54 21.32
N SER B 365 -45.98 -10.30 21.76
CA SER B 365 -47.13 -9.43 21.58
C SER B 365 -46.92 -8.49 20.39
N ILE B 366 -45.83 -8.71 19.64
CA ILE B 366 -45.47 -7.84 18.54
C ILE B 366 -45.66 -8.61 17.25
N PRO B 367 -46.62 -8.17 16.41
CA PRO B 367 -46.97 -8.93 15.22
C PRO B 367 -45.79 -9.48 14.47
N ASP B 368 -44.72 -8.69 14.31
CA ASP B 368 -43.57 -9.08 13.49
C ASP B 368 -42.91 -10.36 14.00
N PHE B 369 -42.87 -10.52 15.32
CA PHE B 369 -42.37 -11.74 15.90
C PHE B 369 -43.36 -12.87 15.79
N GLN B 370 -44.64 -12.56 15.99
CA GLN B 370 -45.70 -13.56 15.84
C GLN B 370 -45.59 -14.13 14.45
N ARG B 371 -45.41 -13.24 13.48
CA ARG B 371 -45.42 -13.58 12.07
C ARG B 371 -44.20 -14.41 11.68
N LYS B 372 -43.05 -14.06 12.26
CA LYS B 372 -41.78 -14.70 11.92
C LYS B 372 -41.66 -16.10 12.53
N TYR B 373 -42.11 -16.23 13.78
CA TYR B 373 -41.85 -17.44 14.53
C TYR B 373 -43.08 -18.31 14.77
N VAL B 374 -44.27 -17.70 14.80
CA VAL B 374 -45.46 -18.48 15.15
C VAL B 374 -46.24 -18.91 13.94
N ASP B 375 -46.49 -17.98 13.01
CA ASP B 375 -47.17 -18.31 11.75
C ASP B 375 -46.38 -19.25 10.87
N LYS B 376 -45.07 -19.27 11.02
CA LYS B 376 -44.19 -20.01 10.12
C LYS B 376 -43.60 -21.19 10.86
N LEU B 377 -44.26 -21.55 11.96
CA LEU B 377 -43.92 -22.71 12.73
C LEU B 377 -43.72 -23.96 11.87
N GLU B 378 -44.59 -24.16 10.89
CA GLU B 378 -44.45 -25.32 10.02
C GLU B 378 -43.14 -25.32 9.28
N LYS B 379 -42.84 -24.26 8.53
CA LYS B 379 -41.59 -24.17 7.77
C LYS B 379 -40.42 -24.37 8.70
N ILE B 380 -40.47 -23.71 9.84
CA ILE B 380 -39.36 -23.75 10.78
C ILE B 380 -39.07 -25.20 11.18
N PHE B 381 -40.12 -25.92 11.57
CA PHE B 381 -39.97 -27.29 11.99
C PHE B 381 -39.49 -28.17 10.82
N GLN B 382 -40.09 -27.98 9.64
CA GLN B 382 -39.65 -28.69 8.44
C GLN B 382 -38.14 -28.49 8.24
N ASN B 383 -37.68 -27.25 8.44
CA ASN B 383 -36.27 -26.94 8.19
C ASN B 383 -35.36 -27.21 9.38
N ALA B 384 -35.92 -27.69 10.48
CA ALA B 384 -35.13 -27.92 11.69
C ALA B 384 -34.03 -28.95 11.45
N PRO B 385 -32.85 -28.81 12.11
CA PRO B 385 -31.83 -29.86 12.01
C PRO B 385 -32.24 -31.12 12.78
N THR B 386 -31.35 -32.12 12.82
CA THR B 386 -31.60 -33.41 13.50
C THR B 386 -31.98 -33.21 14.96
N ASP B 387 -31.25 -32.34 15.66
CA ASP B 387 -31.53 -32.03 17.04
C ASP B 387 -32.27 -30.71 17.10
N PRO B 388 -33.60 -30.75 17.28
CA PRO B 388 -34.28 -29.47 17.27
C PRO B 388 -34.23 -28.76 18.61
N THR B 389 -33.67 -29.41 19.63
CA THR B 389 -33.55 -28.77 20.95
C THR B 389 -32.46 -27.69 20.94
N GLN B 390 -31.56 -27.79 19.98
CA GLN B 390 -30.43 -26.88 19.90
C GLN B 390 -30.60 -25.93 18.72
N ASP B 391 -31.79 -25.93 18.14
CA ASP B 391 -32.07 -25.05 17.01
C ASP B 391 -32.79 -23.82 17.47
N PHE B 392 -32.14 -22.66 17.30
CA PHE B 392 -32.67 -21.39 17.79
C PHE B 392 -34.09 -21.14 17.28
N SER B 393 -34.27 -21.13 15.97
CA SER B 393 -35.58 -20.90 15.39
C SER B 393 -36.65 -21.79 16.01
N THR B 394 -36.38 -23.11 16.07
CA THR B 394 -37.35 -24.08 16.58
C THR B 394 -37.82 -23.69 17.97
N GLN B 395 -36.87 -23.44 18.86
CA GLN B 395 -37.19 -23.22 20.27
C GLN B 395 -37.96 -21.95 20.50
N VAL B 396 -37.68 -20.95 19.66
CA VAL B 396 -38.39 -19.66 19.67
C VAL B 396 -39.83 -19.88 19.23
N ALA B 397 -40.01 -20.67 18.17
CA ALA B 397 -41.35 -21.02 17.71
C ALA B 397 -42.08 -21.88 18.75
N LYS B 398 -41.39 -22.85 19.35
CA LYS B 398 -41.99 -23.69 20.38
C LYS B 398 -42.58 -22.80 21.46
N LEU B 399 -41.83 -21.79 21.90
CA LEU B 399 -42.29 -20.84 22.92
C LEU B 399 -43.42 -19.98 22.39
N GLY B 400 -43.17 -19.30 21.27
CA GLY B 400 -44.16 -18.40 20.71
C GLY B 400 -45.52 -19.08 20.63
N HIS B 401 -45.51 -20.27 20.04
CA HIS B 401 -46.75 -21.02 19.90
C HIS B 401 -47.37 -21.36 21.24
N GLY B 402 -46.54 -21.65 22.23
CA GLY B 402 -47.01 -21.91 23.59
C GLY B 402 -47.82 -20.77 24.20
N LEU B 403 -47.48 -19.53 23.88
CA LEU B 403 -48.22 -18.37 24.43
C LEU B 403 -49.48 -18.08 23.64
N LEU B 404 -49.41 -18.31 22.33
CA LEU B 404 -50.46 -17.87 21.42
C LEU B 404 -51.57 -18.88 21.08
N SER B 405 -51.46 -20.10 21.58
CA SER B 405 -52.49 -21.13 21.42
C SER B 405 -53.36 -21.34 22.68
N GLY B 406 -53.58 -22.60 23.06
CA GLY B 406 -54.39 -22.95 24.25
C GLY B 406 -53.63 -23.89 25.17
N GLU B 407 -53.51 -23.45 26.44
CA GLU B 407 -52.82 -24.12 27.58
C GLU B 407 -52.29 -23.08 28.58
N GLY B 430 -49.43 -23.22 33.58
CA GLY B 430 -49.11 -22.42 32.40
C GLY B 430 -48.11 -23.13 31.52
N ILE B 431 -46.95 -22.49 31.27
CA ILE B 431 -45.88 -23.04 30.41
C ILE B 431 -44.47 -22.97 31.05
N ALA B 432 -43.65 -24.01 30.87
CA ALA B 432 -42.27 -24.03 31.42
C ALA B 432 -41.16 -24.04 30.34
N PRO B 433 -40.55 -22.87 30.08
CA PRO B 433 -39.68 -22.74 28.93
C PRO B 433 -38.23 -23.19 29.20
N ARG B 434 -38.04 -24.31 29.90
CA ARG B 434 -36.67 -24.69 30.26
C ARG B 434 -35.78 -24.98 29.05
N MET B 435 -36.37 -25.54 28.00
CA MET B 435 -35.60 -25.88 26.79
C MET B 435 -35.08 -24.63 26.09
N PHE B 436 -35.93 -23.60 26.06
CA PHE B 436 -35.61 -22.31 25.47
C PHE B 436 -34.59 -21.57 26.32
N LYS B 437 -34.80 -21.58 27.64
CA LYS B 437 -33.88 -20.93 28.54
C LYS B 437 -32.50 -21.53 28.40
N ALA B 438 -32.44 -22.83 28.13
CA ALA B 438 -31.17 -23.53 28.10
C ALA B 438 -30.39 -23.15 26.86
N LEU B 439 -31.08 -22.99 25.73
CA LEU B 439 -30.43 -22.63 24.46
C LEU B 439 -29.90 -21.19 24.47
N ILE B 440 -30.79 -20.23 24.69
CA ILE B 440 -30.42 -18.82 24.60
C ILE B 440 -29.37 -18.49 25.65
N GLY B 441 -29.21 -19.38 26.63
CA GLY B 441 -28.28 -19.15 27.71
C GLY B 441 -26.94 -19.82 27.51
N LYS B 442 -26.89 -20.73 26.53
CA LYS B 442 -25.71 -21.57 26.32
C LYS B 442 -24.46 -20.73 26.04
N GLY B 443 -23.38 -21.03 26.76
CA GLY B 443 -22.11 -20.33 26.58
C GLY B 443 -22.01 -18.94 27.19
N HIS B 444 -23.14 -18.35 27.55
CA HIS B 444 -23.17 -17.01 28.13
C HIS B 444 -22.86 -17.07 29.61
N PRO B 445 -21.90 -16.27 30.08
CA PRO B 445 -21.44 -16.32 31.47
C PRO B 445 -22.53 -15.93 32.46
N GLU B 446 -23.64 -15.43 31.97
CA GLU B 446 -24.65 -14.85 32.83
C GLU B 446 -25.95 -15.62 32.69
N PHE B 447 -26.41 -15.82 31.46
CA PHE B 447 -27.68 -16.50 31.23
C PHE B 447 -27.63 -18.01 31.22
N SER B 448 -26.44 -18.58 31.40
CA SER B 448 -26.35 -20.03 31.56
C SER B 448 -26.59 -20.40 33.01
N THR B 449 -26.39 -19.44 33.92
CA THR B 449 -26.67 -19.63 35.33
C THR B 449 -28.16 -19.55 35.61
N ASN B 450 -28.52 -19.72 36.89
CA ASN B 450 -29.92 -19.61 37.30
C ASN B 450 -30.12 -18.46 38.28
N ARG B 451 -29.22 -17.48 38.24
CA ARG B 451 -29.34 -16.28 39.08
C ARG B 451 -30.06 -15.11 38.37
N GLN B 452 -30.39 -14.07 39.16
CA GLN B 452 -31.18 -12.94 38.70
C GLN B 452 -30.42 -12.08 37.68
N GLN B 453 -31.12 -11.60 36.67
CA GLN B 453 -30.52 -10.87 35.56
C GLN B 453 -31.26 -9.58 35.28
N ASP B 454 -30.60 -8.65 34.59
CA ASP B 454 -31.21 -7.38 34.21
C ASP B 454 -31.99 -7.57 32.92
N ALA B 455 -33.13 -6.86 32.78
CA ALA B 455 -34.05 -7.04 31.63
C ALA B 455 -33.52 -6.50 30.29
N GLN B 456 -32.84 -5.35 30.34
CA GLN B 456 -32.22 -4.78 29.16
C GLN B 456 -31.13 -5.70 28.62
N GLU B 457 -30.28 -6.23 29.51
CA GLU B 457 -29.19 -7.08 29.05
C GLU B 457 -29.77 -8.37 28.43
N PHE B 458 -30.93 -8.79 28.89
CA PHE B 458 -31.48 -9.97 28.30
C PHE B 458 -32.06 -9.63 26.95
N PHE B 459 -32.91 -8.62 26.94
CA PHE B 459 -33.48 -8.11 25.71
C PHE B 459 -32.42 -7.96 24.64
N LEU B 460 -31.29 -7.32 24.95
CA LEU B 460 -30.28 -7.08 23.93
C LEU B 460 -29.58 -8.36 23.49
N HIS B 461 -29.38 -9.28 24.41
CA HIS B 461 -28.81 -10.58 24.11
C HIS B 461 -29.68 -11.32 23.11
N LEU B 462 -30.97 -11.37 23.41
CA LEU B 462 -31.99 -11.96 22.55
C LEU B 462 -32.08 -11.30 21.17
N ILE B 463 -32.15 -9.96 21.14
CA ILE B 463 -32.15 -9.23 19.88
C ILE B 463 -30.95 -9.64 19.03
N ASN B 464 -29.78 -9.74 19.65
CA ASN B 464 -28.61 -10.05 18.87
C ASN B 464 -28.54 -11.51 18.46
N MET B 465 -29.26 -12.36 19.18
CA MET B 465 -29.38 -13.76 18.82
C MET B 465 -30.31 -13.88 17.60
N VAL B 466 -31.39 -13.11 17.59
CA VAL B 466 -32.24 -13.00 16.40
C VAL B 466 -31.46 -12.48 15.19
N GLU B 467 -30.63 -11.47 15.39
CA GLU B 467 -29.87 -10.86 14.31
C GLU B 467 -28.96 -11.89 13.64
N ARG B 468 -28.34 -12.76 14.44
CA ARG B 468 -27.46 -13.82 13.95
C ARG B 468 -28.20 -14.85 13.09
N ASN B 469 -29.45 -15.13 13.41
CA ASN B 469 -30.17 -16.16 12.67
C ASN B 469 -31.01 -15.65 11.49
N CYS B 470 -31.11 -14.34 11.36
CA CYS B 470 -32.03 -13.77 10.38
C CYS B 470 -31.31 -13.01 9.28
N ARG B 471 -30.05 -13.35 9.08
CA ARG B 471 -29.18 -12.64 8.15
C ARG B 471 -29.71 -12.67 6.71
N SER B 472 -30.07 -13.84 6.20
CA SER B 472 -30.60 -13.90 4.85
C SER B 472 -32.11 -13.63 4.81
N SER B 473 -32.84 -14.17 5.80
CA SER B 473 -34.30 -14.19 5.78
C SER B 473 -35.01 -12.98 6.43
N GLU B 474 -36.34 -13.07 6.54
CA GLU B 474 -37.15 -12.09 7.25
C GLU B 474 -36.59 -11.88 8.65
N ASN B 475 -36.46 -10.60 9.04
CA ASN B 475 -35.82 -10.21 10.32
C ASN B 475 -36.71 -9.29 11.16
N PRO B 476 -37.28 -9.82 12.25
CA PRO B 476 -38.24 -9.05 13.03
C PRO B 476 -37.62 -7.89 13.83
N ASN B 477 -36.30 -7.92 14.01
CA ASN B 477 -35.60 -6.84 14.70
C ASN B 477 -35.86 -5.50 14.05
N GLU B 478 -36.16 -5.52 12.75
CA GLU B 478 -36.54 -4.33 12.00
C GLU B 478 -37.64 -3.52 12.63
N VAL B 479 -38.39 -4.15 13.53
CA VAL B 479 -39.47 -3.47 14.23
C VAL B 479 -38.94 -2.48 15.28
N PHE B 480 -37.78 -2.81 15.87
CA PHE B 480 -37.08 -1.95 16.84
C PHE B 480 -35.99 -1.06 16.20
N ARG B 481 -35.29 -1.53 15.18
CA ARG B 481 -34.07 -0.86 14.73
C ARG B 481 -34.26 0.57 14.25
N PHE B 482 -33.42 1.47 14.75
CA PHE B 482 -33.43 2.85 14.28
C PHE B 482 -32.05 3.45 14.18
N LEU B 483 -32.00 4.63 13.58
CA LEU B 483 -30.77 5.34 13.33
C LEU B 483 -30.67 6.59 14.22
N VAL B 484 -29.61 6.65 15.02
CA VAL B 484 -29.32 7.81 15.86
C VAL B 484 -28.45 8.77 15.06
N GLU B 485 -28.83 10.05 15.08
CA GLU B 485 -27.98 11.11 14.55
C GLU B 485 -27.16 11.72 15.66
N GLU B 486 -25.85 11.64 15.48
CA GLU B 486 -24.90 12.09 16.49
C GLU B 486 -24.18 13.32 15.92
N LYS B 487 -24.41 14.51 16.50
CA LYS B 487 -23.75 15.74 16.06
C LYS B 487 -22.74 16.31 17.06
N ILE B 488 -21.49 16.45 16.66
CA ILE B 488 -20.53 17.23 17.45
C ILE B 488 -20.36 18.58 16.79
N LYS B 489 -20.13 19.59 17.62
CA LYS B 489 -19.80 20.92 17.13
C LYS B 489 -18.59 21.47 17.86
N CYS B 490 -17.59 21.88 17.10
CA CYS B 490 -16.47 22.59 17.70
C CYS B 490 -16.97 23.97 18.09
N LEU B 491 -17.01 24.21 19.40
CA LEU B 491 -17.66 25.39 19.96
C LEU B 491 -16.94 26.68 19.57
N ALA B 492 -15.62 26.59 19.38
CA ALA B 492 -14.77 27.71 19.01
C ALA B 492 -14.95 28.17 17.58
N THR B 493 -15.02 27.21 16.66
CA THR B 493 -15.06 27.51 15.23
C THR B 493 -16.46 27.36 14.66
N GLU B 494 -17.39 26.86 15.46
CA GLU B 494 -18.76 26.64 15.02
C GLU B 494 -18.88 25.50 13.99
N LYS B 495 -17.81 24.72 13.80
CA LYS B 495 -17.79 23.70 12.75
C LYS B 495 -18.29 22.35 13.25
N VAL B 496 -18.90 21.60 12.34
CA VAL B 496 -19.76 20.48 12.73
C VAL B 496 -19.36 19.15 12.08
N LYS B 497 -19.79 18.04 12.70
CA LYS B 497 -19.69 16.72 12.07
C LYS B 497 -20.87 15.85 12.47
N TYR B 498 -21.53 15.23 11.50
CA TYR B 498 -22.62 14.31 11.80
C TYR B 498 -22.20 12.87 11.56
N THR B 499 -22.51 11.99 12.49
CA THR B 499 -22.45 10.58 12.17
C THR B 499 -23.76 9.93 12.56
N GLN B 500 -24.06 8.83 11.89
CA GLN B 500 -25.18 7.98 12.28
C GLN B 500 -24.72 6.69 12.88
N ARG B 501 -25.55 6.13 13.75
CA ARG B 501 -25.30 4.80 14.26
C ARG B 501 -26.65 4.13 14.34
N VAL B 502 -26.63 2.81 14.20
CA VAL B 502 -27.80 1.99 14.43
C VAL B 502 -28.02 1.79 15.94
N ASP B 503 -29.27 1.67 16.38
CA ASP B 503 -29.58 1.25 17.75
C ASP B 503 -30.91 0.53 17.94
N TYR B 504 -31.15 -0.01 19.13
CA TYR B 504 -32.42 -0.67 19.43
C TYR B 504 -33.14 -0.05 20.63
N ILE B 505 -32.44 0.74 21.42
CA ILE B 505 -33.04 1.31 22.62
C ILE B 505 -32.63 2.75 22.81
N MET B 506 -33.60 3.64 23.08
CA MET B 506 -33.26 4.95 23.55
C MET B 506 -33.13 4.90 25.06
N GLN B 507 -32.01 5.44 25.54
CA GLN B 507 -31.66 5.42 26.93
C GLN B 507 -32.08 6.74 27.50
N LEU B 508 -33.11 6.73 28.34
CA LEU B 508 -33.67 7.98 28.85
C LEU B 508 -33.00 8.40 30.17
N PRO B 509 -32.39 9.60 30.22
CA PRO B 509 -31.73 10.03 31.45
C PRO B 509 -32.75 10.37 32.53
N VAL B 510 -32.36 10.25 33.79
CA VAL B 510 -33.25 10.68 34.84
C VAL B 510 -32.51 11.69 35.69
N PRO B 511 -32.75 12.98 35.37
CA PRO B 511 -32.09 14.14 35.96
C PRO B 511 -32.67 14.42 37.34
N MET B 512 -32.01 13.91 38.37
CA MET B 512 -32.53 13.95 39.75
C MET B 512 -32.84 15.36 40.26
N ASP B 513 -32.06 16.35 39.82
CA ASP B 513 -32.25 17.71 40.31
C ASP B 513 -33.49 18.38 39.70
N ALA B 514 -34.41 17.56 39.21
CA ALA B 514 -35.63 18.07 38.60
C ALA B 514 -36.84 17.61 39.38
N ALA B 515 -36.61 16.84 40.43
CA ALA B 515 -37.67 16.30 41.29
C ALA B 515 -38.65 17.37 41.78
N LEU B 516 -39.94 17.05 41.76
CA LEU B 516 -40.95 18.02 42.16
C LEU B 516 -41.12 18.06 43.67
N ASN B 517 -40.75 16.95 44.34
CA ASN B 517 -40.95 16.82 45.78
C ASN B 517 -39.66 16.67 46.60
N LYS B 518 -38.68 17.54 46.35
CA LYS B 518 -37.36 17.45 47.02
C LYS B 518 -37.45 17.40 48.56
N GLU B 519 -38.28 18.26 49.14
CA GLU B 519 -38.42 18.36 50.60
C GLU B 519 -39.12 17.15 51.20
N GLU B 520 -40.21 16.71 50.58
CA GLU B 520 -40.99 15.54 51.04
C GLU B 520 -40.13 14.28 51.09
N LEU B 521 -39.11 14.25 50.24
CA LEU B 521 -38.18 13.13 50.11
C LEU B 521 -37.20 13.12 51.28
N LEU B 522 -36.68 14.30 51.62
CA LEU B 522 -35.75 14.48 52.74
C LEU B 522 -36.38 14.18 54.08
N GLU B 523 -37.65 14.51 54.22
CA GLU B 523 -38.47 14.16 55.37
C GLU B 523 -38.54 12.62 55.47
N TYR B 524 -38.73 11.96 54.32
CA TYR B 524 -38.78 10.49 54.28
C TYR B 524 -37.43 9.85 54.59
N GLU B 525 -36.39 10.25 53.87
CA GLU B 525 -35.07 9.64 53.99
C GLU B 525 -34.57 9.73 55.43
N GLU B 526 -34.97 10.80 56.11
CA GLU B 526 -34.63 11.03 57.50
C GLU B 526 -35.47 10.19 58.45
N LYS B 527 -36.77 10.10 58.18
CA LYS B 527 -37.64 9.24 58.98
C LYS B 527 -37.21 7.77 58.88
N LYS B 528 -36.85 7.33 57.66
CA LYS B 528 -36.32 5.98 57.45
C LYS B 528 -34.95 5.77 58.11
N ARG B 529 -34.13 6.82 58.13
CA ARG B 529 -32.83 6.75 58.79
C ARG B 529 -33.01 6.42 60.29
N GLN B 530 -33.95 7.11 60.92
CA GLN B 530 -34.23 6.96 62.36
C GLN B 530 -34.89 5.63 62.68
N ALA B 531 -35.80 5.19 61.82
CA ALA B 531 -36.43 3.89 61.98
C ALA B 531 -35.36 2.81 61.97
N GLU B 532 -34.40 2.94 61.04
CA GLU B 532 -33.27 2.02 60.95
C GLU B 532 -32.48 1.93 62.26
N GLU B 533 -32.18 3.08 62.86
CA GLU B 533 -31.44 3.12 64.13
C GLU B 533 -32.21 2.47 65.27
N GLU B 534 -33.53 2.61 65.24
CA GLU B 534 -34.39 2.18 66.32
C GLU B 534 -34.87 0.74 66.10
N LYS B 535 -34.53 0.16 64.95
CA LYS B 535 -34.97 -1.17 64.54
C LYS B 535 -36.50 -1.27 64.54
N MET B 536 -37.12 -0.33 63.84
CA MET B 536 -38.57 -0.15 63.83
C MET B 536 -39.12 -0.30 62.44
N ALA B 537 -40.45 -0.39 62.37
CA ALA B 537 -41.17 -0.44 61.12
C ALA B 537 -40.82 0.82 60.37
N LEU B 538 -40.43 0.65 59.10
CA LEU B 538 -40.00 1.75 58.24
C LEU B 538 -41.20 2.57 57.81
N PRO B 539 -40.99 3.82 57.38
CA PRO B 539 -42.16 4.64 57.07
C PRO B 539 -42.74 4.35 55.69
N GLU B 540 -43.99 4.77 55.47
CA GLU B 540 -44.59 4.82 54.12
C GLU B 540 -43.55 5.25 53.10
N LEU B 541 -43.37 4.45 52.05
CA LEU B 541 -42.42 4.75 50.98
C LEU B 541 -42.75 6.05 50.22
N VAL B 542 -41.72 6.87 50.02
CA VAL B 542 -41.80 8.08 49.23
C VAL B 542 -40.72 8.00 48.17
N ARG B 543 -41.12 8.18 46.90
CA ARG B 543 -40.20 8.16 45.75
C ARG B 543 -39.96 9.56 45.21
N ALA B 544 -38.80 9.78 44.60
CA ALA B 544 -38.55 11.04 43.91
C ALA B 544 -39.49 11.09 42.72
N GLN B 545 -40.06 12.26 42.47
CA GLN B 545 -41.08 12.41 41.46
C GLN B 545 -40.52 13.31 40.37
N VAL B 546 -40.20 12.69 39.23
CA VAL B 546 -39.47 13.35 38.15
C VAL B 546 -40.32 13.49 36.88
N PRO B 547 -40.46 14.72 36.36
CA PRO B 547 -41.30 14.88 35.16
C PRO B 547 -40.65 14.22 33.96
N PHE B 548 -41.46 13.53 33.16
CA PHE B 548 -40.95 12.93 31.92
C PHE B 548 -40.40 14.01 30.98
N SER B 549 -41.09 15.14 30.87
CA SER B 549 -40.65 16.26 30.07
C SER B 549 -39.22 16.70 30.45
N SER B 550 -38.85 16.47 31.72
CA SER B 550 -37.47 16.76 32.17
C SER B 550 -36.50 15.69 31.68
N CYS B 551 -36.95 14.45 31.65
CA CYS B 551 -36.16 13.39 31.09
C CYS B 551 -35.93 13.59 29.58
N LEU B 552 -37.01 13.91 28.86
CA LEU B 552 -36.94 14.11 27.42
C LEU B 552 -36.02 15.24 27.08
N GLU B 553 -36.22 16.36 27.74
CA GLU B 553 -35.48 17.56 27.41
C GLU B 553 -33.99 17.39 27.71
N ALA B 554 -33.66 16.62 28.74
CA ALA B 554 -32.27 16.28 29.02
C ALA B 554 -31.71 15.43 27.88
N TYR B 555 -32.49 14.44 27.44
CA TYR B 555 -32.10 13.58 26.33
C TYR B 555 -31.66 14.41 25.13
N GLY B 556 -32.43 15.44 24.82
CA GLY B 556 -32.18 16.28 23.65
C GLY B 556 -31.38 17.53 23.94
N ALA B 557 -31.09 17.80 25.21
CA ALA B 557 -30.28 18.96 25.54
C ALA B 557 -28.91 18.81 24.91
N PRO B 558 -28.37 19.86 24.29
CA PRO B 558 -26.95 19.87 23.97
C PRO B 558 -26.11 19.67 25.22
N GLU B 559 -25.02 18.91 25.10
CA GLU B 559 -24.12 18.66 26.22
C GLU B 559 -22.67 18.99 25.88
N GLN B 560 -21.96 19.56 26.86
CA GLN B 560 -20.56 19.98 26.68
C GLN B 560 -19.61 18.81 26.86
N VAL B 561 -18.62 18.72 25.98
CA VAL B 561 -17.67 17.61 25.99
C VAL B 561 -16.24 18.12 26.02
N ASP B 562 -15.54 17.88 27.12
CA ASP B 562 -14.23 18.49 27.34
C ASP B 562 -13.15 17.67 26.64
N ASP B 563 -11.98 18.26 26.44
CA ASP B 563 -10.82 17.50 25.98
C ASP B 563 -11.11 16.86 24.62
N PHE B 564 -11.72 17.66 23.76
CA PHE B 564 -12.02 17.28 22.39
C PHE B 564 -10.99 17.83 21.43
N TRP B 565 -10.43 16.97 20.58
CA TRP B 565 -9.51 17.46 19.60
C TRP B 565 -10.29 18.04 18.44
N SER B 566 -10.05 19.32 18.17
CA SER B 566 -10.67 19.99 17.05
C SER B 566 -9.67 20.07 15.90
N THR B 567 -10.00 19.44 14.78
CA THR B 567 -9.14 19.47 13.60
C THR B 567 -9.16 20.83 12.88
N ALA B 568 -10.13 21.68 13.22
CA ALA B 568 -10.19 23.03 12.66
C ALA B 568 -9.18 23.92 13.38
N LEU B 569 -9.19 23.80 14.71
CA LEU B 569 -8.34 24.54 15.62
C LEU B 569 -6.94 23.94 15.72
N GLN B 570 -6.86 22.63 15.48
CA GLN B 570 -5.65 21.84 15.74
C GLN B 570 -5.16 21.94 17.19
N ALA B 571 -6.11 21.96 18.13
CA ALA B 571 -5.81 21.95 19.54
C ALA B 571 -6.97 21.34 20.33
N LYS B 572 -6.72 21.05 21.60
CA LYS B 572 -7.75 20.53 22.47
C LYS B 572 -8.72 21.66 22.75
N SER B 573 -10.01 21.37 22.68
CA SER B 573 -11.02 22.38 22.94
C SER B 573 -12.23 21.72 23.55
N VAL B 574 -13.39 22.36 23.41
CA VAL B 574 -14.62 21.89 24.01
C VAL B 574 -15.66 21.69 22.93
N ALA B 575 -16.29 20.51 22.96
CA ALA B 575 -17.28 20.13 21.94
C ALA B 575 -18.69 20.25 22.49
N VAL B 576 -19.65 20.53 21.62
CA VAL B 576 -21.05 20.45 21.99
C VAL B 576 -21.65 19.33 21.18
N LYS B 577 -22.10 18.30 21.89
CA LYS B 577 -22.64 17.08 21.32
C LYS B 577 -24.17 17.06 21.49
N THR B 578 -24.87 16.80 20.41
CA THR B 578 -26.33 16.69 20.43
C THR B 578 -26.70 15.38 19.80
N THR B 579 -27.68 14.65 20.34
CA THR B 579 -28.15 13.45 19.67
C THR B 579 -29.63 13.55 19.27
N ARG B 580 -29.98 12.92 18.16
CA ARG B 580 -31.33 13.00 17.58
C ARG B 580 -31.68 11.69 16.88
N PHE B 581 -32.91 11.59 16.38
CA PHE B 581 -33.34 10.42 15.69
C PHE B 581 -33.21 10.66 14.19
N ALA B 582 -32.39 9.88 13.52
CA ALA B 582 -32.35 9.91 12.06
C ALA B 582 -33.49 9.06 11.50
N SER B 583 -34.08 8.20 12.34
CA SER B 583 -35.29 7.47 11.97
C SER B 583 -36.11 7.10 13.21
N PHE B 584 -37.42 6.90 13.04
CA PHE B 584 -38.29 6.51 14.14
C PHE B 584 -38.80 5.12 13.87
N PRO B 585 -38.58 4.19 14.82
CA PRO B 585 -38.96 2.80 14.59
C PRO B 585 -40.45 2.56 14.80
N ASP B 586 -40.94 1.42 14.31
CA ASP B 586 -42.30 0.93 14.58
C ASP B 586 -42.60 0.77 16.07
N TYR B 587 -41.62 0.29 16.82
CA TYR B 587 -41.82 0.09 18.24
C TYR B 587 -40.62 0.69 18.89
N LEU B 588 -40.81 1.81 19.58
CA LEU B 588 -39.70 2.48 20.20
C LEU B 588 -39.45 1.90 21.58
N VAL B 589 -38.22 1.44 21.83
CA VAL B 589 -37.86 0.85 23.13
C VAL B 589 -37.07 1.86 23.97
N ILE B 590 -37.61 2.20 25.14
CA ILE B 590 -36.98 3.18 25.99
C ILE B 590 -36.58 2.54 27.29
N GLN B 591 -35.32 2.68 27.65
CA GLN B 591 -34.82 2.21 28.90
C GLN B 591 -34.69 3.42 29.80
N ILE B 592 -35.38 3.42 30.94
CA ILE B 592 -35.20 4.48 31.93
C ILE B 592 -33.87 4.19 32.62
N LYS B 593 -32.96 5.15 32.56
CA LYS B 593 -31.63 5.01 33.12
C LYS B 593 -31.67 5.24 34.65
N LYS B 594 -32.51 4.48 35.36
CA LYS B 594 -32.71 4.71 36.80
C LYS B 594 -31.67 4.01 37.69
N PHE B 595 -30.41 4.34 37.44
CA PHE B 595 -29.32 3.86 38.29
C PHE B 595 -28.17 4.85 38.23
N THR B 596 -27.24 4.68 39.16
CA THR B 596 -26.07 5.54 39.31
C THR B 596 -25.09 4.87 40.29
N PHE B 597 -23.93 5.47 40.48
CA PHE B 597 -22.97 4.96 41.43
C PHE B 597 -23.09 5.72 42.72
N GLY B 598 -23.21 4.99 43.83
CA GLY B 598 -23.19 5.57 45.17
C GLY B 598 -21.78 5.67 45.70
N LEU B 599 -21.62 6.05 46.95
CA LEU B 599 -20.29 6.11 47.56
C LEU B 599 -19.70 4.68 47.53
N ASP B 600 -18.40 4.60 47.27
CA ASP B 600 -17.66 3.33 47.19
C ASP B 600 -17.90 2.51 45.91
N TRP B 601 -18.40 3.17 44.88
CA TRP B 601 -18.73 2.51 43.61
C TRP B 601 -19.72 1.35 43.75
N VAL B 602 -20.53 1.37 44.79
CA VAL B 602 -21.64 0.44 44.88
C VAL B 602 -22.77 1.04 44.03
N PRO B 603 -23.31 0.24 43.08
CA PRO B 603 -24.35 0.74 42.18
C PRO B 603 -25.67 0.89 42.93
N LYS B 604 -26.39 1.97 42.61
CA LYS B 604 -27.57 2.39 43.34
C LYS B 604 -28.73 2.53 42.36
N LYS B 605 -29.88 1.92 42.68
CA LYS B 605 -31.08 2.15 41.90
C LYS B 605 -31.71 3.48 42.28
N LEU B 606 -32.04 4.28 41.27
CA LEU B 606 -32.75 5.50 41.51
C LEU B 606 -34.21 5.09 41.60
N ASP B 607 -34.77 5.13 42.80
CA ASP B 607 -36.13 4.66 42.98
C ASP B 607 -37.09 5.79 42.72
N VAL B 608 -37.53 5.88 41.47
CA VAL B 608 -38.16 7.11 41.00
C VAL B 608 -39.57 6.91 40.45
N SER B 609 -40.37 7.95 40.52
CA SER B 609 -41.66 7.97 39.85
C SER B 609 -41.54 8.91 38.65
N ILE B 610 -41.70 8.33 37.45
CA ILE B 610 -41.72 9.10 36.21
C ILE B 610 -42.96 8.69 35.45
N GLU B 611 -43.93 9.58 35.40
CA GLU B 611 -45.20 9.32 34.76
C GLU B 611 -45.04 9.32 33.23
N MET B 612 -45.01 8.13 32.65
CA MET B 612 -44.81 7.98 31.23
C MET B 612 -46.10 8.21 30.47
N PRO B 613 -46.05 9.01 29.38
CA PRO B 613 -47.31 9.39 28.74
C PRO B 613 -47.88 8.28 27.88
N GLU B 614 -49.19 8.24 27.78
CA GLU B 614 -49.80 7.22 26.93
C GLU B 614 -49.66 7.63 25.49
N GLU B 615 -49.51 8.92 25.28
CA GLU B 615 -49.32 9.48 23.94
C GLU B 615 -47.98 10.16 23.88
N LEU B 616 -47.17 9.80 22.89
CA LEU B 616 -45.82 10.30 22.77
C LEU B 616 -45.53 10.89 21.40
N ASP B 617 -45.35 12.21 21.34
CA ASP B 617 -44.95 12.85 20.09
C ASP B 617 -43.51 13.25 20.21
N ILE B 618 -42.69 12.65 19.37
CA ILE B 618 -41.28 12.78 19.52
C ILE B 618 -40.64 13.40 18.26
N SER B 619 -41.49 13.95 17.41
CA SER B 619 -41.07 14.37 16.07
C SER B 619 -40.18 15.62 16.09
N GLN B 620 -40.27 16.40 17.16
CA GLN B 620 -39.40 17.53 17.34
C GLN B 620 -37.94 17.09 17.54
N LEU B 621 -37.72 15.79 17.75
CA LEU B 621 -36.40 15.18 17.93
C LEU B 621 -35.82 14.50 16.68
N ARG B 622 -36.44 14.74 15.53
CA ARG B 622 -35.91 14.17 14.31
C ARG B 622 -34.66 14.93 13.89
N GLY B 623 -33.62 14.17 13.59
CA GLY B 623 -32.38 14.69 13.06
C GLY B 623 -32.52 15.00 11.59
N THR B 624 -31.76 16.02 11.17
CA THR B 624 -32.01 16.76 9.96
C THR B 624 -30.72 16.78 9.10
N GLY B 625 -29.63 16.28 9.68
CA GLY B 625 -28.34 16.18 9.01
C GLY B 625 -27.64 17.50 8.82
N LEU B 626 -26.54 17.47 8.06
CA LEU B 626 -25.77 18.68 7.69
C LEU B 626 -26.61 19.69 6.91
N GLN B 627 -26.78 20.88 7.47
CA GLN B 627 -27.61 21.91 6.86
C GLN B 627 -26.75 22.90 6.05
N PRO B 628 -27.27 23.38 4.89
CA PRO B 628 -26.50 24.37 4.12
C PRO B 628 -26.29 25.65 4.92
N GLY B 629 -25.05 26.12 4.98
CA GLY B 629 -24.66 27.19 5.89
C GLY B 629 -23.71 26.71 6.99
N GLU B 630 -23.64 25.40 7.19
CA GLU B 630 -22.78 24.79 8.22
C GLU B 630 -21.51 24.22 7.62
N GLU B 631 -20.36 24.61 8.16
CA GLU B 631 -19.07 24.08 7.69
C GLU B 631 -18.65 22.81 8.43
N GLU B 632 -18.11 21.85 7.70
CA GLU B 632 -17.68 20.57 8.28
C GLU B 632 -16.28 20.67 8.86
N LEU B 633 -16.07 20.01 10.00
CA LEU B 633 -14.72 19.89 10.55
C LEU B 633 -13.88 19.04 9.60
N PRO B 634 -12.64 19.45 9.34
CA PRO B 634 -11.74 18.74 8.42
C PRO B 634 -11.41 17.31 8.88
N ASP B 635 -10.92 16.51 7.94
CA ASP B 635 -10.56 15.13 8.21
C ASP B 635 -9.03 14.91 8.36
N ILE B 636 -8.63 13.64 8.36
CA ILE B 636 -7.21 13.23 8.41
C ILE B 636 -6.50 13.56 9.75
N LEU B 651 17.06 2.93 9.25
CA LEU B 651 16.32 3.68 10.25
C LEU B 651 15.56 4.89 9.66
N ASP B 652 16.22 6.06 9.63
CA ASP B 652 15.57 7.32 9.26
C ASP B 652 16.45 8.20 8.33
N GLU B 653 16.33 9.52 8.46
CA GLU B 653 16.96 10.50 7.55
C GLU B 653 17.95 11.44 8.26
N SER B 654 18.69 12.23 7.48
CA SER B 654 19.67 13.19 8.01
C SER B 654 19.02 14.32 8.79
N VAL B 655 17.79 14.64 8.43
CA VAL B 655 17.01 15.70 9.09
C VAL B 655 16.46 15.19 10.43
N ILE B 656 16.00 13.94 10.47
CA ILE B 656 15.49 13.33 11.71
C ILE B 656 16.58 13.21 12.80
N ILE B 657 17.78 12.76 12.43
CA ILE B 657 18.88 12.62 13.39
C ILE B 657 19.24 13.97 14.03
N GLN B 658 19.27 15.03 13.22
CA GLN B 658 19.54 16.41 13.65
C GLN B 658 18.58 16.91 14.74
N LEU B 659 17.31 16.53 14.62
CA LEU B 659 16.23 17.03 15.48
C LEU B 659 16.10 16.30 16.82
N VAL B 660 16.30 14.98 16.84
CA VAL B 660 16.33 14.24 18.12
C VAL B 660 17.55 14.63 18.95
N GLU B 661 18.59 15.09 18.25
CA GLU B 661 19.78 15.66 18.87
C GLU B 661 19.48 16.96 19.61
N MET B 662 18.48 17.70 19.13
CA MET B 662 18.04 18.95 19.76
C MET B 662 17.16 18.71 20.99
N GLY B 663 16.64 17.50 21.13
CA GLY B 663 15.77 17.16 22.27
C GLY B 663 14.33 16.84 21.89
N PHE B 664 13.96 17.10 20.63
CA PHE B 664 12.62 16.77 20.16
C PHE B 664 12.42 15.26 20.12
N PRO B 665 11.25 14.77 20.60
CA PRO B 665 10.99 13.33 20.64
C PRO B 665 10.85 12.72 19.24
N MET B 666 11.41 11.50 19.09
CA MET B 666 11.55 10.78 17.82
C MET B 666 10.33 10.77 16.89
N ASP B 667 9.16 10.44 17.44
CA ASP B 667 7.93 10.34 16.66
C ASP B 667 7.51 11.64 15.98
N ALA B 668 7.59 12.75 16.71
CA ALA B 668 7.25 14.07 16.21
C ALA B 668 8.18 14.46 15.06
N CYS B 669 9.47 14.21 15.26
CA CYS B 669 10.49 14.42 14.24
C CYS B 669 10.20 13.68 12.94
N ARG B 670 9.74 12.43 13.07
CA ARG B 670 9.43 11.61 11.92
C ARG B 670 8.24 12.18 11.16
N LYS B 671 7.25 12.64 11.91
CA LYS B 671 6.05 13.24 11.34
C LYS B 671 6.41 14.58 10.70
N ALA B 672 7.43 15.23 11.24
CA ALA B 672 7.81 16.59 10.84
C ALA B 672 8.36 16.64 9.43
N VAL B 673 9.22 15.68 9.12
CA VAL B 673 9.89 15.66 7.84
C VAL B 673 8.97 15.10 6.74
N TYR B 674 7.98 14.30 7.15
CA TYR B 674 6.99 13.74 6.23
C TYR B 674 5.87 14.73 5.87
N TYR B 675 5.42 15.53 6.85
CA TYR B 675 4.33 16.47 6.60
C TYR B 675 4.85 17.81 6.08
N THR B 676 6.16 17.93 5.92
CA THR B 676 6.75 19.06 5.22
C THR B 676 7.23 18.71 3.80
N GLY B 677 7.19 17.41 3.46
CA GLY B 677 7.58 16.94 2.13
C GLY B 677 9.07 17.04 1.89
N ASN B 678 9.85 16.69 2.92
CA ASN B 678 11.30 16.82 2.95
C ASN B 678 11.81 18.14 2.35
N SER B 679 11.33 19.24 2.93
CA SER B 679 11.72 20.59 2.51
C SER B 679 13.03 21.03 3.15
N GLY B 680 13.67 20.13 3.89
CA GLY B 680 14.86 20.47 4.65
C GLY B 680 14.63 20.52 6.15
N ALA B 681 15.67 20.89 6.89
CA ALA B 681 15.63 20.85 8.36
C ALA B 681 14.85 22.02 8.99
N GLU B 682 15.04 23.23 8.51
CA GLU B 682 14.37 24.40 9.08
C GLU B 682 12.85 24.32 9.02
N ALA B 683 12.33 23.89 7.88
CA ALA B 683 10.88 23.71 7.72
C ALA B 683 10.36 22.56 8.60
N ALA B 684 11.21 21.57 8.87
CA ALA B 684 10.88 20.46 9.75
C ALA B 684 10.95 20.87 11.22
N MET B 685 11.93 21.72 11.55
CA MET B 685 12.07 22.26 12.90
C MET B 685 10.82 23.04 13.27
N ASN B 686 10.38 23.93 12.37
CA ASN B 686 9.12 24.66 12.54
C ASN B 686 7.92 23.74 12.78
N TRP B 687 7.88 22.62 12.06
CA TRP B 687 6.79 21.66 12.23
C TRP B 687 6.77 21.04 13.64
N VAL B 688 7.88 20.43 14.08
CA VAL B 688 7.92 19.85 15.44
C VAL B 688 7.49 20.87 16.49
N MET B 689 7.95 22.10 16.36
CA MET B 689 7.62 23.13 17.32
C MET B 689 6.10 23.42 17.38
N SER B 690 5.40 23.20 16.26
CA SER B 690 3.96 23.45 16.15
C SER B 690 3.12 22.29 16.62
N HIS B 691 3.62 21.08 16.42
CA HIS B 691 2.74 19.91 16.41
C HIS B 691 3.15 18.80 17.36
N MET B 692 4.30 18.94 18.02
CA MET B 692 4.81 17.86 18.88
C MET B 692 3.87 17.46 20.02
N ASP B 693 3.04 18.41 20.46
CA ASP B 693 2.09 18.17 21.54
C ASP B 693 0.74 17.68 21.04
N ASP B 694 0.56 17.66 19.72
CA ASP B 694 -0.62 17.07 19.08
C ASP B 694 -0.68 15.58 19.44
N PRO B 695 -1.90 15.02 19.55
CA PRO B 695 -2.07 13.59 19.71
C PRO B 695 -1.65 12.83 18.46
N ASP B 696 -1.55 11.51 18.58
CA ASP B 696 -1.05 10.66 17.52
C ASP B 696 -1.96 10.67 16.31
N PHE B 697 -3.27 10.74 16.53
CA PHE B 697 -4.23 10.66 15.41
C PHE B 697 -4.35 11.98 14.63
N ALA B 698 -3.89 13.08 15.21
CA ALA B 698 -3.94 14.37 14.54
C ALA B 698 -3.09 14.36 13.27
N ASN B 699 -1.90 13.76 13.41
CA ASN B 699 -0.93 13.62 12.32
C ASN B 699 -0.47 12.15 12.22
N PRO B 700 -1.32 11.26 11.67
CA PRO B 700 -0.99 9.83 11.71
C PRO B 700 0.10 9.43 10.70
N LEU B 701 1.03 8.60 11.17
CA LEU B 701 2.09 8.09 10.31
C LEU B 701 2.34 6.58 10.54
N ILE B 702 2.15 5.81 9.47
CA ILE B 702 2.35 4.36 9.47
C ILE B 702 3.84 4.02 9.31
N LEU B 703 4.39 3.30 10.30
CA LEU B 703 5.83 2.97 10.38
C LEU B 703 6.33 2.12 9.19
N ASP B 717 -0.75 -18.36 8.39
CA ASP B 717 -1.34 -19.69 8.22
C ASP B 717 -2.87 -19.62 8.10
N PRO B 718 -3.44 -20.33 7.10
CA PRO B 718 -4.87 -20.33 6.80
C PRO B 718 -5.76 -20.74 7.99
N PRO B 719 -7.01 -20.24 8.03
CA PRO B 719 -8.00 -20.65 9.05
C PRO B 719 -8.53 -22.06 8.81
N PRO B 720 -8.88 -22.79 9.89
CA PRO B 720 -9.49 -24.11 9.75
C PRO B 720 -10.69 -24.03 8.79
N GLU B 721 -10.72 -24.95 7.81
CA GLU B 721 -11.71 -24.93 6.74
C GLU B 721 -13.17 -25.02 7.22
N ASP B 722 -13.38 -25.64 8.38
CA ASP B 722 -14.73 -25.81 8.92
C ASP B 722 -15.22 -24.61 9.73
N CYS B 723 -14.33 -23.65 9.97
CA CYS B 723 -14.75 -22.34 10.44
C CYS B 723 -15.43 -21.58 9.29
N VAL B 724 -14.86 -21.72 8.08
CA VAL B 724 -15.35 -21.07 6.85
C VAL B 724 -16.84 -21.34 6.60
N THR B 725 -17.21 -22.61 6.73
CA THR B 725 -18.55 -23.09 6.41
C THR B 725 -19.57 -22.58 7.42
N THR B 726 -19.22 -22.67 8.70
CA THR B 726 -20.04 -22.12 9.76
C THR B 726 -20.48 -20.70 9.37
N ILE B 727 -19.52 -19.85 9.00
CA ILE B 727 -19.81 -18.46 8.64
C ILE B 727 -20.60 -18.33 7.32
N VAL B 728 -20.14 -18.98 6.27
CA VAL B 728 -20.83 -18.94 4.98
C VAL B 728 -22.31 -19.32 5.11
N SER B 729 -22.56 -20.44 5.81
CA SER B 729 -23.92 -20.94 6.02
C SER B 729 -24.75 -20.07 6.98
N MET B 730 -24.10 -19.09 7.63
CA MET B 730 -24.82 -18.07 8.40
C MET B 730 -25.44 -17.02 7.46
N GLY B 731 -25.04 -17.08 6.18
CA GLY B 731 -25.59 -16.22 5.13
C GLY B 731 -24.59 -15.17 4.65
N PHE B 732 -23.34 -15.58 4.52
CA PHE B 732 -22.28 -14.70 4.02
C PHE B 732 -21.52 -15.40 2.93
N SER B 733 -20.97 -14.65 1.99
CA SER B 733 -20.14 -15.22 0.93
C SER B 733 -18.84 -15.82 1.49
N ARG B 734 -18.22 -16.68 0.71
CA ARG B 734 -16.90 -17.23 1.01
C ARG B 734 -15.87 -16.13 1.34
N ASP B 735 -15.81 -15.11 0.48
CA ASP B 735 -14.79 -14.07 0.57
C ASP B 735 -15.00 -13.28 1.84
N GLN B 736 -16.26 -13.12 2.22
CA GLN B 736 -16.55 -12.38 3.43
C GLN B 736 -16.05 -13.19 4.63
N ALA B 737 -16.40 -14.46 4.68
CA ALA B 737 -15.98 -15.37 5.76
C ALA B 737 -14.48 -15.29 6.03
N LEU B 738 -13.69 -15.33 4.95
CA LEU B 738 -12.24 -15.31 5.01
C LEU B 738 -11.67 -13.98 5.50
N LYS B 739 -12.17 -12.88 4.94
CA LYS B 739 -11.78 -11.53 5.35
C LYS B 739 -11.95 -11.40 6.86
N ALA B 740 -13.10 -11.87 7.35
CA ALA B 740 -13.42 -11.87 8.77
C ALA B 740 -12.44 -12.70 9.60
N LEU B 741 -12.11 -13.89 9.10
CA LEU B 741 -11.19 -14.79 9.83
C LEU B 741 -9.77 -14.26 9.87
N ARG B 742 -9.35 -13.62 8.77
CA ARG B 742 -8.05 -12.97 8.68
C ARG B 742 -7.94 -11.81 9.68
N ALA B 743 -9.01 -11.04 9.82
CA ALA B 743 -9.00 -9.85 10.67
C ALA B 743 -8.94 -10.15 12.16
N THR B 744 -9.22 -11.40 12.53
CA THR B 744 -9.42 -11.74 13.93
C THR B 744 -8.55 -12.90 14.41
N ASN B 745 -7.44 -13.12 13.71
CA ASN B 745 -6.49 -14.18 14.06
C ASN B 745 -7.19 -15.54 14.23
N ASN B 746 -8.07 -15.86 13.28
CA ASN B 746 -8.81 -17.13 13.23
C ASN B 746 -9.70 -17.40 14.46
N SER B 747 -9.81 -16.44 15.38
CA SER B 747 -10.70 -16.57 16.53
C SER B 747 -12.16 -16.56 16.03
N LEU B 748 -12.70 -17.78 15.91
CA LEU B 748 -14.08 -18.02 15.40
C LEU B 748 -15.17 -17.11 15.98
N GLU B 749 -15.11 -16.86 17.29
CA GLU B 749 -16.12 -16.04 17.96
C GLU B 749 -16.00 -14.54 17.61
N ARG B 750 -14.76 -14.06 17.49
CA ARG B 750 -14.48 -12.66 17.15
C ARG B 750 -14.85 -12.42 15.71
N ALA B 751 -14.61 -13.43 14.87
CA ALA B 751 -14.90 -13.36 13.45
C ALA B 751 -16.38 -13.14 13.20
N VAL B 752 -17.21 -13.83 13.99
CA VAL B 752 -18.66 -13.61 13.93
C VAL B 752 -19.02 -12.16 14.25
N ASP B 753 -18.46 -11.62 15.33
CA ASP B 753 -18.68 -10.23 15.68
C ASP B 753 -18.18 -9.28 14.59
N TRP B 754 -17.06 -9.63 13.97
CA TRP B 754 -16.49 -8.86 12.86
C TRP B 754 -17.41 -8.71 11.63
N ILE B 755 -17.87 -9.82 11.01
CA ILE B 755 -18.68 -9.70 9.76
C ILE B 755 -19.97 -8.95 10.02
N PHE B 756 -20.63 -9.24 11.14
CA PHE B 756 -21.89 -8.57 11.44
C PHE B 756 -21.69 -7.08 11.60
N SER B 757 -20.59 -6.68 12.23
CA SER B 757 -20.27 -5.26 12.35
C SER B 757 -19.73 -4.64 11.07
N HIS B 758 -19.20 -5.46 10.15
CA HIS B 758 -18.57 -4.97 8.92
C HIS B 758 -19.34 -5.13 7.59
N ILE B 759 -20.38 -5.97 7.52
CA ILE B 759 -21.04 -6.18 6.20
C ILE B 759 -21.51 -4.92 5.50
N ASP B 760 -22.15 -4.01 6.22
CA ASP B 760 -22.60 -2.75 5.63
C ASP B 760 -21.49 -2.06 4.88
N ASP B 761 -20.33 -1.93 5.53
CA ASP B 761 -19.15 -1.32 4.93
C ASP B 761 -18.58 -2.22 3.83
N LEU B 762 -18.78 -3.54 3.95
CA LEU B 762 -18.35 -4.47 2.91
C LEU B 762 -19.27 -4.37 1.69
N ASP B 763 -20.58 -4.39 1.91
CA ASP B 763 -21.59 -4.18 0.87
C ASP B 763 -21.48 -2.80 0.22
N ALA B 764 -21.08 -1.79 0.99
CA ALA B 764 -20.85 -0.45 0.46
C ALA B 764 -19.58 -0.38 -0.42
N GLU B 765 -18.64 -1.28 -0.20
CA GLU B 765 -17.45 -1.37 -1.07
C GLU B 765 -17.82 -1.97 -2.42
N ALA B 766 -18.78 -2.91 -2.41
CA ALA B 766 -19.26 -3.57 -3.61
C ALA B 766 -19.93 -2.60 -4.59
N ALA B 767 -20.65 -1.62 -4.05
CA ALA B 767 -21.31 -0.58 -4.83
C ALA B 767 -20.33 0.21 -5.69
N MET B 768 -19.20 0.60 -5.09
CA MET B 768 -18.14 1.33 -5.79
C MET B 768 -17.52 0.49 -6.91
N ASP B 769 -17.85 0.85 -8.16
CA ASP B 769 -17.39 0.14 -9.36
C ASP B 769 -16.25 0.90 -10.07
N GLY B 787 -27.31 2.32 3.49
CA GLY B 787 -26.67 1.61 4.61
C GLY B 787 -27.54 0.50 5.21
N PRO B 788 -27.56 0.37 6.55
CA PRO B 788 -28.42 -0.65 7.19
C PRO B 788 -29.89 -0.42 6.86
N LYS B 789 -30.65 -1.51 6.72
CA LYS B 789 -32.10 -1.45 6.49
C LYS B 789 -32.81 -1.03 7.75
N VAL B 790 -33.56 0.07 7.67
CA VAL B 790 -34.41 0.55 8.77
C VAL B 790 -35.76 0.96 8.21
N ARG B 791 -36.79 0.85 9.04
CA ARG B 791 -38.12 1.25 8.65
C ARG B 791 -38.37 2.59 9.29
N ASP B 792 -38.43 3.66 8.52
CA ASP B 792 -38.77 4.94 9.11
C ASP B 792 -40.30 5.09 9.09
N GLY B 793 -40.79 6.18 9.68
CA GLY B 793 -42.20 6.56 9.71
C GLY B 793 -42.30 7.71 10.70
N PRO B 794 -43.49 8.30 10.87
CA PRO B 794 -43.57 9.42 11.81
C PRO B 794 -43.35 9.00 13.28
N GLY B 795 -42.81 9.91 14.08
CA GLY B 795 -42.60 9.64 15.49
C GLY B 795 -43.74 9.99 16.43
N LYS B 796 -44.96 9.58 16.09
CA LYS B 796 -46.07 9.70 17.04
C LYS B 796 -46.36 8.31 17.64
N TYR B 797 -46.32 8.19 18.96
CA TYR B 797 -46.46 6.87 19.58
C TYR B 797 -47.64 6.73 20.53
N GLN B 798 -48.10 5.50 20.74
CA GLN B 798 -48.99 5.14 21.88
C GLN B 798 -48.29 4.11 22.73
N LEU B 799 -48.39 4.25 24.05
CA LEU B 799 -47.76 3.32 24.97
C LEU B 799 -48.36 1.95 24.80
N PHE B 800 -47.52 0.97 24.51
CA PHE B 800 -48.00 -0.38 24.19
C PHE B 800 -47.74 -1.37 25.32
N ALA B 801 -46.53 -1.35 25.89
CA ALA B 801 -46.12 -2.26 26.98
C ALA B 801 -44.96 -1.67 27.78
N PHE B 802 -44.78 -2.14 29.02
CA PHE B 802 -43.61 -1.80 29.83
C PHE B 802 -43.21 -2.89 30.81
N ILE B 803 -41.93 -2.94 31.15
CA ILE B 803 -41.35 -3.96 32.02
C ILE B 803 -40.86 -3.28 33.27
N SER B 804 -41.31 -3.76 34.42
CA SER B 804 -40.98 -3.15 35.69
C SER B 804 -40.06 -4.05 36.48
N HIS B 805 -38.97 -3.47 36.97
CA HIS B 805 -38.13 -4.10 37.99
C HIS B 805 -38.63 -3.62 39.34
N MET B 806 -39.13 -4.54 40.16
CA MET B 806 -39.69 -4.18 41.45
C MET B 806 -38.67 -4.41 42.53
N GLY B 807 -38.37 -3.38 43.32
CA GLY B 807 -37.45 -3.50 44.45
C GLY B 807 -36.60 -2.26 44.63
N THR B 808 -35.76 -2.24 45.67
CA THR B 808 -34.93 -1.06 45.89
C THR B 808 -33.45 -1.36 45.65
N SER B 809 -33.17 -2.62 45.38
CA SER B 809 -31.81 -3.05 45.15
C SER B 809 -31.49 -3.20 43.68
N THR B 810 -30.25 -2.88 43.38
CA THR B 810 -29.64 -3.14 42.11
C THR B 810 -29.45 -4.62 41.91
N MET B 811 -29.25 -5.35 43.01
CA MET B 811 -28.71 -6.71 42.96
C MET B 811 -29.77 -7.80 43.04
N CYS B 812 -31.00 -7.41 43.35
CA CYS B 812 -32.15 -8.28 43.16
C CYS B 812 -33.47 -7.54 43.20
N GLY B 813 -34.53 -8.29 42.95
CA GLY B 813 -35.88 -7.77 42.84
C GLY B 813 -36.68 -8.68 41.96
N HIS B 814 -37.83 -8.20 41.52
CA HIS B 814 -38.75 -9.01 40.72
C HIS B 814 -39.18 -8.32 39.40
N TYR B 815 -39.29 -9.08 38.31
CA TYR B 815 -39.71 -8.52 37.01
C TYR B 815 -41.11 -8.94 36.60
N VAL B 816 -41.98 -7.95 36.42
CA VAL B 816 -43.28 -8.21 35.80
C VAL B 816 -43.29 -7.43 34.51
N CYS B 817 -44.28 -7.68 33.65
CA CYS B 817 -44.56 -6.80 32.49
C CYS B 817 -46.05 -6.46 32.34
N HIS B 818 -46.34 -5.34 31.70
CA HIS B 818 -47.73 -4.91 31.51
C HIS B 818 -47.86 -4.63 30.04
N ILE B 819 -48.81 -5.32 29.41
CA ILE B 819 -49.06 -5.16 27.98
C ILE B 819 -50.50 -4.75 27.75
N LYS B 820 -50.72 -3.87 26.77
CA LYS B 820 -52.06 -3.48 26.37
C LYS B 820 -52.55 -4.40 25.25
N LYS B 821 -53.63 -5.12 25.54
CA LYS B 821 -54.21 -6.09 24.61
C LYS B 821 -55.71 -5.87 24.47
N GLU B 822 -56.17 -5.82 23.23
CA GLU B 822 -57.59 -5.57 22.90
C GLU B 822 -58.14 -4.34 23.64
N GLY B 823 -57.32 -3.30 23.70
CA GLY B 823 -57.73 -2.01 24.27
C GLY B 823 -57.66 -1.89 25.78
N ARG B 824 -57.13 -2.92 26.44
CA ARG B 824 -57.12 -3.01 27.91
C ARG B 824 -55.76 -3.55 28.42
N TRP B 825 -55.35 -3.13 29.62
CA TRP B 825 -54.02 -3.46 30.14
C TRP B 825 -53.97 -4.78 30.87
N VAL B 826 -52.87 -5.50 30.70
CA VAL B 826 -52.70 -6.81 31.32
C VAL B 826 -51.37 -6.86 32.04
N ILE B 827 -51.39 -7.44 33.24
CA ILE B 827 -50.18 -7.76 33.99
C ILE B 827 -49.86 -9.25 33.82
N TYR B 828 -48.61 -9.50 33.41
CA TYR B 828 -48.04 -10.83 33.33
C TYR B 828 -47.01 -10.99 34.43
N ASN B 829 -47.28 -11.90 35.38
CA ASN B 829 -46.36 -12.15 36.48
C ASN B 829 -46.07 -13.65 36.58
N ASP B 830 -45.01 -14.09 35.91
CA ASP B 830 -44.76 -15.50 35.77
C ASP B 830 -46.06 -16.22 35.35
N GLN B 831 -46.56 -17.15 36.18
CA GLN B 831 -47.77 -17.94 35.88
C GLN B 831 -49.07 -17.14 35.87
N LYS B 832 -49.11 -16.00 36.55
CA LYS B 832 -50.35 -15.27 36.80
C LYS B 832 -50.61 -14.21 35.73
N VAL B 833 -51.79 -14.26 35.12
CA VAL B 833 -52.17 -13.36 34.04
C VAL B 833 -53.53 -12.68 34.32
N CYS B 834 -53.48 -11.41 34.73
CA CYS B 834 -54.67 -10.67 35.20
C CYS B 834 -54.90 -9.38 34.46
N ALA B 835 -56.14 -8.90 34.50
CA ALA B 835 -56.51 -7.58 33.99
C ALA B 835 -56.03 -6.51 34.94
N SER B 836 -55.12 -5.66 34.47
CA SER B 836 -54.65 -4.53 35.24
C SER B 836 -55.66 -3.41 35.14
N GLU B 837 -55.97 -2.75 36.26
CA GLU B 837 -56.85 -1.59 36.22
C GLU B 837 -56.06 -0.28 36.23
N LYS B 838 -55.48 0.07 37.38
CA LYS B 838 -54.54 1.19 37.48
C LYS B 838 -53.10 0.66 37.31
N PRO B 839 -52.63 0.58 36.05
CA PRO B 839 -51.29 0.03 35.80
C PRO B 839 -50.19 1.05 36.13
N PRO B 840 -49.10 0.60 36.79
CA PRO B 840 -48.05 1.46 37.34
C PRO B 840 -47.10 2.05 36.29
N LYS B 841 -47.64 2.89 35.39
CA LYS B 841 -46.89 3.48 34.27
C LYS B 841 -45.71 4.29 34.74
N ASP B 842 -45.71 4.65 36.02
CA ASP B 842 -44.73 5.57 36.54
C ASP B 842 -43.59 4.88 37.29
N LEU B 843 -43.67 3.56 37.43
CA LEU B 843 -42.64 2.79 38.13
C LEU B 843 -41.89 1.80 37.24
N GLY B 844 -42.15 1.80 35.94
CA GLY B 844 -41.55 0.82 35.02
C GLY B 844 -40.10 1.14 34.68
N TYR B 845 -39.46 0.22 33.93
CA TYR B 845 -38.03 0.25 33.65
C TYR B 845 -37.75 0.30 32.14
N ILE B 846 -38.42 -0.60 31.41
CA ILE B 846 -38.29 -0.63 29.95
C ILE B 846 -39.66 -0.46 29.31
N TYR B 847 -39.79 0.61 28.53
CA TYR B 847 -41.05 0.93 27.89
C TYR B 847 -41.04 0.61 26.40
N PHE B 848 -42.21 0.24 25.89
CA PHE B 848 -42.38 -0.13 24.50
C PHE B 848 -43.47 0.73 23.88
N TYR B 849 -43.05 1.65 23.00
CA TYR B 849 -43.98 2.52 22.33
C TYR B 849 -44.35 2.03 20.92
N GLN B 850 -45.65 1.90 20.66
CA GLN B 850 -46.16 1.51 19.34
C GLN B 850 -46.48 2.72 18.44
N ARG B 851 -45.85 2.79 17.27
CA ARG B 851 -46.06 3.91 16.38
C ARG B 851 -47.51 3.91 15.92
N VAL B 852 -48.23 5.01 16.05
CA VAL B 852 -49.64 4.95 15.70
C VAL B 852 -49.82 4.51 14.26
N ALA B 853 -49.06 5.11 13.36
CA ALA B 853 -49.19 4.84 11.92
C ALA B 853 -48.79 3.45 11.48
N SER B 854 -48.42 2.59 12.42
CA SER B 854 -48.11 1.22 12.02
C SER B 854 -48.55 0.17 13.02
N MET C 1 5.21 -6.18 -18.79
CA MET C 1 4.66 -5.20 -19.77
C MET C 1 5.21 -5.45 -21.17
N GLN C 2 4.57 -4.85 -22.18
CA GLN C 2 5.01 -4.93 -23.57
C GLN C 2 5.72 -3.69 -23.99
N ILE C 3 6.82 -3.83 -24.71
CA ILE C 3 7.45 -2.67 -25.37
C ILE C 3 7.75 -2.96 -26.83
N PHE C 4 8.15 -1.94 -27.56
CA PHE C 4 8.40 -2.13 -28.97
C PHE C 4 9.86 -1.85 -29.22
N VAL C 5 10.44 -2.59 -30.16
CA VAL C 5 11.78 -2.30 -30.65
C VAL C 5 11.72 -2.17 -32.17
N LYS C 6 12.03 -0.99 -32.69
CA LYS C 6 12.18 -0.89 -34.14
C LYS C 6 13.58 -1.38 -34.52
N THR C 7 13.65 -2.40 -35.38
CA THR C 7 14.93 -2.97 -35.82
C THR C 7 15.39 -2.29 -37.14
N LEU C 8 16.61 -2.59 -37.60
CA LEU C 8 17.19 -1.86 -38.73
C LEU C 8 16.64 -2.29 -40.09
N THR C 9 15.79 -3.31 -40.08
CA THR C 9 14.99 -3.66 -41.24
C THR C 9 13.91 -2.58 -41.47
N GLY C 10 13.31 -2.12 -40.37
CA GLY C 10 12.08 -1.34 -40.40
C GLY C 10 11.05 -2.05 -39.52
N LYS C 11 11.22 -3.37 -39.42
CA LYS C 11 10.33 -4.22 -38.68
C LYS C 11 10.33 -3.87 -37.21
N THR C 12 9.12 -3.71 -36.65
CA THR C 12 8.94 -3.49 -35.23
C THR C 12 8.48 -4.77 -34.56
N ILE C 13 9.14 -5.11 -33.46
CA ILE C 13 8.82 -6.30 -32.70
C ILE C 13 8.37 -5.90 -31.31
N THR C 14 7.76 -6.83 -30.60
CA THR C 14 7.35 -6.61 -29.23
C THR C 14 8.29 -7.42 -28.33
N LEU C 15 8.51 -6.95 -27.10
CA LEU C 15 9.22 -7.74 -26.10
C LEU C 15 8.45 -7.70 -24.80
N GLU C 16 8.36 -8.86 -24.14
CA GLU C 16 7.90 -8.92 -22.74
C GLU C 16 9.02 -8.51 -21.80
N VAL C 17 8.81 -7.39 -21.10
CA VAL C 17 9.80 -6.90 -20.15
C VAL C 17 9.17 -6.47 -18.82
N GLU C 18 10.00 -6.38 -17.80
CA GLU C 18 9.63 -5.82 -16.51
C GLU C 18 10.40 -4.52 -16.37
N PRO C 19 9.87 -3.55 -15.59
CA PRO C 19 10.62 -2.29 -15.45
C PRO C 19 12.02 -2.49 -14.86
N SER C 20 12.20 -3.54 -14.08
CA SER C 20 13.46 -3.78 -13.38
C SER C 20 14.52 -4.53 -14.22
N ASP C 21 14.19 -4.81 -15.48
CA ASP C 21 15.11 -5.49 -16.39
C ASP C 21 16.22 -4.54 -16.79
N THR C 22 17.46 -5.05 -16.76
CA THR C 22 18.62 -4.32 -17.27
C THR C 22 18.52 -4.13 -18.78
N ILE C 23 19.37 -3.25 -19.32
CA ILE C 23 19.45 -3.09 -20.76
C ILE C 23 20.02 -4.36 -21.41
N GLU C 24 21.07 -4.91 -20.81
CA GLU C 24 21.71 -6.12 -21.34
C GLU C 24 20.74 -7.31 -21.38
N ASN C 25 19.79 -7.30 -20.45
CA ASN C 25 18.64 -8.18 -20.41
C ASN C 25 17.73 -7.98 -21.63
N VAL C 26 17.40 -6.73 -21.92
CA VAL C 26 16.58 -6.40 -23.06
C VAL C 26 17.35 -6.79 -24.33
N LYS C 27 18.63 -6.41 -24.38
CA LYS C 27 19.51 -6.81 -25.47
C LYS C 27 19.44 -8.32 -25.69
N ALA C 28 19.54 -9.08 -24.60
CA ALA C 28 19.45 -10.55 -24.65
C ALA C 28 18.08 -11.04 -25.11
N LYS C 29 17.04 -10.32 -24.73
CA LYS C 29 15.68 -10.67 -25.15
C LYS C 29 15.52 -10.43 -26.65
N ILE C 30 16.36 -9.55 -27.20
CA ILE C 30 16.34 -9.23 -28.63
C ILE C 30 17.02 -10.36 -29.43
N GLN C 31 18.19 -10.79 -28.97
CA GLN C 31 18.85 -11.95 -29.53
C GLN C 31 17.85 -13.13 -29.57
N ASP C 32 17.17 -13.36 -28.46
CA ASP C 32 16.21 -14.45 -28.36
C ASP C 32 15.20 -14.46 -29.49
N LYS C 33 14.75 -13.28 -29.89
CA LYS C 33 13.67 -13.12 -30.85
C LYS C 33 14.21 -12.94 -32.26
N GLU C 34 15.23 -12.08 -32.41
CA GLU C 34 15.70 -11.64 -33.71
C GLU C 34 17.02 -12.24 -34.16
N GLY C 35 17.81 -12.73 -33.22
CA GLY C 35 19.09 -13.35 -33.54
C GLY C 35 20.26 -12.39 -33.48
N ILE C 36 19.96 -11.09 -33.42
CA ILE C 36 20.97 -10.03 -33.33
C ILE C 36 21.83 -10.17 -32.06
N PRO C 37 23.15 -10.36 -32.22
CA PRO C 37 24.08 -10.48 -31.10
C PRO C 37 24.07 -9.23 -30.24
N PRO C 38 23.95 -9.38 -28.91
CA PRO C 38 23.94 -8.27 -27.96
C PRO C 38 25.12 -7.29 -28.08
N ASP C 39 26.31 -7.79 -28.42
CA ASP C 39 27.48 -6.90 -28.64
C ASP C 39 27.33 -5.98 -29.85
N GLN C 40 26.30 -6.22 -30.66
CA GLN C 40 26.06 -5.40 -31.85
C GLN C 40 24.87 -4.47 -31.68
N GLN C 41 24.24 -4.51 -30.51
CA GLN C 41 23.04 -3.72 -30.26
C GLN C 41 23.35 -2.37 -29.63
N ARG C 42 22.79 -1.30 -30.19
CA ARG C 42 22.87 0.01 -29.57
C ARG C 42 21.48 0.62 -29.55
N LEU C 43 20.92 0.81 -28.34
CA LEU C 43 19.52 1.16 -28.18
C LEU C 43 19.25 2.60 -27.86
N ILE C 44 18.27 3.19 -28.53
CA ILE C 44 17.95 4.62 -28.33
C ILE C 44 16.50 4.79 -27.92
N PHE C 45 16.29 5.54 -26.85
CA PHE C 45 14.96 5.92 -26.44
C PHE C 45 14.90 7.41 -26.16
N ALA C 46 13.96 8.07 -26.83
CA ALA C 46 13.62 9.45 -26.53
C ALA C 46 14.87 10.35 -26.61
N GLY C 47 15.65 10.12 -27.65
CA GLY C 47 16.87 10.89 -27.87
C GLY C 47 17.96 10.62 -26.84
N LYS C 48 17.95 9.43 -26.24
CA LYS C 48 19.01 9.11 -25.31
C LYS C 48 19.53 7.70 -25.46
N GLN C 49 20.85 7.57 -25.54
CA GLN C 49 21.50 6.26 -25.57
C GLN C 49 21.29 5.50 -24.28
N LEU C 50 20.94 4.22 -24.36
CA LEU C 50 20.73 3.44 -23.15
C LEU C 50 21.98 2.63 -22.80
N GLU C 51 22.48 2.77 -21.59
CA GLU C 51 23.72 2.09 -21.21
C GLU C 51 23.48 0.80 -20.42
N ASP C 52 24.37 -0.17 -20.62
CA ASP C 52 24.38 -1.38 -19.81
C ASP C 52 24.54 -1.05 -18.31
N GLY C 53 23.89 -1.85 -17.46
CA GLY C 53 23.93 -1.63 -16.02
C GLY C 53 22.85 -0.68 -15.53
N ARG C 54 21.94 -0.31 -16.45
CA ARG C 54 20.78 0.50 -16.09
C ARG C 54 19.53 -0.29 -16.45
N THR C 55 18.45 -0.05 -15.70
CA THR C 55 17.21 -0.77 -15.91
C THR C 55 16.34 0.08 -16.83
N LEU C 56 15.23 -0.49 -17.27
CA LEU C 56 14.27 0.28 -18.06
C LEU C 56 13.61 1.31 -17.16
N SER C 57 13.55 1.02 -15.87
CA SER C 57 12.90 1.94 -14.96
C SER C 57 13.78 3.12 -14.63
N ASP C 58 15.10 3.01 -14.84
CA ASP C 58 15.96 4.18 -14.70
C ASP C 58 15.65 5.22 -15.79
N TYR C 59 15.24 4.74 -16.96
CA TYR C 59 14.96 5.66 -18.06
C TYR C 59 13.48 6.04 -18.09
N ASN C 60 12.73 5.48 -17.15
CA ASN C 60 11.30 5.68 -17.10
C ASN C 60 10.69 5.20 -18.39
N ILE C 61 11.13 4.03 -18.85
CA ILE C 61 10.53 3.40 -20.00
C ILE C 61 9.30 2.65 -19.53
N GLN C 62 8.14 3.07 -20.03
CA GLN C 62 6.89 2.49 -19.61
C GLN C 62 6.32 1.53 -20.67
N LYS C 63 5.25 0.83 -20.32
CA LYS C 63 4.59 -0.04 -21.28
C LYS C 63 4.37 0.67 -22.62
N GLU C 64 4.66 -0.05 -23.70
CA GLU C 64 4.38 0.36 -25.08
C GLU C 64 5.25 1.49 -25.61
N SER C 65 6.37 1.73 -24.91
CA SER C 65 7.42 2.58 -25.44
C SER C 65 8.01 1.99 -26.70
N THR C 66 8.59 2.85 -27.53
CA THR C 66 9.33 2.33 -28.66
C THR C 66 10.81 2.65 -28.46
N LEU C 67 11.63 1.61 -28.45
CA LEU C 67 13.09 1.77 -28.47
C LEU C 67 13.60 1.56 -29.89
N HIS C 68 14.67 2.25 -30.24
CA HIS C 68 15.24 2.15 -31.57
C HIS C 68 16.64 1.56 -31.51
N LEU C 69 16.90 0.64 -32.42
CA LEU C 69 18.22 0.08 -32.58
C LEU C 69 18.96 0.95 -33.60
N VAL C 70 20.23 1.25 -33.36
CA VAL C 70 21.08 1.92 -34.37
C VAL C 70 22.44 1.28 -34.52
N LEU C 71 23.09 1.60 -35.64
CA LEU C 71 24.45 1.17 -35.93
C LEU C 71 25.39 2.38 -36.06
N ARG C 72 26.68 2.16 -35.83
CA ARG C 72 27.69 3.23 -35.95
C ARG C 72 28.26 3.36 -37.35
N LEU C 73 28.43 4.60 -37.78
CA LEU C 73 29.23 4.93 -38.92
C LEU C 73 30.48 5.64 -38.40
N ARG C 74 31.46 4.86 -37.98
CA ARG C 74 32.67 5.42 -37.43
C ARG C 74 33.49 6.21 -38.44
N GLY C 75 34.05 7.32 -37.96
CA GLY C 75 34.91 8.15 -38.76
C GLY C 75 35.77 9.02 -37.86
N MET D 1 -7.15 7.59 17.62
CA MET D 1 -8.49 8.22 17.39
C MET D 1 -9.19 8.57 18.70
N GLN D 2 -10.15 9.49 18.64
CA GLN D 2 -10.98 9.76 19.80
C GLN D 2 -12.39 9.19 19.69
N ILE D 3 -12.91 8.73 20.82
CA ILE D 3 -14.27 8.20 20.90
C ILE D 3 -14.91 8.83 22.10
N PHE D 4 -16.21 8.68 22.22
CA PHE D 4 -16.94 9.32 23.29
C PHE D 4 -17.55 8.24 24.14
N VAL D 5 -17.71 8.52 25.44
CA VAL D 5 -18.33 7.58 26.37
C VAL D 5 -19.30 8.36 27.21
N LYS D 6 -20.55 7.93 27.21
CA LYS D 6 -21.55 8.54 28.05
C LYS D 6 -21.52 7.86 29.41
N THR D 7 -21.19 8.63 30.43
CA THR D 7 -21.14 8.20 31.84
C THR D 7 -22.55 8.17 32.40
N LEU D 8 -22.74 7.53 33.54
CA LEU D 8 -24.05 7.49 34.19
C LEU D 8 -24.45 8.84 34.79
N THR D 9 -23.46 9.69 35.03
CA THR D 9 -23.70 11.08 35.40
C THR D 9 -24.57 11.73 34.33
N GLY D 10 -24.41 11.26 33.09
CA GLY D 10 -24.90 11.95 31.90
C GLY D 10 -23.71 12.54 31.14
N LYS D 11 -22.67 12.92 31.89
CA LYS D 11 -21.48 13.50 31.31
C LYS D 11 -20.92 12.61 30.23
N THR D 12 -20.62 13.21 29.08
CA THR D 12 -19.94 12.51 28.00
C THR D 12 -18.45 12.91 27.98
N ILE D 13 -17.58 11.90 27.99
CA ILE D 13 -16.14 12.09 28.03
C ILE D 13 -15.48 11.53 26.77
N THR D 14 -14.26 11.96 26.48
CA THR D 14 -13.50 11.47 25.34
C THR D 14 -12.41 10.54 25.81
N LEU D 15 -12.06 9.57 24.97
CA LEU D 15 -10.88 8.76 25.20
C LEU D 15 -9.99 8.71 23.97
N GLU D 16 -8.71 8.44 24.18
CA GLU D 16 -7.74 8.28 23.12
C GLU D 16 -7.48 6.78 22.96
N VAL D 17 -7.82 6.23 21.79
CA VAL D 17 -7.83 4.80 21.55
C VAL D 17 -7.38 4.42 20.14
N GLU D 18 -7.01 3.15 19.98
CA GLU D 18 -6.68 2.60 18.70
C GLU D 18 -7.63 1.43 18.42
N PRO D 19 -7.91 1.17 17.12
CA PRO D 19 -8.87 0.11 16.81
C PRO D 19 -8.49 -1.20 17.45
N SER D 20 -7.20 -1.46 17.61
CA SER D 20 -6.71 -2.71 18.19
C SER D 20 -6.87 -2.83 19.73
N ASP D 21 -7.29 -1.75 20.40
CA ASP D 21 -7.46 -1.77 21.86
C ASP D 21 -8.55 -2.73 22.23
N THR D 22 -8.32 -3.51 23.28
CA THR D 22 -9.31 -4.45 23.81
C THR D 22 -10.34 -3.72 24.65
N ILE D 23 -11.51 -4.32 24.87
CA ILE D 23 -12.54 -3.72 25.71
C ILE D 23 -11.99 -3.57 27.14
N GLU D 24 -11.42 -4.67 27.64
CA GLU D 24 -10.59 -4.68 28.84
C GLU D 24 -9.72 -3.41 28.87
N ASN D 25 -9.03 -3.16 27.75
CA ASN D 25 -8.18 -1.97 27.61
C ASN D 25 -8.93 -0.63 27.67
N VAL D 26 -10.04 -0.50 26.96
CA VAL D 26 -10.89 0.71 27.01
C VAL D 26 -11.43 0.97 28.42
N LYS D 27 -11.88 -0.09 29.08
CA LYS D 27 -12.39 0.02 30.47
C LYS D 27 -11.35 0.61 31.42
N ALA D 28 -10.09 0.24 31.22
CA ALA D 28 -8.98 0.76 32.00
C ALA D 28 -8.82 2.25 31.76
N LYS D 29 -9.16 2.71 30.56
CA LYS D 29 -8.98 4.12 30.23
C LYS D 29 -10.10 4.96 30.82
N ILE D 30 -11.29 4.37 30.89
CA ILE D 30 -12.41 5.03 31.55
C ILE D 30 -12.11 5.17 33.04
N GLN D 31 -11.47 4.15 33.61
CA GLN D 31 -10.99 4.19 35.00
C GLN D 31 -10.00 5.34 35.24
N ASP D 32 -9.00 5.47 34.36
CA ASP D 32 -8.03 6.55 34.49
C ASP D 32 -8.72 7.90 34.52
N LYS D 33 -9.65 8.11 33.60
CA LYS D 33 -10.30 9.40 33.44
C LYS D 33 -11.35 9.64 34.51
N GLU D 34 -12.23 8.67 34.72
CA GLU D 34 -13.38 8.87 35.60
C GLU D 34 -13.28 8.19 36.96
N GLY D 35 -12.36 7.25 37.11
CA GLY D 35 -12.23 6.48 38.35
C GLY D 35 -13.06 5.21 38.49
N ILE D 36 -14.03 5.01 37.60
CA ILE D 36 -14.94 3.86 37.65
C ILE D 36 -14.20 2.54 37.46
N PRO D 37 -14.19 1.68 38.49
CA PRO D 37 -13.50 0.39 38.46
C PRO D 37 -14.02 -0.47 37.31
N PRO D 38 -13.10 -1.02 36.50
CA PRO D 38 -13.45 -1.76 35.28
C PRO D 38 -14.43 -2.92 35.52
N ASP D 39 -14.41 -3.52 36.71
CA ASP D 39 -15.28 -4.65 36.98
C ASP D 39 -16.71 -4.21 37.22
N GLN D 40 -16.91 -2.90 37.32
CA GLN D 40 -18.25 -2.32 37.44
C GLN D 40 -18.74 -1.74 36.10
N GLN D 41 -17.86 -1.74 35.10
CA GLN D 41 -18.19 -1.12 33.83
C GLN D 41 -18.88 -2.09 32.88
N ARG D 42 -19.97 -1.66 32.25
CA ARG D 42 -20.65 -2.44 31.22
C ARG D 42 -20.94 -1.52 30.02
N LEU D 43 -20.30 -1.81 28.88
CA LEU D 43 -20.40 -0.94 27.72
C LEU D 43 -21.37 -1.43 26.64
N ILE D 44 -22.21 -0.53 26.17
CA ILE D 44 -23.06 -0.82 25.02
C ILE D 44 -22.61 0.03 23.85
N PHE D 45 -22.45 -0.61 22.69
CA PHE D 45 -22.32 0.15 21.45
C PHE D 45 -23.29 -0.32 20.40
N ALA D 46 -24.07 0.63 19.89
CA ALA D 46 -25.04 0.40 18.83
C ALA D 46 -25.94 -0.80 19.11
N GLY D 47 -26.50 -0.83 20.31
CA GLY D 47 -27.44 -1.89 20.70
C GLY D 47 -26.80 -3.25 20.98
N LYS D 48 -25.48 -3.27 21.18
CA LYS D 48 -24.88 -4.49 21.68
C LYS D 48 -23.81 -4.31 22.72
N GLN D 49 -23.79 -5.27 23.64
CA GLN D 49 -22.86 -5.29 24.74
C GLN D 49 -21.47 -5.63 24.24
N LEU D 50 -20.48 -4.93 24.79
CA LEU D 50 -19.11 -5.14 24.37
C LEU D 50 -18.48 -6.08 25.35
N GLU D 51 -17.71 -7.06 24.87
CA GLU D 51 -17.13 -8.10 25.71
C GLU D 51 -15.62 -8.02 25.81
N ASP D 52 -15.10 -8.44 26.97
CA ASP D 52 -13.71 -8.23 27.36
C ASP D 52 -12.68 -8.78 26.36
N GLY D 53 -12.98 -9.96 25.81
CA GLY D 53 -12.09 -10.59 24.83
C GLY D 53 -11.86 -9.79 23.57
N ARG D 54 -12.90 -9.16 23.04
CA ARG D 54 -12.87 -8.52 21.73
C ARG D 54 -12.18 -7.16 21.73
N THR D 55 -11.87 -6.65 20.52
CA THR D 55 -11.31 -5.31 20.34
C THR D 55 -12.35 -4.33 19.80
N LEU D 56 -11.96 -3.06 19.74
CA LEU D 56 -12.78 -2.01 19.14
C LEU D 56 -13.04 -2.28 17.65
N SER D 57 -11.99 -2.72 16.94
CA SER D 57 -12.13 -3.03 15.52
C SER D 57 -13.10 -4.18 15.29
N ASP D 58 -13.15 -5.13 16.23
CA ASP D 58 -14.11 -6.21 16.12
C ASP D 58 -15.55 -5.69 15.98
N TYR D 59 -15.89 -4.66 16.75
CA TYR D 59 -17.23 -4.12 16.69
C TYR D 59 -17.38 -3.06 15.61
N ASN D 60 -16.28 -2.85 14.87
CA ASN D 60 -16.16 -1.78 13.88
C ASN D 60 -16.48 -0.43 14.51
N ILE D 61 -15.81 -0.12 15.62
CA ILE D 61 -16.00 1.12 16.31
C ILE D 61 -15.02 2.14 15.75
N GLN D 62 -15.56 3.18 15.15
CA GLN D 62 -14.72 4.14 14.43
C GLN D 62 -14.54 5.46 15.20
N LYS D 63 -13.64 6.32 14.72
CA LYS D 63 -13.43 7.60 15.36
C LYS D 63 -14.77 8.28 15.65
N GLU D 64 -14.89 8.85 16.84
CA GLU D 64 -15.99 9.73 17.22
C GLU D 64 -17.31 9.00 17.44
N SER D 65 -17.24 7.69 17.58
CA SER D 65 -18.43 6.95 17.94
C SER D 65 -18.65 7.01 19.45
N THR D 66 -19.90 6.93 19.87
CA THR D 66 -20.28 7.03 21.28
C THR D 66 -20.59 5.66 21.84
N LEU D 67 -19.97 5.33 22.98
CA LEU D 67 -20.32 4.13 23.75
C LEU D 67 -21.11 4.56 24.95
N HIS D 68 -22.00 3.70 25.44
CA HIS D 68 -22.77 3.99 26.66
C HIS D 68 -22.42 3.04 27.80
N LEU D 69 -22.32 3.59 29.00
CA LEU D 69 -22.13 2.80 30.22
C LEU D 69 -23.51 2.50 30.84
N VAL D 70 -23.71 1.29 31.34
CA VAL D 70 -25.00 0.93 31.97
C VAL D 70 -24.83 0.08 33.23
N LEU D 71 -25.86 0.03 34.07
CA LEU D 71 -25.84 -0.85 35.22
C LEU D 71 -26.99 -1.84 35.17
N ARG D 72 -26.89 -2.90 35.95
CA ARG D 72 -27.95 -3.89 36.00
C ARG D 72 -28.95 -3.55 37.08
N LEU D 73 -30.21 -3.87 36.82
CA LEU D 73 -31.20 -3.96 37.88
C LEU D 73 -31.55 -5.43 37.89
N ARG D 74 -30.71 -6.24 38.52
CA ARG D 74 -30.96 -7.67 38.61
C ARG D 74 -32.33 -8.01 39.22
N GLY D 75 -33.01 -8.99 38.61
CA GLY D 75 -34.32 -9.42 39.02
C GLY D 75 -34.55 -10.88 38.63
#